data_7WI8
#
_entry.id   7WI8
#
_cell.length_a   1.00
_cell.length_b   1.00
_cell.length_c   1.00
_cell.angle_alpha   90.00
_cell.angle_beta   90.00
_cell.angle_gamma   90.00
#
_symmetry.space_group_name_H-M   'P 1'
#
loop_
_entity.id
_entity.type
_entity.pdbx_description
1 polymer 'Metabotropic glutamate receptor 3'
2 non-polymer 2-acetamido-2-deoxy-beta-D-glucopyranose
3 non-polymer 2-[(1S,2S)-2-carboxycyclopropyl]-3-(9H-xanthen-9-yl)-D-alanine
#
_entity_poly.entity_id   1
_entity_poly.type   'polypeptide(L)'
_entity_poly.pdbx_seq_one_letter_code
;MKTIIALSYIFCLVFADYKDDDDENLYFQGLGDHNFLRREIKIEGDLVLGGLFPINEKGTGTEECGRINEDRGIQRLEAM
LFAIDEINKDDYLLPGVKLGVHILDTCSRDTYALEQSLEFVRASLTKVDEAEYMCPDGSYAIQENIPLLIAGVIGGSYSS
VSIQVANLLRLFQIPQISYASTSAKLSDKSRYDYFARTVPPDFYQAKAMAEILRFFNWTYVSTVASEGDYGETGIEAFEQ
EARLRNICIATAEKVGRSNIRKSYDSVIRELLQKPNARVVVLFMRSDDSRELIAAASRANASFTWVASDGWGAQESIIKG
SEHVAYGAITLELASQPVRQFDRYFQSLNPYNNHRNPWFRDFWEQKFQCSLQNKRNHRRVCDKHLAIDSSNYEQESKIMF
VVNAVYAMAHALHKMQRTLCPNTTKLCDAMKILDGKKLYKDYLLKINFTAPFNPNKDADSIVKFDTFGDGMGRYNVFNFQ
NVGGKYSYLKVGHWAETLSLDVNSIHWSRNSVPTSQCSDPCAPNEMKNMQPGDVCCWICIPCEPYEYLADEFTCMDCGSG
QWPTADLTGCYDLPEDYIRWEDAWAIGPVTIACLGFMCTCMVVTVFIKHNNTPLVKASGRELCYILLFGVGLSYCMTFFF
IAKPSPVICALRRLGLGSSFAICYSALLTKTNCIARIFDGVKNGAQRPKFISPSSQVFICLGLILVQIVMVSVWLILEAP
GTRRYTLAEKRETVILKCNVKDSSMLISLTYDVILVILCTVYAFKTRKCPENFNEAKFIGFTMYTTCIIWLAFLPIFYVT
SSDYRVQTTTMCISVSLSGFVVLGCLFAPKVHIILFQPQKNVVTHRLHLNRFSVSGTGTTYSQSSASTYVPTVCNGREVL
DSTTSSL
;
_entity_poly.pdbx_strand_id   A,B
#
loop_
_chem_comp.id
_chem_comp.type
_chem_comp.name
_chem_comp.formula
NAG D-saccharide, beta linking 2-acetamido-2-deoxy-beta-D-glucopyranose 'C8 H15 N O6'
Z99 non-polymer 2-[(1S,2S)-2-carboxycyclopropyl]-3-(9H-xanthen-9-yl)-D-alanine 'C20 H19 N O5'
#
# COMPACT_ATOMS: atom_id res chain seq x y z
N ARG A 39 -48.98 -12.33 41.03
CA ARG A 39 -50.33 -11.85 41.29
C ARG A 39 -50.77 -10.96 40.16
N GLU A 40 -51.11 -11.58 39.03
CA GLU A 40 -51.48 -10.84 37.85
C GLU A 40 -52.89 -10.27 37.99
N ILE A 41 -53.19 -9.30 37.14
CA ILE A 41 -54.56 -8.87 36.90
C ILE A 41 -54.80 -8.93 35.40
N LYS A 42 -55.93 -9.51 35.01
CA LYS A 42 -56.28 -9.72 33.60
C LYS A 42 -57.65 -9.10 33.38
N ILE A 43 -57.66 -7.83 33.01
CA ILE A 43 -58.90 -7.11 32.75
C ILE A 43 -59.25 -7.28 31.28
N GLU A 44 -60.45 -7.80 31.01
CA GLU A 44 -60.82 -8.21 29.67
C GLU A 44 -61.09 -7.01 28.77
N GLY A 45 -61.32 -7.29 27.50
CA GLY A 45 -61.61 -6.26 26.54
C GLY A 45 -61.83 -6.90 25.18
N ASP A 46 -62.05 -6.04 24.18
CA ASP A 46 -62.17 -6.53 22.81
C ASP A 46 -60.85 -7.11 22.32
N LEU A 47 -59.75 -6.46 22.66
CA LEU A 47 -58.43 -7.05 22.54
C LEU A 47 -57.56 -6.45 23.64
N VAL A 48 -56.67 -7.27 24.18
CA VAL A 48 -56.02 -7.01 25.45
C VAL A 48 -54.52 -6.83 25.20
N LEU A 49 -53.93 -5.83 25.86
CA LEU A 49 -52.49 -5.61 25.85
C LEU A 49 -51.85 -6.21 27.09
N GLY A 50 -50.56 -6.51 26.99
CA GLY A 50 -49.83 -7.15 28.06
C GLY A 50 -48.64 -6.33 28.49
N GLY A 51 -48.33 -6.41 29.78
CA GLY A 51 -47.23 -5.59 30.28
C GLY A 51 -46.42 -6.14 31.44
N LEU A 52 -45.12 -5.87 31.39
CA LEU A 52 -44.18 -6.28 32.42
C LEU A 52 -43.64 -5.06 33.14
N PHE A 53 -43.48 -5.18 34.46
CA PHE A 53 -43.06 -4.07 35.30
C PHE A 53 -42.34 -4.61 36.52
N PRO A 54 -41.36 -3.88 37.06
CA PRO A 54 -40.81 -4.26 38.36
C PRO A 54 -41.79 -3.91 39.46
N ILE A 55 -42.28 -4.92 40.17
CA ILE A 55 -43.03 -4.72 41.40
C ILE A 55 -42.33 -5.58 42.45
N ASN A 56 -41.02 -5.71 42.31
CA ASN A 56 -40.26 -6.42 43.31
C ASN A 56 -38.84 -5.89 43.35
N GLU A 57 -38.17 -6.12 44.48
CA GLU A 57 -36.81 -5.69 44.67
C GLU A 57 -35.82 -6.69 44.07
N ARG A 67 -39.18 -6.40 48.46
CA ARG A 67 -39.72 -5.06 48.70
C ARG A 67 -40.45 -4.54 47.47
N ILE A 68 -41.25 -3.50 47.66
CA ILE A 68 -42.00 -2.88 46.57
C ILE A 68 -41.25 -1.64 46.12
N ASN A 69 -40.84 -1.63 44.86
CA ASN A 69 -40.13 -0.49 44.31
C ASN A 69 -41.12 0.56 43.86
N GLU A 70 -40.95 1.80 44.35
CA GLU A 70 -41.86 2.89 44.02
C GLU A 70 -41.25 3.93 43.08
N ASP A 71 -39.93 4.04 43.05
CA ASP A 71 -39.30 5.03 42.18
C ASP A 71 -39.33 4.58 40.73
N ARG A 72 -38.73 3.43 40.44
CA ARG A 72 -38.73 2.88 39.10
C ARG A 72 -39.78 1.79 38.92
N GLY A 73 -40.64 1.59 39.90
CA GLY A 73 -41.54 0.46 39.85
C GLY A 73 -43.00 0.79 39.72
N ILE A 74 -43.73 0.73 40.84
CA ILE A 74 -45.19 0.75 40.83
C ILE A 74 -45.74 2.10 40.38
N GLN A 75 -44.91 3.15 40.37
CA GLN A 75 -45.30 4.42 39.77
C GLN A 75 -45.55 4.26 38.28
N ARG A 76 -44.77 3.41 37.63
CA ARG A 76 -44.94 3.22 36.20
C ARG A 76 -46.19 2.40 35.90
N LEU A 77 -46.46 1.37 36.71
CA LEU A 77 -47.63 0.54 36.46
C LEU A 77 -48.91 1.27 36.79
N GLU A 78 -48.85 2.26 37.67
CA GLU A 78 -50.01 3.14 37.83
C GLU A 78 -50.23 3.98 36.58
N ALA A 79 -49.15 4.33 35.89
CA ALA A 79 -49.28 5.16 34.70
C ALA A 79 -49.74 4.36 33.51
N MET A 80 -49.31 3.11 33.42
CA MET A 80 -49.73 2.27 32.30
C MET A 80 -51.21 1.95 32.40
N LEU A 81 -51.76 1.89 33.61
CA LEU A 81 -53.19 1.77 33.75
C LEU A 81 -53.89 3.07 33.38
N PHE A 82 -53.25 4.21 33.66
CA PHE A 82 -53.88 5.51 33.50
C PHE A 82 -54.16 5.85 32.04
N ALA A 83 -53.32 5.36 31.13
CA ALA A 83 -53.51 5.65 29.72
C ALA A 83 -54.74 4.96 29.16
N ILE A 84 -54.95 3.70 29.53
CA ILE A 84 -56.07 2.93 29.01
C ILE A 84 -57.40 3.45 29.56
N ASP A 85 -57.38 4.10 30.71
CA ASP A 85 -58.58 4.80 31.19
C ASP A 85 -58.92 6.00 30.33
N GLU A 86 -57.97 6.51 29.55
CA GLU A 86 -58.25 7.58 28.61
C GLU A 86 -58.53 7.06 27.21
N ILE A 87 -57.78 6.06 26.76
CA ILE A 87 -57.88 5.61 25.37
C ILE A 87 -59.19 4.88 25.12
N ASN A 88 -59.59 4.01 26.06
CA ASN A 88 -60.88 3.36 25.95
C ASN A 88 -62.06 4.31 26.18
N LYS A 89 -61.80 5.50 26.73
CA LYS A 89 -62.85 6.49 27.00
C LYS A 89 -62.91 7.59 25.96
N ASP A 90 -61.78 8.22 25.65
CA ASP A 90 -61.76 9.27 24.64
C ASP A 90 -61.96 8.66 23.27
N ASP A 91 -63.08 9.00 22.62
CA ASP A 91 -63.44 8.44 21.33
C ASP A 91 -62.75 9.12 20.16
N TYR A 92 -61.77 9.98 20.42
CA TYR A 92 -60.96 10.52 19.33
C TYR A 92 -60.12 9.43 18.68
N LEU A 93 -59.49 8.59 19.50
CA LEU A 93 -58.88 7.35 19.04
C LEU A 93 -59.94 6.25 19.20
N LEU A 94 -59.53 4.97 19.21
CA LEU A 94 -60.28 3.75 18.89
C LEU A 94 -61.67 3.70 19.50
N PRO A 95 -62.70 3.85 18.66
CA PRO A 95 -64.06 4.03 19.19
C PRO A 95 -64.69 2.79 19.80
N GLY A 96 -64.70 1.69 19.06
CA GLY A 96 -65.53 0.55 19.43
C GLY A 96 -64.81 -0.53 20.20
N VAL A 97 -63.63 -0.93 19.75
CA VAL A 97 -62.92 -2.04 20.34
C VAL A 97 -62.36 -1.62 21.69
N LYS A 98 -63.01 -2.08 22.77
CA LYS A 98 -62.60 -1.70 24.11
C LYS A 98 -61.31 -2.43 24.49
N LEU A 99 -60.31 -1.67 24.92
CA LEU A 99 -59.03 -2.24 25.28
C LEU A 99 -59.09 -2.91 26.64
N GLY A 100 -58.40 -4.04 26.77
CA GLY A 100 -58.21 -4.70 28.03
C GLY A 100 -56.73 -4.77 28.38
N VAL A 101 -56.45 -5.18 29.62
CA VAL A 101 -55.08 -5.23 30.10
C VAL A 101 -54.86 -6.54 30.84
N HIS A 102 -53.65 -7.08 30.72
CA HIS A 102 -53.26 -8.27 31.45
C HIS A 102 -51.76 -8.17 31.73
N ILE A 103 -51.40 -7.89 32.98
CA ILE A 103 -50.02 -7.53 33.31
C ILE A 103 -49.49 -8.43 34.41
N LEU A 104 -48.17 -8.54 34.46
CA LEU A 104 -47.48 -9.48 35.32
C LEU A 104 -46.52 -8.70 36.23
N ASP A 105 -45.70 -9.44 36.96
CA ASP A 105 -44.72 -8.86 37.87
C ASP A 105 -43.36 -9.39 37.51
N THR A 106 -42.52 -8.53 36.91
CA THR A 106 -41.31 -9.06 36.30
C THR A 106 -40.23 -9.42 37.33
N CYS A 107 -40.23 -8.78 38.50
CA CYS A 107 -39.36 -9.05 39.64
C CYS A 107 -37.87 -9.03 39.32
N SER A 108 -37.45 -8.47 38.19
CA SER A 108 -36.08 -8.19 37.77
C SER A 108 -35.14 -9.40 37.66
N ARG A 109 -35.64 -10.60 37.89
CA ARG A 109 -34.87 -11.81 37.72
C ARG A 109 -35.28 -12.44 36.40
N ASP A 110 -34.28 -12.68 35.53
CA ASP A 110 -34.52 -13.07 34.14
C ASP A 110 -35.31 -14.36 34.05
N THR A 111 -34.81 -15.41 34.69
CA THR A 111 -35.52 -16.68 34.64
C THR A 111 -36.68 -16.72 35.64
N TYR A 112 -36.95 -15.62 36.33
CA TYR A 112 -38.28 -15.44 36.90
C TYR A 112 -39.19 -14.63 36.00
N ALA A 113 -38.64 -13.90 35.03
CA ALA A 113 -39.55 -13.26 34.08
C ALA A 113 -40.06 -14.26 33.05
N LEU A 114 -39.22 -15.21 32.64
CA LEU A 114 -39.58 -16.15 31.60
C LEU A 114 -40.53 -17.23 32.06
N GLU A 115 -40.54 -17.55 33.35
CA GLU A 115 -41.58 -18.43 33.88
C GLU A 115 -42.94 -17.75 33.86
N GLN A 116 -42.97 -16.41 33.88
CA GLN A 116 -44.22 -15.69 33.70
C GLN A 116 -44.61 -15.62 32.24
N SER A 117 -43.63 -15.45 31.35
CA SER A 117 -43.89 -14.96 30.01
C SER A 117 -44.59 -15.97 29.11
N LEU A 118 -44.57 -17.26 29.45
CA LEU A 118 -45.31 -18.23 28.65
C LEU A 118 -46.81 -18.10 28.87
N GLU A 119 -47.21 -17.60 30.05
CA GLU A 119 -48.63 -17.42 30.34
C GLU A 119 -49.26 -16.34 29.48
N PHE A 120 -48.43 -15.46 28.90
CA PHE A 120 -48.88 -14.67 27.76
C PHE A 120 -49.23 -15.57 26.59
N VAL A 121 -48.28 -16.41 26.17
CA VAL A 121 -48.38 -17.07 24.88
C VAL A 121 -49.04 -18.44 24.98
N ARG A 122 -49.67 -18.76 26.10
CA ARG A 122 -50.50 -19.96 26.15
C ARG A 122 -51.83 -19.80 25.43
N ALA A 123 -52.10 -18.64 24.84
CA ALA A 123 -53.27 -18.40 24.02
C ALA A 123 -52.96 -18.38 22.53
N SER A 124 -51.89 -19.04 22.09
CA SER A 124 -51.59 -19.16 20.67
C SER A 124 -50.90 -20.50 20.34
N LEU A 148 -58.03 -13.85 25.23
CA LEU A 148 -56.85 -13.24 25.84
C LEU A 148 -55.69 -13.18 24.85
N LEU A 149 -56.02 -13.19 23.56
CA LEU A 149 -55.02 -12.96 22.53
C LEU A 149 -54.49 -11.54 22.62
N ILE A 150 -53.19 -11.38 22.40
CA ILE A 150 -52.48 -10.19 22.80
C ILE A 150 -51.65 -9.69 21.64
N ALA A 151 -51.93 -8.47 21.18
CA ALA A 151 -51.32 -7.95 19.97
C ALA A 151 -49.96 -7.34 20.20
N GLY A 152 -49.31 -7.69 21.28
CA GLY A 152 -48.02 -7.14 21.64
C GLY A 152 -47.92 -7.08 23.15
N VAL A 153 -46.70 -6.98 23.63
CA VAL A 153 -46.46 -6.83 25.05
C VAL A 153 -45.71 -5.55 25.28
N ILE A 154 -46.12 -4.77 26.28
CA ILE A 154 -45.49 -3.48 26.54
C ILE A 154 -44.43 -3.67 27.60
N GLY A 155 -43.23 -3.21 27.29
CA GLY A 155 -42.21 -3.02 28.28
C GLY A 155 -41.41 -4.21 28.76
N GLY A 156 -40.10 -4.05 28.71
CA GLY A 156 -39.22 -4.75 29.60
C GLY A 156 -38.34 -3.67 30.19
N SER A 157 -38.37 -3.49 31.51
CA SER A 157 -37.80 -2.28 32.11
C SER A 157 -36.27 -2.26 32.00
N TYR A 158 -35.60 -3.23 32.62
CA TYR A 158 -34.15 -3.30 32.59
C TYR A 158 -33.65 -3.69 31.20
N SER A 159 -32.34 -3.78 31.05
CA SER A 159 -31.84 -4.35 29.82
C SER A 159 -31.87 -5.87 29.88
N SER A 160 -31.50 -6.45 31.01
CA SER A 160 -31.37 -7.89 31.08
C SER A 160 -32.71 -8.61 31.19
N VAL A 161 -33.80 -7.92 31.42
CA VAL A 161 -35.10 -8.57 31.32
C VAL A 161 -35.67 -8.41 29.92
N SER A 162 -35.24 -7.41 29.16
CA SER A 162 -35.80 -7.26 27.83
C SER A 162 -35.12 -8.18 26.85
N ILE A 163 -33.84 -8.49 27.04
CA ILE A 163 -33.16 -9.43 26.18
C ILE A 163 -33.60 -10.88 26.40
N GLN A 164 -34.42 -11.14 27.40
CA GLN A 164 -34.96 -12.49 27.55
C GLN A 164 -36.39 -12.62 27.10
N VAL A 165 -37.18 -11.57 27.05
CA VAL A 165 -38.43 -11.63 26.33
C VAL A 165 -38.29 -10.99 24.95
N ALA A 166 -37.08 -10.95 24.41
CA ALA A 166 -36.90 -10.76 22.99
C ALA A 166 -36.23 -11.93 22.33
N ASN A 167 -36.05 -13.03 23.07
CA ASN A 167 -35.69 -14.32 22.49
C ASN A 167 -36.77 -15.35 22.73
N LEU A 168 -37.94 -14.93 23.12
CA LEU A 168 -39.13 -15.76 23.12
C LEU A 168 -40.27 -15.12 22.37
N LEU A 169 -40.25 -13.79 22.20
CA LEU A 169 -41.26 -13.09 21.41
C LEU A 169 -40.80 -12.75 20.01
N ARG A 170 -39.70 -13.33 19.52
CA ARG A 170 -39.60 -13.40 18.07
C ARG A 170 -40.21 -14.71 17.61
N LEU A 171 -40.25 -15.71 18.49
CA LEU A 171 -40.70 -17.05 18.16
C LEU A 171 -42.19 -17.19 18.11
N PHE A 172 -42.94 -16.09 18.13
CA PHE A 172 -44.37 -16.17 17.93
C PHE A 172 -44.87 -15.02 17.06
N GLN A 173 -43.95 -14.29 16.44
CA GLN A 173 -44.25 -13.23 15.48
C GLN A 173 -45.15 -12.15 16.08
N ILE A 174 -44.79 -11.69 17.27
CA ILE A 174 -45.58 -10.71 18.01
C ILE A 174 -44.64 -9.58 18.42
N PRO A 175 -44.97 -8.33 18.16
CA PRO A 175 -44.00 -7.25 18.37
C PRO A 175 -44.00 -6.77 19.81
N GLN A 176 -42.94 -6.04 20.13
CA GLN A 176 -42.71 -5.56 21.49
C GLN A 176 -42.28 -4.11 21.48
N ILE A 177 -42.75 -3.36 22.47
CA ILE A 177 -42.34 -1.98 22.70
C ILE A 177 -41.94 -1.84 24.15
N SER A 178 -40.69 -1.46 24.39
CA SER A 178 -40.17 -1.35 25.74
C SER A 178 -40.02 0.12 26.08
N TYR A 179 -40.52 0.52 27.24
CA TYR A 179 -40.64 1.94 27.51
C TYR A 179 -39.32 2.58 27.86
N ALA A 180 -38.40 1.87 28.49
CA ALA A 180 -37.21 2.54 28.97
C ALA A 180 -35.90 1.80 28.75
N SER A 181 -35.90 0.57 28.26
CA SER A 181 -34.69 -0.23 28.27
C SER A 181 -33.73 0.20 27.18
N THR A 182 -32.54 0.62 27.59
CA THR A 182 -31.65 1.34 26.68
C THR A 182 -30.34 0.63 26.40
N SER A 183 -30.35 -0.66 26.10
CA SER A 183 -29.10 -1.33 25.82
C SER A 183 -28.65 -1.01 24.40
N ALA A 184 -27.55 -1.62 23.98
CA ALA A 184 -27.06 -1.43 22.63
C ALA A 184 -26.85 -2.72 21.89
N LYS A 185 -27.14 -3.87 22.49
CA LYS A 185 -27.30 -5.09 21.72
C LYS A 185 -28.73 -5.28 21.27
N LEU A 186 -29.63 -4.39 21.67
CA LEU A 186 -31.05 -4.49 21.37
C LEU A 186 -31.43 -3.65 20.18
N SER A 187 -30.47 -3.37 19.31
CA SER A 187 -30.72 -2.81 18.02
C SER A 187 -30.22 -3.71 16.91
N ASP A 188 -29.57 -4.82 17.25
CA ASP A 188 -29.08 -5.76 16.24
C ASP A 188 -30.28 -6.51 15.69
N LYS A 189 -30.94 -5.87 14.72
CA LYS A 189 -32.21 -6.35 14.20
C LYS A 189 -32.09 -7.59 13.35
N SER A 190 -30.87 -8.07 13.09
CA SER A 190 -30.71 -9.37 12.46
C SER A 190 -31.20 -10.49 13.38
N ARG A 191 -31.00 -10.33 14.68
CA ARG A 191 -31.62 -11.26 15.61
C ARG A 191 -33.07 -10.88 15.87
N TYR A 192 -33.29 -9.68 16.41
CA TYR A 192 -34.61 -9.27 16.88
C TYR A 192 -35.34 -8.57 15.74
N ASP A 193 -36.27 -9.27 15.13
CA ASP A 193 -37.15 -8.65 14.15
C ASP A 193 -38.43 -8.15 14.78
N TYR A 194 -38.53 -8.12 16.10
CA TYR A 194 -39.80 -7.78 16.72
C TYR A 194 -39.61 -6.90 17.94
N PHE A 195 -38.71 -5.93 17.87
CA PHE A 195 -38.35 -5.14 19.05
C PHE A 195 -38.13 -3.68 18.68
N ALA A 196 -39.03 -2.83 19.15
CA ALA A 196 -38.97 -1.40 18.88
C ALA A 196 -39.14 -0.64 20.19
N ARG A 197 -38.03 -0.13 20.74
CA ARG A 197 -38.05 0.67 21.95
C ARG A 197 -38.23 2.13 21.59
N THR A 198 -38.59 2.93 22.58
CA THR A 198 -38.79 4.35 22.36
C THR A 198 -37.60 5.19 22.79
N VAL A 199 -36.98 4.89 23.93
CA VAL A 199 -35.81 5.62 24.43
C VAL A 199 -34.62 5.40 23.51
N PRO A 200 -33.71 6.35 23.38
CA PRO A 200 -32.67 6.22 22.39
C PRO A 200 -31.61 5.24 22.87
N PRO A 201 -30.93 4.56 21.96
CA PRO A 201 -29.86 3.67 22.38
C PRO A 201 -28.66 4.47 22.83
N ASP A 202 -27.91 3.89 23.75
CA ASP A 202 -26.75 4.58 24.29
C ASP A 202 -25.52 4.42 23.44
N PHE A 203 -25.68 4.04 22.17
CA PHE A 203 -24.65 4.25 21.17
C PHE A 203 -24.82 5.61 20.50
N TYR A 204 -25.69 6.46 21.03
CA TYR A 204 -25.80 7.83 20.54
C TYR A 204 -25.03 8.81 21.38
N GLN A 205 -24.83 8.52 22.66
CA GLN A 205 -24.00 9.41 23.44
C GLN A 205 -22.53 9.24 23.11
N ALA A 206 -22.14 8.19 22.39
CA ALA A 206 -20.85 8.15 21.75
C ALA A 206 -20.82 8.92 20.44
N LYS A 207 -21.97 9.40 19.96
CA LYS A 207 -22.02 10.33 18.85
C LYS A 207 -22.67 11.63 19.26
N ALA A 208 -22.81 11.86 20.56
CA ALA A 208 -23.23 13.16 21.07
C ALA A 208 -22.02 13.98 21.50
N MET A 209 -21.28 13.48 22.48
CA MET A 209 -20.10 14.17 22.98
C MET A 209 -18.98 14.16 21.96
N ALA A 210 -18.93 13.16 21.09
CA ALA A 210 -17.94 13.14 20.02
C ALA A 210 -18.23 14.15 18.93
N GLU A 211 -19.36 14.87 18.98
CA GLU A 211 -19.60 16.01 18.10
C GLU A 211 -19.91 17.28 18.89
N ILE A 212 -19.41 17.41 20.11
CA ILE A 212 -19.24 18.72 20.74
C ILE A 212 -17.79 19.01 21.07
N LEU A 213 -16.92 18.01 21.08
CA LEU A 213 -15.51 18.29 21.30
C LEU A 213 -14.90 18.92 20.06
N ARG A 214 -15.28 18.43 18.87
CA ARG A 214 -14.89 19.11 17.64
C ARG A 214 -15.56 20.47 17.53
N PHE A 215 -16.68 20.69 18.22
CA PHE A 215 -17.23 22.03 18.32
C PHE A 215 -16.37 22.91 19.20
N PHE A 216 -15.70 22.33 20.19
CA PHE A 216 -14.89 23.13 21.08
C PHE A 216 -13.40 22.97 20.85
N ASN A 217 -13.00 22.10 19.92
CA ASN A 217 -11.62 21.87 19.50
C ASN A 217 -10.74 21.39 20.65
N TRP A 218 -11.30 20.56 21.52
CA TRP A 218 -10.50 19.95 22.59
C TRP A 218 -9.96 18.60 22.13
N THR A 219 -9.35 18.54 20.95
CA THR A 219 -9.25 17.28 20.24
C THR A 219 -8.10 16.38 20.70
N TYR A 220 -7.95 16.23 22.00
CA TYR A 220 -6.95 15.32 22.58
C TYR A 220 -7.41 15.05 24.00
N VAL A 221 -7.82 13.80 24.29
CA VAL A 221 -8.67 13.49 25.42
C VAL A 221 -8.04 12.38 26.24
N SER A 222 -8.72 12.03 27.33
CA SER A 222 -8.27 10.98 28.24
C SER A 222 -9.49 10.35 28.87
N THR A 223 -9.79 9.10 28.50
CA THR A 223 -11.05 8.43 28.80
C THR A 223 -10.93 7.58 30.06
N VAL A 224 -12.09 7.14 30.55
CA VAL A 224 -12.20 6.23 31.68
C VAL A 224 -13.56 5.55 31.61
N ALA A 225 -13.60 4.23 31.76
CA ALA A 225 -14.83 3.48 31.62
C ALA A 225 -15.28 2.96 32.97
N SER A 226 -16.31 2.13 32.94
CA SER A 226 -16.62 1.21 34.03
C SER A 226 -16.50 -0.21 33.49
N GLU A 227 -16.65 -1.19 34.37
CA GLU A 227 -16.50 -2.58 33.99
C GLU A 227 -17.85 -3.26 33.99
N GLY A 228 -18.10 -4.06 32.97
CA GLY A 228 -19.35 -4.79 32.86
C GLY A 228 -20.02 -4.62 31.52
N ASP A 229 -21.21 -4.06 31.52
CA ASP A 229 -21.97 -3.87 30.28
C ASP A 229 -22.08 -2.42 29.85
N TYR A 230 -22.06 -1.47 30.79
CA TYR A 230 -22.25 -0.08 30.41
C TYR A 230 -21.00 0.51 29.80
N GLY A 231 -19.87 0.36 30.49
CA GLY A 231 -18.67 1.05 30.06
C GLY A 231 -18.09 0.48 28.78
N GLU A 232 -17.95 -0.85 28.72
CA GLU A 232 -17.26 -1.48 27.61
C GLU A 232 -18.04 -1.40 26.31
N THR A 233 -19.35 -1.09 26.37
CA THR A 233 -20.14 -0.94 25.17
C THR A 233 -20.03 0.48 24.60
N GLY A 234 -20.20 1.48 25.46
CA GLY A 234 -20.15 2.85 25.00
C GLY A 234 -18.76 3.29 24.59
N ILE A 235 -17.74 2.87 25.35
CA ILE A 235 -16.37 3.31 25.08
C ILE A 235 -15.84 2.68 23.80
N GLU A 236 -16.10 1.38 23.59
CA GLU A 236 -15.76 0.76 22.33
C GLU A 236 -16.57 1.33 21.17
N ALA A 237 -17.72 1.94 21.45
CA ALA A 237 -18.41 2.76 20.48
C ALA A 237 -17.98 4.21 20.51
N PHE A 238 -17.23 4.64 21.53
CA PHE A 238 -16.81 6.03 21.57
C PHE A 238 -15.59 6.26 20.69
N GLU A 239 -14.65 5.31 20.69
CA GLU A 239 -13.44 5.50 19.89
C GLU A 239 -13.75 5.42 18.40
N GLN A 240 -14.56 4.45 17.98
CA GLN A 240 -14.87 4.28 16.57
C GLN A 240 -15.82 5.36 16.05
N GLU A 241 -16.48 6.09 16.94
CA GLU A 241 -17.23 7.27 16.54
C GLU A 241 -16.45 8.56 16.83
N ALA A 242 -15.17 8.46 17.16
CA ALA A 242 -14.34 9.63 17.34
C ALA A 242 -13.29 9.81 16.26
N ARG A 243 -12.80 8.71 15.68
CA ARG A 243 -11.76 8.81 14.65
C ARG A 243 -12.26 9.45 13.38
N LEU A 244 -13.57 9.50 13.16
CA LEU A 244 -14.10 10.27 12.05
C LEU A 244 -13.97 11.77 12.31
N ARG A 245 -14.23 12.20 13.55
CA ARG A 245 -14.28 13.62 13.86
C ARG A 245 -12.93 14.18 14.28
N ASN A 246 -11.84 13.44 14.03
CA ASN A 246 -10.46 13.83 14.35
C ASN A 246 -10.30 14.15 15.85
N ILE A 247 -10.58 13.13 16.66
CA ILE A 247 -10.48 13.22 18.10
C ILE A 247 -9.57 12.10 18.56
N CYS A 248 -8.62 12.42 19.43
CA CYS A 248 -7.37 11.67 19.48
C CYS A 248 -7.08 11.30 20.93
N ILE A 249 -7.36 10.05 21.30
CA ILE A 249 -7.30 9.62 22.70
C ILE A 249 -5.86 9.50 23.17
N ALA A 250 -5.67 9.53 24.48
CA ALA A 250 -4.36 9.32 25.08
C ALA A 250 -4.33 8.06 25.95
N THR A 251 -5.16 7.97 26.98
CA THR A 251 -5.15 6.84 27.89
C THR A 251 -6.52 6.18 27.91
N ALA A 252 -6.58 5.01 28.57
CA ALA A 252 -7.83 4.25 28.63
C ALA A 252 -7.77 3.36 29.86
N GLU A 253 -8.47 3.77 30.91
CA GLU A 253 -8.52 2.98 32.14
C GLU A 253 -9.72 2.05 32.13
N LYS A 254 -9.84 1.26 33.21
CA LYS A 254 -11.01 0.41 33.41
C LYS A 254 -11.12 0.14 34.91
N VAL A 255 -12.00 0.87 35.59
CA VAL A 255 -12.22 0.64 37.00
C VAL A 255 -13.03 -0.64 37.19
N GLY A 256 -12.63 -1.46 38.15
CA GLY A 256 -13.33 -2.68 38.45
C GLY A 256 -14.33 -2.54 39.58
N SER A 263 -6.19 1.70 41.43
CA SER A 263 -7.51 1.13 41.26
C SER A 263 -8.53 1.90 42.07
N TYR A 264 -8.31 1.97 43.39
CA TYR A 264 -9.24 2.69 44.25
C TYR A 264 -9.15 4.19 44.02
N ASP A 265 -8.01 4.79 44.34
CA ASP A 265 -7.73 6.18 44.03
C ASP A 265 -6.48 6.35 43.19
N SER A 266 -5.68 5.30 43.02
CA SER A 266 -4.49 5.33 42.19
C SER A 266 -4.79 5.40 40.71
N VAL A 267 -6.06 5.30 40.33
CA VAL A 267 -6.47 5.51 38.94
C VAL A 267 -6.18 6.94 38.50
N ILE A 268 -6.21 7.90 39.42
CA ILE A 268 -5.79 9.24 39.04
C ILE A 268 -4.27 9.29 38.95
N ARG A 269 -3.57 8.45 39.71
CA ARG A 269 -2.12 8.47 39.67
C ARG A 269 -1.58 7.92 38.35
N GLU A 270 -2.34 7.05 37.70
CA GLU A 270 -2.00 6.67 36.34
C GLU A 270 -2.52 7.67 35.31
N LEU A 271 -3.23 8.71 35.75
CA LEU A 271 -3.85 9.66 34.86
C LEU A 271 -3.08 10.98 34.78
N LEU A 272 -2.36 11.36 35.83
CA LEU A 272 -1.58 12.58 35.78
C LEU A 272 -0.37 12.49 34.85
N GLN A 273 0.08 11.28 34.52
CA GLN A 273 1.25 11.13 33.66
C GLN A 273 0.88 11.14 32.18
N LYS A 274 0.10 12.14 31.80
CA LYS A 274 -0.18 12.59 30.45
C LYS A 274 -0.76 13.99 30.59
N PRO A 275 0.01 14.94 31.11
CA PRO A 275 -0.58 16.16 31.69
C PRO A 275 -0.90 17.26 30.68
N ASN A 276 -0.88 16.96 29.39
CA ASN A 276 -1.50 17.85 28.42
C ASN A 276 -2.87 17.33 27.98
N ALA A 277 -3.31 16.20 28.52
CA ALA A 277 -4.66 15.70 28.36
C ALA A 277 -5.45 16.14 29.59
N ARG A 278 -6.19 17.24 29.48
CA ARG A 278 -6.94 17.75 30.62
C ARG A 278 -8.43 17.85 30.31
N VAL A 279 -8.94 16.92 29.51
CA VAL A 279 -10.37 16.74 29.32
C VAL A 279 -10.70 15.27 29.57
N VAL A 280 -11.44 15.01 30.64
CA VAL A 280 -11.70 13.67 31.12
C VAL A 280 -13.06 13.24 30.61
N VAL A 281 -13.09 12.38 29.59
CA VAL A 281 -14.33 11.79 29.12
C VAL A 281 -14.70 10.67 30.10
N LEU A 282 -15.80 10.86 30.80
CA LEU A 282 -16.18 10.01 31.91
C LEU A 282 -17.46 9.28 31.52
N PHE A 283 -17.33 8.01 31.16
CA PHE A 283 -18.45 7.19 30.71
C PHE A 283 -18.64 6.11 31.76
N MET A 284 -19.39 6.43 32.81
CA MET A 284 -19.28 5.67 34.04
C MET A 284 -20.62 5.22 34.56
N ARG A 285 -20.56 4.23 35.44
CA ARG A 285 -21.67 3.72 36.23
C ARG A 285 -22.09 4.78 37.26
N SER A 286 -23.11 4.49 38.05
CA SER A 286 -23.58 5.45 39.03
C SER A 286 -22.68 5.52 40.25
N ASP A 287 -22.62 4.43 41.03
CA ASP A 287 -21.89 4.46 42.28
C ASP A 287 -20.39 4.30 42.10
N ASP A 288 -19.95 3.63 41.05
CA ASP A 288 -18.52 3.54 40.75
C ASP A 288 -18.00 4.80 40.08
N SER A 289 -18.82 5.85 39.97
CA SER A 289 -18.35 7.20 39.71
C SER A 289 -18.52 8.09 40.93
N ARG A 290 -18.83 7.52 42.08
CA ARG A 290 -18.74 8.26 43.33
C ARG A 290 -17.38 8.07 43.98
N GLU A 291 -16.87 6.83 43.95
CA GLU A 291 -15.59 6.53 44.59
C GLU A 291 -14.42 7.17 43.87
N LEU A 292 -14.59 7.60 42.62
CA LEU A 292 -13.54 8.36 41.96
C LEU A 292 -13.54 9.80 42.44
N ILE A 293 -14.70 10.46 42.33
CA ILE A 293 -14.79 11.89 42.63
C ILE A 293 -14.56 12.16 44.11
N ALA A 294 -15.09 11.31 44.98
CA ALA A 294 -14.83 11.48 46.41
C ALA A 294 -13.38 11.17 46.75
N ALA A 295 -12.70 10.35 45.96
CA ALA A 295 -11.27 10.19 46.11
C ALA A 295 -10.47 11.06 45.16
N ALA A 296 -11.12 11.90 44.36
CA ALA A 296 -10.39 12.93 43.65
C ALA A 296 -10.28 14.21 44.47
N SER A 297 -10.91 14.25 45.64
CA SER A 297 -10.67 15.32 46.59
C SER A 297 -9.40 15.10 47.40
N ARG A 298 -8.83 13.89 47.34
CA ARG A 298 -7.55 13.65 48.00
C ARG A 298 -6.42 14.38 47.28
N ALA A 299 -6.27 14.13 45.97
CA ALA A 299 -5.19 14.73 45.22
C ALA A 299 -5.42 16.20 44.92
N ASN A 300 -6.67 16.66 44.97
CA ASN A 300 -7.07 18.07 44.81
C ASN A 300 -6.61 18.66 43.48
N ALA A 301 -6.56 17.84 42.44
CA ALA A 301 -6.14 18.27 41.11
C ALA A 301 -7.35 18.17 40.18
N SER A 302 -8.04 19.29 39.98
CA SER A 302 -9.31 19.30 39.26
C SER A 302 -9.08 19.14 37.76
N PHE A 303 -10.16 19.24 37.00
CA PHE A 303 -10.14 18.93 35.59
C PHE A 303 -11.31 19.64 34.93
N THR A 304 -11.61 19.23 33.70
CA THR A 304 -12.86 19.54 33.01
C THR A 304 -13.62 18.23 32.87
N TRP A 305 -14.63 18.06 33.71
CA TRP A 305 -15.38 16.82 33.75
C TRP A 305 -16.48 16.86 32.70
N VAL A 306 -16.26 16.26 31.55
CA VAL A 306 -17.36 15.93 30.66
C VAL A 306 -17.79 14.51 30.99
N ALA A 307 -19.08 14.31 31.21
CA ALA A 307 -19.53 13.03 31.70
C ALA A 307 -20.78 12.61 30.96
N SER A 308 -20.84 11.32 30.65
CA SER A 308 -22.05 10.74 30.09
C SER A 308 -23.04 10.48 31.21
N ASP A 309 -24.08 9.69 30.89
CA ASP A 309 -25.33 9.64 31.64
C ASP A 309 -25.20 9.20 33.09
N GLY A 310 -24.03 8.68 33.49
CA GLY A 310 -23.82 8.24 34.85
C GLY A 310 -23.96 9.32 35.88
N TRP A 311 -23.67 10.57 35.52
CA TRP A 311 -23.98 11.66 36.41
C TRP A 311 -25.48 11.90 36.43
N GLY A 312 -26.01 12.31 35.28
CA GLY A 312 -27.34 12.85 35.24
C GLY A 312 -27.42 14.12 36.05
N ALA A 313 -28.61 14.37 36.59
CA ALA A 313 -28.82 15.44 37.54
C ALA A 313 -28.87 14.93 38.97
N GLN A 314 -28.11 13.88 39.26
CA GLN A 314 -28.03 13.39 40.63
C GLN A 314 -27.22 14.35 41.47
N GLU A 315 -27.83 14.88 42.52
CA GLU A 315 -27.15 15.81 43.40
C GLU A 315 -26.32 15.11 44.46
N SER A 316 -26.35 13.78 44.52
CA SER A 316 -25.54 13.04 45.47
C SER A 316 -24.18 12.63 44.90
N ILE A 317 -24.04 12.59 43.58
CA ILE A 317 -22.75 12.28 42.96
C ILE A 317 -21.75 13.40 43.14
N ILE A 318 -22.20 14.59 43.51
CA ILE A 318 -21.35 15.74 43.75
C ILE A 318 -21.50 16.11 45.22
N LYS A 319 -21.59 15.08 46.07
CA LYS A 319 -21.95 15.17 47.49
C LYS A 319 -21.29 16.30 48.28
N GLY A 320 -19.97 16.41 48.21
CA GLY A 320 -19.30 17.47 48.92
C GLY A 320 -18.08 18.01 48.21
N SER A 321 -17.93 17.66 46.94
CA SER A 321 -16.73 17.99 46.18
C SER A 321 -16.97 19.16 45.24
N GLU A 322 -17.74 20.15 45.69
CA GLU A 322 -18.04 21.32 44.86
C GLU A 322 -16.80 22.12 44.53
N HIS A 323 -15.82 22.12 45.44
CA HIS A 323 -14.51 22.70 45.14
C HIS A 323 -13.65 21.79 44.29
N VAL A 324 -14.05 20.53 44.10
CA VAL A 324 -13.30 19.58 43.31
C VAL A 324 -14.00 19.31 41.98
N ALA A 325 -15.30 19.07 42.01
CA ALA A 325 -16.06 18.75 40.82
C ALA A 325 -16.65 19.98 40.15
N TYR A 326 -16.07 21.15 40.40
CA TYR A 326 -16.53 22.38 39.78
C TYR A 326 -16.28 22.33 38.27
N GLY A 327 -17.15 23.01 37.54
CA GLY A 327 -16.96 23.16 36.12
C GLY A 327 -17.13 21.89 35.31
N ALA A 328 -18.35 21.40 35.21
CA ALA A 328 -18.59 20.13 34.55
C ALA A 328 -19.80 20.23 33.64
N ILE A 329 -19.90 19.30 32.70
CA ILE A 329 -21.05 19.15 31.82
C ILE A 329 -21.48 17.68 31.84
N THR A 330 -22.77 17.46 31.64
CA THR A 330 -23.35 16.13 31.77
C THR A 330 -24.62 16.07 30.94
N LEU A 331 -25.08 14.84 30.68
CA LEU A 331 -26.25 14.62 29.84
C LEU A 331 -27.35 13.88 30.60
N GLU A 332 -28.57 14.07 30.16
CA GLU A 332 -29.73 13.36 30.68
C GLU A 332 -30.83 13.44 29.63
N LEU A 333 -31.84 12.58 29.76
CA LEU A 333 -32.90 12.54 28.77
C LEU A 333 -34.05 13.46 29.16
N ALA A 334 -34.59 14.15 28.18
CA ALA A 334 -35.62 15.15 28.41
C ALA A 334 -36.98 14.49 28.51
N SER A 335 -37.79 14.97 29.44
CA SER A 335 -39.16 14.50 29.55
C SER A 335 -39.99 15.58 30.23
N GLN A 336 -40.84 16.24 29.46
CA GLN A 336 -41.78 17.19 30.02
C GLN A 336 -42.90 16.39 30.68
N PRO A 337 -42.97 16.37 32.00
CA PRO A 337 -43.83 15.39 32.67
C PRO A 337 -45.30 15.76 32.61
N VAL A 338 -46.13 14.73 32.64
CA VAL A 338 -47.56 14.90 32.44
C VAL A 338 -48.17 15.51 33.70
N ARG A 339 -48.84 16.66 33.53
CA ARG A 339 -49.36 17.40 34.67
C ARG A 339 -50.56 16.70 35.29
N GLN A 340 -51.54 16.33 34.47
CA GLN A 340 -52.77 15.73 34.98
C GLN A 340 -52.58 14.31 35.49
N PHE A 341 -51.41 13.71 35.28
CA PHE A 341 -51.10 12.46 35.95
C PHE A 341 -51.01 12.66 37.45
N ASP A 342 -50.49 13.81 37.88
CA ASP A 342 -50.53 14.15 39.29
C ASP A 342 -51.95 14.38 39.76
N ARG A 343 -52.82 14.86 38.86
CA ARG A 343 -54.24 14.90 39.17
C ARG A 343 -54.86 13.52 39.17
N TYR A 344 -54.23 12.56 38.50
CA TYR A 344 -54.70 11.18 38.57
C TYR A 344 -54.13 10.47 39.79
N PHE A 345 -52.80 10.47 39.91
CA PHE A 345 -52.14 9.54 40.82
C PHE A 345 -52.24 9.99 42.26
N GLN A 346 -52.15 11.30 42.52
CA GLN A 346 -52.35 11.78 43.89
C GLN A 346 -53.81 11.66 44.32
N SER A 347 -54.72 11.49 43.37
CA SER A 347 -56.11 11.13 43.68
C SER A 347 -56.26 9.61 43.56
N LEU A 348 -55.63 8.92 44.49
CA LEU A 348 -55.72 7.46 44.55
C LEU A 348 -55.49 7.02 45.99
N ASN A 349 -56.50 6.39 46.58
CA ASN A 349 -56.46 5.95 47.96
C ASN A 349 -56.75 4.46 48.04
N PRO A 350 -56.21 3.74 49.04
CA PRO A 350 -56.48 2.31 49.13
C PRO A 350 -57.82 1.97 49.77
N TYR A 351 -58.85 2.71 49.39
CA TYR A 351 -60.23 2.34 49.62
C TYR A 351 -61.06 2.53 48.37
N ASN A 352 -60.48 3.09 47.31
CA ASN A 352 -61.16 3.31 46.04
C ASN A 352 -60.31 2.79 44.89
N ASN A 353 -59.45 1.81 45.16
CA ASN A 353 -58.64 1.18 44.13
C ASN A 353 -58.80 -0.33 44.27
N HIS A 354 -59.87 -0.86 43.67
CA HIS A 354 -60.08 -2.29 43.60
C HIS A 354 -59.54 -2.89 42.31
N ARG A 355 -59.09 -2.06 41.37
CA ARG A 355 -58.59 -2.52 40.08
C ARG A 355 -57.08 -2.71 40.07
N ASN A 356 -56.50 -3.08 41.20
CA ASN A 356 -55.06 -3.32 41.28
C ASN A 356 -54.81 -4.29 42.42
N PRO A 357 -53.83 -5.19 42.29
CA PRO A 357 -53.49 -6.10 43.39
C PRO A 357 -52.34 -5.60 44.25
N TRP A 358 -51.88 -4.37 44.07
CA TRP A 358 -50.68 -3.89 44.72
C TRP A 358 -50.80 -2.52 45.34
N PHE A 359 -51.94 -1.83 45.17
CA PHE A 359 -52.12 -0.57 45.88
C PHE A 359 -52.25 -0.79 47.38
N ARG A 360 -52.88 -1.89 47.78
CA ARG A 360 -52.98 -2.22 49.21
C ARG A 360 -51.64 -2.68 49.77
N ASP A 361 -50.82 -3.33 48.95
CA ASP A 361 -49.52 -3.81 49.43
C ASP A 361 -48.51 -2.67 49.50
N PHE A 362 -48.58 -1.72 48.57
CA PHE A 362 -47.66 -0.60 48.57
C PHE A 362 -47.92 0.35 49.74
N TRP A 363 -49.17 0.41 50.19
CA TRP A 363 -49.58 1.35 51.23
C TRP A 363 -48.93 1.05 52.56
N GLU A 364 -48.57 -0.20 52.81
CA GLU A 364 -47.80 -0.52 54.02
C GLU A 364 -46.39 0.03 53.92
N GLN A 365 -45.64 -0.39 52.90
CA GLN A 365 -44.24 0.00 52.76
C GLN A 365 -44.05 1.44 52.33
N LYS A 366 -45.13 2.15 51.99
CA LYS A 366 -45.00 3.58 51.73
C LYS A 366 -44.72 4.36 53.01
N PHE A 367 -45.33 3.96 54.12
CA PHE A 367 -45.25 4.73 55.36
C PHE A 367 -44.82 3.88 56.54
N GLN A 368 -44.47 2.60 56.30
CA GLN A 368 -44.11 1.61 57.34
C GLN A 368 -45.21 1.46 58.38
N CYS A 369 -46.46 1.62 57.97
CA CYS A 369 -47.60 1.53 58.88
C CYS A 369 -48.18 0.12 58.86
N SER A 370 -48.74 -0.28 60.00
CA SER A 370 -49.39 -1.59 60.12
C SER A 370 -50.82 -1.59 59.64
N LEU A 371 -51.28 -0.49 59.03
CA LEU A 371 -52.65 -0.40 58.53
C LEU A 371 -52.84 -1.25 57.28
N LEU A 385 -53.52 7.84 56.50
CA LEU A 385 -53.06 9.01 55.76
C LEU A 385 -53.43 8.91 54.29
N ALA A 386 -52.87 9.80 53.47
CA ALA A 386 -53.16 9.82 52.05
C ALA A 386 -51.96 10.40 51.31
N ILE A 387 -51.97 10.24 49.99
CA ILE A 387 -50.89 10.74 49.14
C ILE A 387 -51.04 12.25 49.02
N ASP A 388 -50.04 12.98 49.50
CA ASP A 388 -49.97 14.42 49.29
C ASP A 388 -49.03 14.72 48.14
N SER A 389 -48.84 16.00 47.86
CA SER A 389 -47.84 16.41 46.89
C SER A 389 -46.46 16.55 47.51
N SER A 390 -46.35 16.44 48.83
CA SER A 390 -45.08 16.55 49.51
C SER A 390 -44.31 15.23 49.55
N ASN A 391 -44.90 14.15 49.04
CA ASN A 391 -44.23 12.86 49.02
C ASN A 391 -44.46 12.13 47.70
N TYR A 392 -44.83 12.84 46.65
CA TYR A 392 -45.13 12.25 45.35
C TYR A 392 -44.31 12.93 44.26
N GLU A 393 -43.00 13.03 44.50
CA GLU A 393 -42.08 13.58 43.51
C GLU A 393 -42.06 12.71 42.28
N GLN A 394 -42.73 13.18 41.24
CA GLN A 394 -43.13 12.36 40.11
C GLN A 394 -41.94 11.93 39.25
N GLU A 395 -41.96 10.67 38.84
CA GLU A 395 -40.87 10.00 38.14
C GLU A 395 -40.63 10.61 36.74
N SER A 396 -39.38 10.56 36.29
CA SER A 396 -38.97 11.20 35.05
C SER A 396 -39.19 10.39 33.79
N LYS A 397 -39.76 9.18 33.88
CA LYS A 397 -40.08 8.41 32.67
C LYS A 397 -41.56 8.04 32.61
N ILE A 398 -42.40 8.73 33.36
CA ILE A 398 -43.84 8.52 33.26
C ILE A 398 -44.33 8.94 31.89
N MET A 399 -43.68 9.92 31.28
CA MET A 399 -44.05 10.25 29.92
C MET A 399 -43.65 9.15 28.94
N PHE A 400 -42.58 8.41 29.22
CA PHE A 400 -42.15 7.39 28.28
C PHE A 400 -42.98 6.13 28.29
N VAL A 401 -43.81 5.89 29.31
CA VAL A 401 -44.75 4.78 29.17
C VAL A 401 -46.01 5.23 28.42
N VAL A 402 -46.52 6.42 28.70
CA VAL A 402 -47.72 6.89 28.03
C VAL A 402 -47.40 7.40 26.63
N ASN A 403 -46.14 7.65 26.32
CA ASN A 403 -45.79 7.85 24.92
C ASN A 403 -45.77 6.54 24.18
N ALA A 404 -45.22 5.49 24.79
CA ALA A 404 -44.97 4.25 24.09
C ALA A 404 -46.08 3.22 24.25
N VAL A 405 -47.15 3.54 24.97
CA VAL A 405 -48.36 2.73 24.88
C VAL A 405 -49.30 3.30 23.82
N TYR A 406 -49.10 4.55 23.42
CA TYR A 406 -49.89 5.07 22.32
C TYR A 406 -49.43 4.50 21.00
N ALA A 407 -48.13 4.27 20.85
CA ALA A 407 -47.58 3.84 19.57
C ALA A 407 -47.95 2.42 19.20
N MET A 408 -48.77 1.74 19.99
CA MET A 408 -49.56 0.64 19.48
C MET A 408 -50.98 1.07 19.16
N ALA A 409 -51.58 1.91 20.00
CA ALA A 409 -52.98 2.26 19.82
C ALA A 409 -53.23 3.13 18.61
N HIS A 410 -52.20 3.75 18.04
CA HIS A 410 -52.33 4.38 16.74
C HIS A 410 -51.90 3.47 15.61
N ALA A 411 -51.13 2.43 15.90
CA ALA A 411 -50.86 1.41 14.90
C ALA A 411 -51.90 0.30 14.92
N LEU A 412 -52.99 0.48 15.64
CA LEU A 412 -54.15 -0.39 15.58
C LEU A 412 -55.41 0.34 15.12
N HIS A 413 -55.49 1.65 15.37
CA HIS A 413 -56.55 2.44 14.76
C HIS A 413 -56.32 2.61 13.27
N LYS A 414 -55.08 2.49 12.80
CA LYS A 414 -54.88 2.35 11.37
C LYS A 414 -55.33 0.98 10.88
N MET A 415 -55.23 -0.04 11.72
CA MET A 415 -55.61 -1.39 11.30
C MET A 415 -57.12 -1.52 11.15
N GLN A 416 -57.89 -1.10 12.17
CA GLN A 416 -59.34 -1.24 12.16
C GLN A 416 -60.02 -0.33 11.15
N ARG A 417 -59.30 0.59 10.51
CA ARG A 417 -59.83 1.37 9.41
C ARG A 417 -59.31 0.90 8.07
N THR A 418 -57.99 0.81 7.90
CA THR A 418 -57.44 0.53 6.58
C THR A 418 -57.59 -0.93 6.21
N LEU A 419 -57.47 -1.84 7.18
CA LEU A 419 -57.66 -3.25 6.86
C LEU A 419 -59.12 -3.67 6.92
N CYS A 420 -59.98 -2.88 7.55
CA CYS A 420 -61.42 -3.16 7.59
C CYS A 420 -62.21 -1.87 7.59
N PRO A 421 -62.42 -1.27 6.43
CA PRO A 421 -63.30 -0.09 6.37
C PRO A 421 -64.75 -0.50 6.52
N ASN A 422 -65.55 0.48 6.95
CA ASN A 422 -66.99 0.32 7.24
C ASN A 422 -67.23 -0.78 8.28
N THR A 423 -66.32 -0.88 9.25
CA THR A 423 -66.41 -1.88 10.30
C THR A 423 -65.64 -1.36 11.51
N THR A 424 -66.37 -0.85 12.50
CA THR A 424 -65.72 -0.31 13.69
C THR A 424 -65.27 -1.40 14.64
N LYS A 425 -66.08 -2.43 14.83
CA LYS A 425 -65.78 -3.50 15.76
C LYS A 425 -64.93 -4.57 15.08
N LEU A 426 -64.87 -5.76 15.68
CA LEU A 426 -64.14 -6.89 15.11
C LEU A 426 -64.77 -7.32 13.79
N CYS A 427 -64.01 -7.16 12.71
CA CYS A 427 -64.50 -7.34 11.35
C CYS A 427 -64.20 -8.71 10.78
N ASP A 428 -63.86 -9.69 11.63
CA ASP A 428 -63.49 -11.07 11.32
C ASP A 428 -62.18 -11.22 10.56
N ALA A 429 -61.56 -10.10 10.18
CA ALA A 429 -60.15 -10.06 9.82
C ALA A 429 -59.29 -9.64 11.00
N MET A 430 -59.92 -9.24 12.10
CA MET A 430 -59.27 -9.03 13.38
C MET A 430 -59.26 -10.30 14.22
N LYS A 431 -59.66 -11.43 13.65
CA LYS A 431 -59.58 -12.70 14.38
C LYS A 431 -58.13 -13.21 14.41
N ILE A 432 -57.58 -13.50 13.25
CA ILE A 432 -56.20 -13.95 13.12
C ILE A 432 -55.38 -12.73 12.74
N LEU A 433 -54.89 -12.01 13.74
CA LEU A 433 -54.16 -10.77 13.53
C LEU A 433 -52.67 -11.11 13.40
N ASP A 434 -52.24 -11.32 12.16
CA ASP A 434 -50.87 -11.76 11.89
C ASP A 434 -49.89 -10.63 12.20
N GLY A 435 -48.97 -10.88 13.13
CA GLY A 435 -48.10 -9.83 13.59
C GLY A 435 -47.04 -9.42 12.60
N LYS A 436 -46.70 -10.29 11.64
CA LYS A 436 -45.66 -9.97 10.67
C LYS A 436 -46.08 -8.83 9.78
N LYS A 437 -47.34 -8.81 9.35
CA LYS A 437 -47.91 -7.67 8.65
C LYS A 437 -48.40 -6.58 9.59
N LEU A 438 -48.28 -6.79 10.91
CA LEU A 438 -48.60 -5.71 11.83
C LEU A 438 -47.38 -4.83 12.07
N TYR A 439 -46.28 -5.45 12.51
CA TYR A 439 -45.12 -4.68 12.93
C TYR A 439 -44.42 -4.05 11.73
N LYS A 440 -44.03 -4.87 10.76
CA LYS A 440 -43.17 -4.39 9.70
C LYS A 440 -43.88 -3.48 8.71
N ASP A 441 -45.20 -3.42 8.75
CA ASP A 441 -45.95 -2.66 7.75
C ASP A 441 -46.37 -1.28 8.25
N TYR A 442 -47.16 -1.22 9.31
CA TYR A 442 -47.64 0.08 9.78
C TYR A 442 -47.59 0.17 11.30
N LEU A 443 -46.47 -0.23 11.88
CA LEU A 443 -46.03 0.25 13.17
C LEU A 443 -44.61 0.77 13.13
N LEU A 444 -43.84 0.41 12.10
CA LEU A 444 -42.42 0.75 12.08
C LEU A 444 -42.20 2.23 11.86
N LYS A 445 -42.99 2.86 10.99
CA LYS A 445 -42.77 4.25 10.62
C LYS A 445 -43.97 5.13 10.94
N ILE A 446 -44.52 5.00 12.14
CA ILE A 446 -45.68 5.78 12.51
C ILE A 446 -45.24 7.19 12.90
N ASN A 447 -46.17 8.13 12.97
CA ASN A 447 -45.87 9.53 13.28
C ASN A 447 -47.13 10.19 13.81
N PHE A 448 -47.04 10.75 15.00
CA PHE A 448 -48.17 11.36 15.70
C PHE A 448 -47.62 12.21 16.84
N THR A 449 -48.49 12.70 17.70
CA THR A 449 -48.09 13.61 18.77
C THR A 449 -48.42 13.03 20.14
N ALA A 450 -47.59 13.35 21.12
CA ALA A 450 -47.79 12.87 22.47
C ALA A 450 -48.93 13.63 23.14
N PRO A 451 -49.69 12.97 24.01
CA PRO A 451 -50.76 13.68 24.72
C PRO A 451 -50.22 14.58 25.81
N PHE A 452 -51.03 15.62 26.10
CA PHE A 452 -50.82 16.56 27.20
C PHE A 452 -49.53 17.36 27.06
N ASN A 453 -49.20 17.77 25.83
CA ASN A 453 -48.04 18.61 25.61
C ASN A 453 -48.22 19.51 24.40
N PRO A 454 -47.73 20.76 24.46
CA PRO A 454 -47.83 21.65 23.30
C PRO A 454 -46.72 21.42 22.30
N ASN A 455 -46.61 22.32 21.32
CA ASN A 455 -45.59 22.32 20.27
C ASN A 455 -45.64 21.02 19.46
N LYS A 456 -46.77 20.84 18.78
CA LYS A 456 -47.10 19.59 18.08
C LYS A 456 -46.26 19.35 16.83
N ASP A 457 -45.39 20.29 16.44
CA ASP A 457 -44.49 20.07 15.32
C ASP A 457 -43.03 20.21 15.72
N ALA A 458 -42.73 20.39 17.01
CA ALA A 458 -41.37 20.66 17.43
C ALA A 458 -40.67 19.41 17.97
N ASP A 459 -41.21 18.81 19.03
CA ASP A 459 -40.53 17.74 19.72
C ASP A 459 -41.41 16.55 20.05
N SER A 460 -42.73 16.68 19.98
CA SER A 460 -43.62 15.59 20.31
C SER A 460 -43.92 14.69 19.11
N ILE A 461 -43.19 14.83 18.01
CA ILE A 461 -43.30 13.90 16.91
C ILE A 461 -42.64 12.60 17.35
N VAL A 462 -43.44 11.58 17.62
CA VAL A 462 -42.92 10.31 18.15
C VAL A 462 -42.53 9.48 16.95
N LYS A 463 -41.39 9.83 16.37
CA LYS A 463 -40.97 9.13 15.17
C LYS A 463 -40.27 7.84 15.56
N PHE A 464 -39.92 7.05 14.57
CA PHE A 464 -39.01 5.95 14.75
C PHE A 464 -37.94 6.07 13.68
N ASP A 465 -36.83 5.41 13.91
CA ASP A 465 -35.88 5.21 12.84
C ASP A 465 -36.19 3.87 12.19
N THR A 466 -35.27 3.36 11.40
CA THR A 466 -35.43 2.06 10.77
C THR A 466 -34.96 0.91 11.66
N PHE A 467 -34.73 1.16 12.94
CA PHE A 467 -34.27 0.13 13.86
C PHE A 467 -35.17 -0.10 15.07
N GLY A 468 -36.14 0.76 15.31
CA GLY A 468 -36.98 0.60 16.48
C GLY A 468 -36.43 1.36 17.66
N ASP A 469 -36.07 2.62 17.45
CA ASP A 469 -35.40 3.41 18.46
C ASP A 469 -35.67 4.88 18.19
N GLY A 470 -36.37 5.53 19.12
CA GLY A 470 -36.75 6.92 18.94
C GLY A 470 -35.55 7.85 18.90
N MET A 471 -35.81 9.08 18.49
CA MET A 471 -34.74 10.04 18.30
C MET A 471 -34.25 10.55 19.65
N GLY A 472 -32.97 10.92 19.69
CA GLY A 472 -32.39 11.40 20.93
C GLY A 472 -32.81 12.82 21.22
N ARG A 473 -33.31 13.06 22.42
CA ARG A 473 -33.65 14.41 22.87
C ARG A 473 -33.03 14.61 24.24
N TYR A 474 -31.76 15.01 24.28
CA TYR A 474 -31.00 15.11 25.52
C TYR A 474 -31.04 16.53 26.08
N ASN A 475 -30.67 16.64 27.35
CA ASN A 475 -30.32 17.91 27.97
C ASN A 475 -28.82 17.95 28.17
N VAL A 476 -28.28 19.15 28.26
CA VAL A 476 -26.86 19.34 28.56
C VAL A 476 -26.81 20.13 29.86
N PHE A 477 -26.75 19.42 30.98
CA PHE A 477 -26.75 20.15 32.23
C PHE A 477 -25.35 20.65 32.55
N ASN A 478 -25.27 21.62 33.44
CA ASN A 478 -23.98 22.15 33.84
C ASN A 478 -23.91 22.36 35.34
N PHE A 479 -22.68 22.26 35.86
CA PHE A 479 -22.39 22.57 37.25
C PHE A 479 -21.85 23.98 37.40
N GLN A 480 -22.31 24.89 36.55
CA GLN A 480 -21.91 26.29 36.63
C GLN A 480 -22.54 26.89 37.87
N ASN A 481 -21.81 26.83 38.99
CA ASN A 481 -22.33 27.34 40.23
C ASN A 481 -22.36 28.86 40.20
N VAL A 482 -23.55 29.42 40.41
CA VAL A 482 -23.67 30.86 40.59
C VAL A 482 -23.01 31.28 41.89
N GLY A 483 -22.94 30.38 42.88
CA GLY A 483 -22.28 30.67 44.12
C GLY A 483 -23.16 30.32 45.30
N GLY A 484 -24.30 29.67 45.04
CA GLY A 484 -25.14 29.24 46.14
C GLY A 484 -24.47 28.10 46.88
N LYS A 485 -24.53 26.88 46.34
CA LYS A 485 -23.46 25.94 46.62
C LYS A 485 -23.07 25.15 45.38
N TYR A 486 -24.07 24.63 44.67
CA TYR A 486 -23.86 23.78 43.51
C TYR A 486 -24.58 24.30 42.27
N SER A 487 -25.90 24.43 42.33
CA SER A 487 -26.79 24.98 41.30
C SER A 487 -26.53 24.38 39.91
N TYR A 488 -26.88 23.09 39.79
CA TYR A 488 -27.12 22.43 38.52
C TYR A 488 -27.84 23.33 37.54
N LEU A 489 -27.22 23.56 36.38
CA LEU A 489 -27.68 24.55 35.43
C LEU A 489 -27.99 23.89 34.10
N LYS A 490 -29.13 24.27 33.50
CA LYS A 490 -29.59 23.70 32.24
C LYS A 490 -29.22 24.67 31.12
N VAL A 491 -28.11 24.39 30.45
CA VAL A 491 -27.60 25.33 29.45
C VAL A 491 -28.09 24.96 28.07
N GLY A 492 -29.12 24.12 27.99
CA GLY A 492 -29.79 23.94 26.73
C GLY A 492 -29.99 22.50 26.39
N HIS A 493 -30.17 22.23 25.10
CA HIS A 493 -30.48 20.90 24.61
C HIS A 493 -29.90 20.73 23.22
N TRP A 494 -30.15 19.56 22.64
CA TRP A 494 -29.83 19.26 21.25
C TRP A 494 -30.61 18.02 20.85
N ALA A 495 -30.91 17.91 19.57
CA ALA A 495 -31.49 16.69 19.03
C ALA A 495 -30.62 16.06 17.96
N GLU A 496 -30.27 16.81 16.92
CA GLU A 496 -29.40 16.35 15.86
C GLU A 496 -28.16 17.21 15.67
N THR A 497 -28.18 18.45 16.11
CA THR A 497 -27.02 19.31 16.12
C THR A 497 -27.01 20.08 17.43
N LEU A 498 -25.81 20.42 17.88
CA LEU A 498 -25.65 21.03 19.19
C LEU A 498 -26.23 22.43 19.22
N SER A 499 -26.96 22.73 20.28
CA SER A 499 -27.70 23.98 20.44
C SER A 499 -27.46 24.55 21.82
N LEU A 500 -26.19 24.68 22.19
CA LEU A 500 -25.78 25.17 23.49
C LEU A 500 -26.15 26.64 23.66
N ASP A 501 -26.10 27.09 24.91
CA ASP A 501 -26.14 28.52 25.25
C ASP A 501 -24.73 28.83 25.77
N VAL A 502 -23.93 29.48 24.95
CA VAL A 502 -22.47 29.39 24.97
C VAL A 502 -21.80 29.94 26.22
N ASN A 503 -22.56 30.47 27.18
CA ASN A 503 -21.98 31.03 28.39
C ASN A 503 -21.89 30.01 29.53
N SER A 504 -21.28 28.85 29.25
CA SER A 504 -20.92 27.90 30.31
C SER A 504 -19.74 27.07 29.82
N ILE A 505 -18.52 27.48 30.17
CA ILE A 505 -17.30 26.75 29.82
C ILE A 505 -16.33 26.72 30.99
N HIS A 506 -16.84 27.02 32.18
CA HIS A 506 -16.04 27.39 33.35
C HIS A 506 -15.08 26.27 33.75
N TRP A 507 -13.78 26.57 33.73
CA TRP A 507 -12.77 25.56 34.07
C TRP A 507 -11.97 25.93 35.31
N SER A 508 -11.29 27.08 35.31
CA SER A 508 -10.53 27.52 36.46
C SER A 508 -11.09 28.82 37.02
N ARG A 509 -11.15 29.88 36.23
CA ARG A 509 -12.03 31.01 36.50
C ARG A 509 -12.97 31.24 35.32
N ASN A 510 -12.43 31.44 34.13
CA ASN A 510 -13.17 31.35 32.88
C ASN A 510 -12.15 30.92 31.82
N SER A 511 -12.04 29.62 31.62
CA SER A 511 -11.00 29.09 30.76
C SER A 511 -11.61 28.03 29.85
N VAL A 512 -11.18 28.03 28.60
CA VAL A 512 -11.61 27.01 27.64
C VAL A 512 -10.37 26.22 27.27
N PRO A 513 -9.95 25.25 28.07
CA PRO A 513 -8.65 24.62 27.87
C PRO A 513 -8.67 23.68 26.66
N THR A 514 -7.74 23.94 25.73
CA THR A 514 -7.72 23.18 24.48
C THR A 514 -7.26 21.75 24.70
N SER A 515 -6.42 21.52 25.71
CA SER A 515 -5.86 20.20 26.06
C SER A 515 -5.16 19.55 24.87
N GLN A 516 -4.54 20.36 24.03
CA GLN A 516 -3.95 19.90 22.77
C GLN A 516 -2.49 19.56 22.96
N CYS A 517 -2.03 18.56 22.20
CA CYS A 517 -0.69 18.03 22.43
C CYS A 517 0.38 18.84 21.72
N SER A 518 0.25 18.98 20.40
CA SER A 518 1.39 19.39 19.58
C SER A 518 1.70 20.88 19.67
N ASP A 519 0.67 21.73 19.82
CA ASP A 519 0.77 23.19 19.85
C ASP A 519 1.48 23.74 18.61
N PRO A 520 0.77 23.87 17.49
CA PRO A 520 1.40 24.30 16.23
C PRO A 520 2.08 25.66 16.33
N CYS A 521 3.31 25.72 15.82
CA CYS A 521 4.23 26.80 16.12
C CYS A 521 4.21 27.85 15.02
N ALA A 522 5.16 28.79 15.09
CA ALA A 522 5.25 29.90 14.19
C ALA A 522 5.70 29.45 12.80
N PRO A 523 5.55 30.30 11.78
CA PRO A 523 6.20 30.02 10.49
C PRO A 523 7.73 30.03 10.53
N ASN A 524 8.35 30.48 11.62
CA ASN A 524 9.77 30.26 11.83
C ASN A 524 10.10 28.78 12.03
N GLU A 525 9.14 27.99 12.47
CA GLU A 525 9.32 26.55 12.59
C GLU A 525 8.33 25.82 11.68
N MET A 526 8.24 26.27 10.43
CA MET A 526 7.20 25.80 9.51
C MET A 526 7.63 24.50 8.82
N LYS A 527 7.77 23.46 9.64
CA LYS A 527 7.79 22.08 9.16
C LYS A 527 6.92 21.24 10.08
N ASN A 528 5.70 21.70 10.31
CA ASN A 528 4.77 21.08 11.26
C ASN A 528 4.30 19.76 10.66
N MET A 529 5.12 18.73 10.88
CA MET A 529 4.92 17.42 10.27
C MET A 529 4.59 16.40 11.35
N GLN A 530 3.53 15.64 11.13
CA GLN A 530 3.17 14.53 11.98
C GLN A 530 4.23 13.45 11.87
N PRO A 531 5.01 13.17 12.92
CA PRO A 531 6.19 12.30 12.78
C PRO A 531 5.87 10.84 12.45
N GLY A 532 5.12 10.16 13.31
CA GLY A 532 4.70 8.81 13.00
C GLY A 532 3.21 8.61 13.15
N ASP A 533 2.60 9.41 14.02
CA ASP A 533 1.20 9.25 14.37
C ASP A 533 0.43 10.53 14.04
N VAL A 534 -0.89 10.43 14.12
CA VAL A 534 -1.75 11.54 13.79
C VAL A 534 -1.96 12.39 15.05
N CYS A 535 -2.38 13.64 14.85
CA CYS A 535 -2.91 14.64 15.76
C CYS A 535 -1.83 15.30 16.60
N CYS A 536 -0.59 14.79 16.60
CA CYS A 536 0.48 15.32 17.45
C CYS A 536 1.72 15.44 16.56
N TRP A 537 1.85 16.59 15.90
CA TRP A 537 2.95 16.84 14.98
C TRP A 537 4.08 17.54 15.72
N ILE A 538 5.20 17.73 15.02
CA ILE A 538 6.34 18.43 15.56
C ILE A 538 6.69 19.58 14.63
N CYS A 539 7.02 20.73 15.22
CA CYS A 539 7.45 21.88 14.45
C CYS A 539 8.96 21.79 14.23
N ILE A 540 9.42 22.34 13.12
CA ILE A 540 10.85 22.33 12.82
C ILE A 540 11.20 23.54 11.97
N PRO A 541 12.17 24.35 12.39
CA PRO A 541 12.70 25.40 11.51
C PRO A 541 13.44 24.78 10.34
N CYS A 542 12.95 25.04 9.13
CA CYS A 542 13.54 24.45 7.94
C CYS A 542 14.64 25.38 7.41
N GLU A 543 15.09 25.12 6.18
CA GLU A 543 16.31 25.74 5.67
C GLU A 543 16.10 27.23 5.43
N PRO A 544 17.10 28.07 5.74
CA PRO A 544 16.92 29.52 5.58
C PRO A 544 16.90 29.98 4.14
N TYR A 545 17.29 29.13 3.19
CA TYR A 545 17.07 29.36 1.78
C TYR A 545 15.79 28.70 1.29
N GLU A 546 14.88 28.36 2.19
CA GLU A 546 13.71 27.59 1.85
C GLU A 546 12.46 28.18 2.48
N TYR A 547 11.32 27.93 1.84
CA TYR A 547 10.01 28.33 2.32
C TYR A 547 9.14 27.10 2.48
N LEU A 548 8.09 27.23 3.30
CA LEU A 548 7.24 26.09 3.64
C LEU A 548 6.43 25.66 2.43
N ALA A 549 6.71 24.47 1.91
CA ALA A 549 6.00 23.96 0.75
C ALA A 549 4.56 23.59 1.10
N ASP A 550 4.34 23.14 2.34
CA ASP A 550 3.01 22.84 2.82
C ASP A 550 2.91 23.16 4.31
N GLU A 551 1.86 22.67 4.97
CA GLU A 551 1.80 22.75 6.42
C GLU A 551 2.83 21.87 7.09
N PHE A 552 3.30 20.83 6.40
CA PHE A 552 4.35 19.97 6.90
C PHE A 552 5.64 20.06 6.11
N THR A 553 5.59 20.49 4.85
CA THR A 553 6.72 20.43 3.94
C THR A 553 7.35 21.80 3.77
N CYS A 554 8.65 21.79 3.49
CA CYS A 554 9.43 23.01 3.26
C CYS A 554 10.38 22.76 2.10
N MET A 555 10.45 23.70 1.17
CA MET A 555 11.28 23.54 -0.02
C MET A 555 11.96 24.86 -0.36
N ASP A 556 13.11 24.76 -1.01
CA ASP A 556 13.81 25.97 -1.45
C ASP A 556 13.03 26.65 -2.57
N CYS A 557 13.14 27.97 -2.62
CA CYS A 557 12.38 28.72 -3.61
C CYS A 557 13.09 28.79 -4.96
N GLY A 558 14.25 28.15 -5.09
CA GLY A 558 14.98 28.16 -6.33
C GLY A 558 16.38 28.72 -6.15
N SER A 559 17.24 28.50 -7.13
CA SER A 559 18.58 29.07 -7.09
C SER A 559 18.50 30.59 -7.26
N GLY A 560 19.44 31.29 -6.64
CA GLY A 560 19.36 32.73 -6.68
C GLY A 560 18.65 33.32 -5.49
N GLN A 561 17.33 33.52 -5.66
CA GLN A 561 16.53 34.32 -4.75
C GLN A 561 16.45 33.72 -3.34
N TRP A 562 16.47 34.60 -2.35
CA TRP A 562 16.26 34.25 -0.95
C TRP A 562 14.76 34.06 -0.71
N PRO A 563 14.37 33.46 0.42
CA PRO A 563 12.93 33.37 0.73
C PRO A 563 12.30 34.71 1.02
N THR A 564 10.98 34.68 1.16
CA THR A 564 10.17 35.83 1.52
C THR A 564 10.11 35.95 3.04
N ALA A 565 9.19 36.79 3.53
CA ALA A 565 8.88 36.83 4.95
C ALA A 565 7.99 35.67 5.39
N ASP A 566 7.51 34.87 4.45
CA ASP A 566 6.65 33.74 4.75
C ASP A 566 6.90 32.68 3.68
N LEU A 567 5.96 31.75 3.52
CA LEU A 567 6.03 30.72 2.51
C LEU A 567 5.40 31.16 1.19
N THR A 568 5.39 32.46 0.92
CA THR A 568 4.84 33.00 -0.31
C THR A 568 5.92 33.00 -1.40
N GLY A 569 5.66 33.73 -2.48
CA GLY A 569 6.65 33.98 -3.52
C GLY A 569 7.88 34.66 -2.95
N CYS A 570 9.06 34.09 -3.21
CA CYS A 570 10.16 34.28 -2.28
C CYS A 570 10.88 35.62 -2.47
N TYR A 571 11.59 35.79 -3.59
CA TYR A 571 12.31 37.03 -3.89
C TYR A 571 12.79 36.97 -5.34
N ASP A 572 13.66 37.90 -5.68
CA ASP A 572 14.52 37.83 -6.86
C ASP A 572 15.98 37.80 -6.37
N LEU A 573 16.91 37.91 -7.32
CA LEU A 573 18.33 37.90 -6.96
C LEU A 573 19.14 38.81 -7.89
N PRO A 574 19.61 39.95 -7.40
CA PRO A 574 20.39 40.86 -8.25
C PRO A 574 21.85 40.45 -8.42
N GLU A 575 22.62 41.31 -9.07
CA GLU A 575 24.03 41.07 -9.33
C GLU A 575 24.87 42.16 -8.66
N ASP A 576 26.20 41.99 -8.78
CA ASP A 576 27.13 42.94 -8.16
C ASP A 576 27.16 44.23 -8.97
N TYR A 577 26.71 45.31 -8.36
CA TYR A 577 26.74 46.64 -8.98
C TYR A 577 27.92 47.38 -8.39
N ILE A 578 29.00 47.48 -9.16
CA ILE A 578 30.24 48.08 -8.68
C ILE A 578 30.41 49.39 -9.45
N ARG A 579 29.29 50.01 -9.82
CA ARG A 579 29.31 51.26 -10.58
C ARG A 579 29.87 52.42 -9.77
N TRP A 580 29.76 52.37 -8.44
CA TRP A 580 30.34 53.39 -7.57
C TRP A 580 31.81 53.09 -7.35
N GLU A 581 32.41 53.75 -6.36
CA GLU A 581 33.83 53.60 -6.06
C GLU A 581 34.20 52.19 -5.59
N ASP A 582 33.71 51.81 -4.41
CA ASP A 582 33.92 50.47 -3.80
C ASP A 582 35.40 50.11 -3.63
N ALA A 583 36.26 51.14 -3.52
CA ALA A 583 37.73 51.03 -3.63
C ALA A 583 38.16 50.28 -4.88
N TRP A 584 37.39 50.42 -5.95
CA TRP A 584 37.62 49.68 -7.19
C TRP A 584 37.55 50.64 -8.37
N ALA A 585 36.78 51.71 -8.23
CA ALA A 585 36.75 52.76 -9.23
C ALA A 585 37.67 53.93 -8.87
N ILE A 586 38.51 53.78 -7.86
CA ILE A 586 39.48 54.80 -7.52
C ILE A 586 40.82 54.54 -8.22
N GLY A 587 41.15 53.28 -8.45
CA GLY A 587 42.40 52.92 -9.09
C GLY A 587 42.49 53.26 -10.56
N PRO A 588 41.70 52.57 -11.40
CA PRO A 588 41.78 52.81 -12.85
C PRO A 588 41.28 54.16 -13.32
N VAL A 589 40.55 54.91 -12.48
CA VAL A 589 40.23 56.28 -12.83
C VAL A 589 41.49 57.14 -12.81
N THR A 590 42.46 56.78 -11.97
CA THR A 590 43.76 57.42 -12.01
C THR A 590 44.67 56.81 -13.07
N ILE A 591 44.51 55.51 -13.36
CA ILE A 591 45.31 54.88 -14.40
C ILE A 591 44.85 55.30 -15.78
N ALA A 592 43.61 55.81 -15.92
CA ALA A 592 43.16 56.33 -17.20
C ALA A 592 43.83 57.65 -17.54
N CYS A 593 44.42 58.34 -16.55
CA CYS A 593 45.12 59.58 -16.82
C CYS A 593 46.41 59.36 -17.58
N LEU A 594 47.10 58.24 -17.30
CA LEU A 594 48.25 57.87 -18.13
C LEU A 594 47.80 57.51 -19.54
N GLY A 595 46.64 56.86 -19.66
CA GLY A 595 46.03 56.70 -20.97
C GLY A 595 45.55 58.01 -21.54
N PHE A 596 45.16 58.95 -20.69
CA PHE A 596 44.87 60.30 -21.15
C PHE A 596 46.14 61.07 -21.50
N MET A 597 47.23 60.83 -20.76
CA MET A 597 48.53 61.40 -21.11
C MET A 597 49.26 60.56 -22.14
N CYS A 598 48.66 59.48 -22.63
CA CYS A 598 49.28 58.68 -23.68
C CYS A 598 49.28 59.44 -24.99
N THR A 599 48.12 59.92 -25.43
CA THR A 599 48.01 60.66 -26.67
C THR A 599 48.48 62.10 -26.56
N CYS A 600 48.85 62.56 -25.37
CA CYS A 600 49.28 63.94 -25.18
C CYS A 600 50.68 64.17 -25.72
N MET A 601 51.67 63.44 -25.19
CA MET A 601 53.06 63.67 -25.60
C MET A 601 53.35 63.09 -26.97
N VAL A 602 52.60 62.07 -27.38
CA VAL A 602 52.85 61.45 -28.68
C VAL A 602 52.34 62.32 -29.82
N VAL A 603 51.36 63.18 -29.57
CA VAL A 603 50.83 64.06 -30.63
C VAL A 603 51.76 65.22 -30.95
N THR A 604 52.76 65.48 -30.11
CA THR A 604 53.69 66.58 -30.38
C THR A 604 54.60 66.26 -31.55
N VAL A 605 54.98 64.99 -31.70
CA VAL A 605 55.89 64.58 -32.76
C VAL A 605 55.07 63.97 -33.90
N PHE A 606 53.75 64.10 -33.82
CA PHE A 606 52.88 63.52 -34.84
C PHE A 606 52.77 64.44 -36.06
N ILE A 607 52.70 65.75 -35.84
CA ILE A 607 52.59 66.70 -36.95
C ILE A 607 53.63 67.80 -36.80
N LYS A 608 53.66 68.45 -35.63
CA LYS A 608 54.46 69.65 -35.46
C LYS A 608 55.95 69.34 -35.36
N HIS A 609 56.31 68.12 -35.00
CA HIS A 609 57.72 67.77 -34.85
C HIS A 609 58.07 66.55 -35.68
N ASN A 610 57.67 66.55 -36.95
CA ASN A 610 58.11 65.54 -37.90
C ASN A 610 59.49 65.83 -38.47
N ASN A 611 60.00 67.05 -38.27
CA ASN A 611 61.30 67.45 -38.78
C ASN A 611 62.44 67.14 -37.81
N THR A 612 62.19 66.26 -36.85
CA THR A 612 63.25 65.82 -35.96
C THR A 612 64.23 64.94 -36.73
N PRO A 613 65.51 64.89 -36.30
CA PRO A 613 66.48 64.03 -37.00
C PRO A 613 66.18 62.55 -36.90
N LEU A 614 65.43 62.10 -35.90
CA LEU A 614 65.07 60.69 -35.78
C LEU A 614 63.58 60.45 -35.99
N VAL A 615 62.82 61.48 -36.36
CA VAL A 615 61.43 61.25 -36.77
C VAL A 615 61.40 60.60 -38.15
N LYS A 616 62.20 61.12 -39.08
CA LYS A 616 62.30 60.51 -40.40
C LYS A 616 63.09 59.21 -40.37
N ALA A 617 63.91 58.99 -39.33
CA ALA A 617 64.64 57.74 -39.19
C ALA A 617 63.76 56.58 -38.75
N SER A 618 62.52 56.83 -38.35
CA SER A 618 61.60 55.77 -37.99
C SER A 618 60.36 55.82 -38.86
N GLY A 619 59.36 55.00 -38.53
CA GLY A 619 58.12 54.96 -39.25
C GLY A 619 57.20 56.09 -38.82
N ARG A 620 57.43 57.30 -39.36
CA ARG A 620 56.68 58.48 -38.94
C ARG A 620 55.20 58.36 -39.23
N GLU A 621 54.81 57.63 -40.28
CA GLU A 621 53.42 57.29 -40.47
C GLU A 621 53.02 56.01 -39.75
N LEU A 622 54.00 55.15 -39.44
CA LEU A 622 53.73 53.88 -38.77
C LEU A 622 53.50 54.06 -37.27
N CYS A 623 54.15 55.06 -36.66
CA CYS A 623 54.06 55.21 -35.21
C CYS A 623 52.68 55.69 -34.78
N TYR A 624 52.00 56.45 -35.64
CA TYR A 624 50.65 56.91 -35.32
C TYR A 624 49.66 55.75 -35.26
N ILE A 625 49.92 54.69 -36.02
CA ILE A 625 49.16 53.46 -35.84
C ILE A 625 49.76 52.63 -34.72
N LEU A 626 51.07 52.76 -34.47
CA LEU A 626 51.73 51.95 -33.46
C LEU A 626 51.51 52.49 -32.05
N LEU A 627 50.95 53.69 -31.90
CA LEU A 627 50.69 54.25 -30.59
C LEU A 627 49.22 54.56 -30.34
N PHE A 628 48.36 54.40 -31.34
CA PHE A 628 46.95 54.70 -31.14
C PHE A 628 46.26 53.64 -30.30
N GLY A 629 46.75 52.40 -30.35
CA GLY A 629 46.12 51.33 -29.60
C GLY A 629 46.37 51.34 -28.12
N VAL A 630 47.30 52.16 -27.64
CA VAL A 630 47.53 52.25 -26.20
C VAL A 630 46.37 52.91 -25.50
N GLY A 631 45.70 53.86 -26.17
CA GLY A 631 44.50 54.44 -25.61
C GLY A 631 43.32 53.49 -25.64
N LEU A 632 43.32 52.56 -26.59
CA LEU A 632 42.30 51.51 -26.62
C LEU A 632 42.40 50.62 -25.40
N SER A 633 43.62 50.29 -24.99
CA SER A 633 43.82 49.50 -23.78
C SER A 633 43.41 50.29 -22.54
N TYR A 634 43.62 51.60 -22.54
CA TYR A 634 43.12 52.42 -21.44
C TYR A 634 41.61 52.55 -21.48
N CYS A 635 40.98 52.39 -22.64
CA CYS A 635 39.55 52.55 -22.77
C CYS A 635 38.78 51.24 -22.65
N MET A 636 39.39 50.11 -23.01
CA MET A 636 38.70 48.82 -22.96
C MET A 636 38.43 48.39 -21.54
N THR A 637 39.25 48.85 -20.58
CA THR A 637 38.95 48.61 -19.18
C THR A 637 37.67 49.33 -18.77
N PHE A 638 37.54 50.60 -19.17
CA PHE A 638 36.31 51.33 -18.90
C PHE A 638 35.19 50.94 -19.85
N PHE A 639 35.52 50.34 -21.00
CA PHE A 639 34.48 49.78 -21.85
C PHE A 639 33.91 48.51 -21.23
N PHE A 640 34.77 47.66 -20.67
CA PHE A 640 34.31 46.42 -20.05
C PHE A 640 33.85 46.67 -18.62
N ILE A 641 34.77 47.11 -17.76
CA ILE A 641 34.47 47.21 -16.32
C ILE A 641 33.90 48.60 -16.10
N ALA A 642 32.61 48.74 -16.38
CA ALA A 642 31.81 49.89 -15.95
C ALA A 642 30.60 49.46 -15.13
N LYS A 643 29.79 48.55 -15.68
CA LYS A 643 28.55 48.02 -15.12
C LYS A 643 28.13 46.84 -16.00
N PRO A 644 27.39 45.86 -15.47
CA PRO A 644 26.94 44.73 -16.30
C PRO A 644 25.90 45.17 -17.33
N SER A 645 26.23 45.02 -18.60
CA SER A 645 25.33 45.34 -19.70
C SER A 645 25.63 44.41 -20.86
N PRO A 646 24.63 44.10 -21.70
CA PRO A 646 24.92 43.29 -22.89
C PRO A 646 25.76 44.03 -23.91
N VAL A 647 25.57 45.34 -24.05
CA VAL A 647 26.44 46.14 -24.91
C VAL A 647 27.83 46.24 -24.29
N ILE A 648 27.93 46.15 -22.97
CA ILE A 648 29.24 46.14 -22.32
C ILE A 648 29.95 44.82 -22.58
N CYS A 649 29.22 43.71 -22.53
CA CYS A 649 29.80 42.42 -22.90
C CYS A 649 30.07 42.36 -24.41
N ALA A 650 29.29 43.10 -25.19
CA ALA A 650 29.62 43.29 -26.60
C ALA A 650 30.92 44.07 -26.74
N LEU A 651 31.19 44.98 -25.80
CA LEU A 651 32.47 45.68 -25.76
C LEU A 651 33.52 44.94 -24.96
N ARG A 652 33.13 43.96 -24.14
CA ARG A 652 34.12 43.24 -23.33
C ARG A 652 34.82 42.18 -24.15
N ARG A 653 34.06 41.38 -24.90
CA ARG A 653 34.68 40.37 -25.76
C ARG A 653 35.43 41.00 -26.92
N LEU A 654 34.93 42.13 -27.43
CA LEU A 654 35.59 42.83 -28.52
C LEU A 654 36.67 43.80 -28.04
N GLY A 655 36.79 44.03 -26.74
CA GLY A 655 37.75 44.99 -26.24
C GLY A 655 39.18 44.50 -26.21
N LEU A 656 39.37 43.22 -25.88
CA LEU A 656 40.71 42.67 -25.78
C LEU A 656 41.28 42.30 -27.14
N GLY A 657 40.43 42.06 -28.14
CA GLY A 657 40.87 41.59 -29.44
C GLY A 657 41.69 42.59 -30.24
N SER A 658 41.76 43.84 -29.81
CA SER A 658 42.58 44.86 -30.47
C SER A 658 43.75 45.32 -29.61
N SER A 659 44.09 44.57 -28.57
CA SER A 659 45.19 44.95 -27.70
C SER A 659 46.53 44.38 -28.17
N PHE A 660 46.51 43.17 -28.72
CA PHE A 660 47.74 42.44 -28.99
C PHE A 660 48.34 42.72 -30.36
N ALA A 661 47.51 43.08 -31.36
CA ALA A 661 48.06 43.51 -32.64
C ALA A 661 48.80 44.82 -32.51
N ILE A 662 48.34 45.70 -31.62
CA ILE A 662 49.15 46.85 -31.25
C ILE A 662 50.36 46.40 -30.44
N CYS A 663 50.20 45.37 -29.62
CA CYS A 663 51.32 44.89 -28.81
C CYS A 663 52.32 44.08 -29.61
N TYR A 664 51.90 43.45 -30.70
CA TYR A 664 52.81 42.62 -31.48
C TYR A 664 52.98 43.08 -32.91
N SER A 665 51.88 43.25 -33.66
CA SER A 665 52.01 43.50 -35.09
C SER A 665 52.49 44.91 -35.38
N ALA A 666 52.13 45.88 -34.53
CA ALA A 666 52.74 47.20 -34.65
C ALA A 666 54.20 47.16 -34.24
N LEU A 667 54.57 46.18 -33.41
CA LEU A 667 55.96 46.06 -32.97
C LEU A 667 56.78 45.20 -33.92
N LEU A 668 56.29 44.00 -34.23
CA LEU A 668 57.14 42.99 -34.86
C LEU A 668 57.42 43.29 -36.32
N THR A 669 56.48 43.92 -37.03
CA THR A 669 56.70 44.22 -38.44
C THR A 669 57.69 45.36 -38.61
N LYS A 670 57.76 46.28 -37.65
CA LYS A 670 58.72 47.36 -37.74
C LYS A 670 60.14 46.88 -37.44
N THR A 671 60.27 45.77 -36.71
CA THR A 671 61.58 45.27 -36.34
C THR A 671 62.22 44.40 -37.39
N ASN A 672 61.41 43.68 -38.19
CA ASN A 672 61.96 42.74 -39.16
C ASN A 672 62.63 43.47 -40.31
N CYS A 673 62.05 44.57 -40.79
CA CYS A 673 62.73 45.41 -41.76
C CYS A 673 63.91 46.14 -41.13
N ILE A 674 63.83 46.40 -39.82
CA ILE A 674 64.98 46.93 -39.09
C ILE A 674 66.00 45.86 -38.78
N ALA A 675 65.64 44.58 -38.89
CA ALA A 675 66.58 43.50 -38.64
C ALA A 675 67.55 43.27 -39.79
N ARG A 676 67.28 43.86 -40.96
CA ARG A 676 68.17 43.71 -42.11
C ARG A 676 68.64 45.07 -42.60
N GLN A 696 62.69 50.62 -48.00
CA GLN A 696 61.72 50.51 -46.93
C GLN A 696 60.30 50.42 -47.48
N VAL A 697 60.19 50.01 -48.75
CA VAL A 697 58.89 49.87 -49.38
C VAL A 697 58.17 48.61 -48.89
N PHE A 698 58.90 47.66 -48.30
CA PHE A 698 58.31 46.45 -47.76
C PHE A 698 57.75 46.64 -46.36
N ILE A 699 57.66 47.87 -45.88
CA ILE A 699 57.05 48.15 -44.58
C ILE A 699 55.53 48.11 -44.62
N CYS A 700 54.94 47.96 -45.82
CA CYS A 700 53.50 47.82 -45.96
C CYS A 700 53.00 46.40 -45.66
N LEU A 701 53.92 45.47 -45.41
CA LEU A 701 53.54 44.08 -45.15
C LEU A 701 52.87 43.90 -43.79
N GLY A 702 53.11 44.82 -42.86
CA GLY A 702 52.49 44.73 -41.55
C GLY A 702 51.08 45.26 -41.45
N LEU A 703 50.48 45.66 -42.57
CA LEU A 703 49.13 46.23 -42.54
C LEU A 703 48.08 45.12 -42.44
N ILE A 704 48.13 44.16 -43.36
CA ILE A 704 47.10 43.12 -43.42
C ILE A 704 47.28 42.06 -42.34
N LEU A 705 48.46 41.97 -41.72
CA LEU A 705 48.69 40.97 -40.68
C LEU A 705 47.95 41.28 -39.39
N VAL A 706 47.51 42.52 -39.20
CA VAL A 706 46.72 42.88 -38.03
C VAL A 706 45.33 42.25 -38.12
N GLN A 707 44.80 42.09 -39.33
CA GLN A 707 43.49 41.49 -39.53
C GLN A 707 43.52 39.97 -39.56
N ILE A 708 44.64 39.35 -39.19
CA ILE A 708 44.73 37.89 -39.22
C ILE A 708 43.92 37.28 -38.08
N VAL A 709 44.32 37.56 -36.84
CA VAL A 709 43.59 37.03 -35.69
C VAL A 709 42.34 37.85 -35.42
N MET A 710 42.31 39.12 -35.84
CA MET A 710 41.21 40.01 -35.50
C MET A 710 39.93 39.66 -36.26
N VAL A 711 40.07 39.22 -37.52
CA VAL A 711 38.89 38.89 -38.31
C VAL A 711 38.28 37.57 -37.84
N SER A 712 39.08 36.70 -37.22
CA SER A 712 38.53 35.47 -36.66
C SER A 712 37.68 35.74 -35.44
N VAL A 713 37.90 36.86 -34.76
CA VAL A 713 37.04 37.24 -33.65
C VAL A 713 35.69 37.72 -34.16
N TRP A 714 35.63 38.21 -35.41
CA TRP A 714 34.36 38.65 -35.98
C TRP A 714 33.43 37.48 -36.26
N LEU A 715 33.99 36.29 -36.49
CA LEU A 715 33.16 35.10 -36.65
C LEU A 715 32.60 34.65 -35.31
N ILE A 716 33.40 34.74 -34.25
CA ILE A 716 32.95 34.40 -32.91
C ILE A 716 32.26 35.58 -32.22
N LEU A 717 32.04 36.69 -32.95
CA LEU A 717 31.40 37.86 -32.37
C LEU A 717 29.92 37.66 -32.08
N GLU A 718 29.30 36.62 -32.66
CA GLU A 718 27.87 36.37 -32.45
C GLU A 718 27.59 34.97 -31.89
N ALA A 719 28.59 34.14 -31.70
CA ALA A 719 28.37 32.76 -31.23
C ALA A 719 28.06 32.64 -29.74
N PRO A 720 28.91 33.12 -28.77
CA PRO A 720 28.60 32.82 -27.37
C PRO A 720 27.59 33.79 -26.78
N GLY A 721 27.38 33.67 -25.46
CA GLY A 721 26.42 34.54 -24.80
C GLY A 721 26.89 35.98 -24.73
N THR A 722 25.91 36.88 -24.71
CA THR A 722 26.19 38.30 -24.83
C THR A 722 25.48 39.06 -23.72
N ARG A 723 24.34 38.56 -23.27
CA ARG A 723 23.49 39.39 -22.40
C ARG A 723 23.96 39.39 -20.96
N ARG A 724 23.83 38.27 -20.26
CA ARG A 724 24.01 38.19 -18.81
C ARG A 724 23.88 36.75 -18.35
N TYR A 725 24.31 36.51 -17.11
CA TYR A 725 24.08 35.25 -16.41
C TYR A 725 24.23 35.52 -14.92
N THR A 726 24.11 34.47 -14.12
CA THR A 726 24.20 34.59 -12.66
C THR A 726 24.80 33.30 -12.11
N LEU A 727 25.99 33.41 -11.51
CA LEU A 727 26.71 32.24 -11.01
C LEU A 727 26.39 32.03 -9.55
N ALA A 728 26.12 30.77 -9.19
CA ALA A 728 25.64 30.41 -7.85
C ALA A 728 26.74 29.71 -7.07
N GLU A 729 27.24 30.39 -6.03
CA GLU A 729 28.11 29.81 -5.03
C GLU A 729 27.24 29.18 -3.93
N LYS A 730 27.80 29.00 -2.74
CA LYS A 730 27.11 28.30 -1.66
C LYS A 730 25.95 29.12 -1.13
N ARG A 731 24.80 28.97 -1.80
CA ARG A 731 23.45 29.34 -1.39
C ARG A 731 23.15 30.85 -1.41
N GLU A 732 24.17 31.69 -1.60
CA GLU A 732 23.92 33.13 -1.77
C GLU A 732 25.03 33.71 -2.65
N THR A 733 24.77 33.69 -3.97
CA THR A 733 25.56 34.38 -4.98
C THR A 733 24.80 34.40 -6.30
N VAL A 734 24.60 35.57 -6.88
CA VAL A 734 24.18 35.61 -8.28
C VAL A 734 24.98 36.68 -9.01
N ILE A 735 26.14 36.31 -9.54
CA ILE A 735 26.87 37.21 -10.43
C ILE A 735 27.65 36.42 -11.47
N LEU A 736 27.18 36.44 -12.72
CA LEU A 736 27.91 35.97 -13.89
C LEU A 736 27.66 36.92 -15.04
N LYS A 737 27.92 38.22 -14.81
CA LYS A 737 27.39 39.41 -15.49
C LYS A 737 27.24 39.35 -17.01
N CYS A 738 28.05 38.54 -17.69
CA CYS A 738 27.77 38.14 -19.06
C CYS A 738 27.95 36.63 -19.18
N ASN A 739 27.10 36.00 -19.98
CA ASN A 739 27.05 34.53 -20.07
C ASN A 739 28.19 34.02 -20.94
N VAL A 740 29.39 34.10 -20.39
CA VAL A 740 30.60 33.58 -21.02
C VAL A 740 31.40 32.83 -19.97
N LYS A 741 32.21 31.87 -20.43
CA LYS A 741 33.02 31.11 -19.50
C LYS A 741 34.28 31.90 -19.14
N ASP A 742 34.88 31.52 -18.01
CA ASP A 742 36.14 32.12 -17.61
C ASP A 742 37.26 31.71 -18.57
N SER A 743 37.25 30.46 -19.00
CA SER A 743 38.21 29.99 -19.99
C SER A 743 37.86 30.42 -21.40
N SER A 744 36.66 30.96 -21.62
CA SER A 744 36.27 31.40 -22.97
C SER A 744 37.03 32.65 -23.37
N MET A 745 37.04 33.67 -22.49
CA MET A 745 37.81 34.88 -22.77
C MET A 745 39.31 34.63 -22.66
N LEU A 746 39.73 33.67 -21.85
CA LEU A 746 41.16 33.35 -21.76
C LEU A 746 41.64 32.62 -23.00
N ILE A 747 40.81 31.75 -23.59
CA ILE A 747 41.17 31.18 -24.88
C ILE A 747 40.98 32.19 -26.00
N SER A 748 40.17 33.23 -25.78
CA SER A 748 40.04 34.31 -26.75
C SER A 748 41.31 35.16 -26.83
N LEU A 749 42.13 35.16 -25.78
CA LEU A 749 43.44 35.79 -25.82
C LEU A 749 44.57 34.77 -25.83
N THR A 750 44.30 33.54 -26.28
CA THR A 750 45.36 32.55 -26.40
C THR A 750 46.28 32.85 -27.57
N TYR A 751 45.71 33.33 -28.68
CA TYR A 751 46.52 33.78 -29.81
C TYR A 751 47.11 35.17 -29.59
N ASP A 752 46.65 35.87 -28.55
CA ASP A 752 47.18 37.20 -28.24
C ASP A 752 48.63 37.12 -27.78
N VAL A 753 48.90 36.33 -26.74
CA VAL A 753 50.27 36.11 -26.31
C VAL A 753 51.03 35.26 -27.30
N ILE A 754 50.34 34.47 -28.12
CA ILE A 754 51.01 33.68 -29.15
C ILE A 754 51.53 34.59 -30.26
N LEU A 755 50.84 35.72 -30.51
CA LEU A 755 51.35 36.66 -31.50
C LEU A 755 52.57 37.41 -31.00
N VAL A 756 52.62 37.75 -29.71
CA VAL A 756 53.78 38.39 -29.11
C VAL A 756 54.75 37.37 -28.53
N ILE A 757 54.60 36.09 -28.88
CA ILE A 757 55.59 35.10 -28.48
C ILE A 757 56.87 35.28 -29.29
N LEU A 758 56.73 35.68 -30.56
CA LEU A 758 57.87 35.99 -31.42
C LEU A 758 58.35 37.43 -31.26
N CYS A 759 57.80 38.16 -30.29
CA CYS A 759 58.22 39.55 -30.07
C CYS A 759 59.59 39.62 -29.40
N THR A 760 59.99 38.58 -28.69
CA THR A 760 61.31 38.53 -28.09
C THR A 760 62.35 37.90 -29.01
N VAL A 761 61.97 37.55 -30.23
CA VAL A 761 62.91 36.91 -31.16
C VAL A 761 63.93 37.91 -31.66
N TYR A 762 63.46 39.09 -32.10
CA TYR A 762 64.36 40.11 -32.61
C TYR A 762 65.10 40.86 -31.51
N ALA A 763 64.74 40.66 -30.24
CA ALA A 763 65.44 41.33 -29.16
C ALA A 763 66.81 40.73 -28.91
N PHE A 764 66.96 39.43 -29.17
CA PHE A 764 68.24 38.76 -28.91
C PHE A 764 69.27 39.12 -29.97
N LYS A 765 68.84 39.26 -31.22
CA LYS A 765 69.78 39.54 -32.30
C LYS A 765 70.23 40.99 -32.28
N THR A 766 69.29 41.92 -32.09
CA THR A 766 69.59 43.35 -32.05
C THR A 766 69.89 43.83 -30.64
N ARG A 767 70.42 42.97 -29.78
CA ARG A 767 70.66 43.36 -28.40
C ARG A 767 71.90 44.25 -28.25
N LYS A 768 72.77 44.29 -29.25
CA LYS A 768 74.02 45.03 -29.13
C LYS A 768 74.36 45.89 -30.34
N CYS A 769 73.55 45.89 -31.40
CA CYS A 769 73.82 46.66 -32.61
C CYS A 769 72.68 47.66 -32.80
N PRO A 770 72.82 48.88 -32.26
CA PRO A 770 71.77 49.89 -32.48
C PRO A 770 71.90 50.54 -33.85
N GLU A 771 70.83 50.50 -34.63
CA GLU A 771 70.75 51.26 -35.86
C GLU A 771 70.33 52.70 -35.63
N ASN A 772 70.14 53.10 -34.37
CA ASN A 772 69.78 54.46 -34.02
C ASN A 772 70.50 54.79 -32.71
N PHE A 773 70.05 55.84 -32.03
CA PHE A 773 70.70 56.30 -30.81
C PHE A 773 70.53 55.30 -29.67
N ASN A 774 69.29 54.91 -29.38
CA ASN A 774 69.05 53.96 -28.31
C ASN A 774 67.98 52.94 -28.70
N GLU A 775 67.87 52.64 -30.00
CA GLU A 775 66.84 51.73 -30.47
C GLU A 775 67.11 50.27 -30.11
N ALA A 776 68.34 49.94 -29.72
CA ALA A 776 68.63 48.58 -29.28
C ALA A 776 68.35 48.41 -27.79
N LYS A 777 68.40 49.49 -27.02
CA LYS A 777 68.17 49.41 -25.58
C LYS A 777 66.74 49.74 -25.20
N PHE A 778 66.18 50.81 -25.79
CA PHE A 778 64.83 51.23 -25.42
C PHE A 778 63.78 50.30 -25.99
N ILE A 779 64.07 49.63 -27.10
CA ILE A 779 63.09 48.79 -27.78
C ILE A 779 63.45 47.33 -27.55
N GLY A 780 64.75 47.04 -27.42
CA GLY A 780 65.18 45.67 -27.17
C GLY A 780 64.81 45.19 -25.79
N PHE A 781 64.96 46.06 -24.79
CA PHE A 781 64.51 45.71 -23.44
C PHE A 781 63.00 45.84 -23.29
N THR A 782 62.33 46.47 -24.25
CA THR A 782 60.89 46.66 -24.15
C THR A 782 60.13 45.36 -24.34
N MET A 783 60.49 44.59 -25.38
CA MET A 783 59.79 43.34 -25.66
C MET A 783 60.06 42.29 -24.59
N TYR A 784 61.22 42.37 -23.93
CA TYR A 784 61.43 41.55 -22.74
C TYR A 784 60.55 42.04 -21.60
N THR A 785 60.39 43.35 -21.46
CA THR A 785 59.52 43.89 -20.42
C THR A 785 58.04 43.73 -20.78
N THR A 786 57.72 43.70 -22.08
CA THR A 786 56.33 43.56 -22.48
C THR A 786 55.82 42.15 -22.23
N CYS A 787 56.67 41.14 -22.44
CA CYS A 787 56.26 39.77 -22.20
C CYS A 787 56.20 39.43 -20.72
N ILE A 788 56.79 40.27 -19.86
CA ILE A 788 56.81 39.99 -18.43
C ILE A 788 55.42 40.12 -17.84
N ILE A 789 54.80 41.30 -18.00
CA ILE A 789 53.46 41.52 -17.48
C ILE A 789 52.43 40.74 -18.28
N TRP A 790 52.74 40.43 -19.54
CA TRP A 790 51.83 39.63 -20.35
C TRP A 790 51.75 38.20 -19.83
N LEU A 791 52.86 37.67 -19.33
CA LEU A 791 52.85 36.35 -18.72
C LEU A 791 52.44 36.40 -17.26
N ALA A 792 52.51 37.58 -16.63
CA ALA A 792 52.25 37.67 -15.19
C ALA A 792 50.74 37.62 -14.90
N PHE A 793 49.96 38.43 -15.59
CA PHE A 793 48.54 38.55 -15.29
C PHE A 793 47.70 37.41 -15.83
N LEU A 794 48.31 36.46 -16.56
CA LEU A 794 47.52 35.38 -17.15
C LEU A 794 47.03 34.35 -16.13
N PRO A 795 47.86 33.75 -15.26
CA PRO A 795 47.27 32.74 -14.34
C PRO A 795 46.46 33.38 -13.21
N ILE A 796 46.71 34.64 -12.91
CA ILE A 796 45.94 35.32 -11.87
C ILE A 796 44.55 35.66 -12.36
N PHE A 797 44.36 35.79 -13.67
CA PHE A 797 43.06 36.13 -14.24
C PHE A 797 42.05 35.01 -14.10
N TYR A 798 42.50 33.76 -13.90
CA TYR A 798 41.57 32.68 -13.64
C TYR A 798 41.01 32.76 -12.22
N VAL A 799 41.73 33.39 -11.31
CA VAL A 799 41.40 33.38 -9.88
C VAL A 799 41.23 34.82 -9.37
N THR A 800 39.98 35.27 -9.32
CA THR A 800 39.63 36.57 -8.75
C THR A 800 38.15 36.56 -8.38
N SER A 801 37.77 37.50 -7.54
CA SER A 801 36.37 37.69 -7.16
C SER A 801 35.83 39.05 -7.57
N SER A 802 36.55 40.12 -7.28
CA SER A 802 36.15 41.43 -7.78
C SER A 802 36.58 41.61 -9.23
N ASP A 803 37.71 41.01 -9.60
CA ASP A 803 38.23 40.84 -10.97
C ASP A 803 38.59 42.15 -11.67
N TYR A 804 38.53 43.29 -10.97
CA TYR A 804 38.74 44.57 -11.65
C TYR A 804 40.22 44.83 -11.90
N ARG A 805 41.04 44.79 -10.84
CA ARG A 805 42.44 45.16 -10.95
C ARG A 805 43.23 44.15 -11.75
N VAL A 806 42.80 42.89 -11.75
CA VAL A 806 43.48 41.91 -12.59
C VAL A 806 43.10 42.16 -14.06
N GLN A 807 41.95 42.77 -14.31
CA GLN A 807 41.57 43.14 -15.65
C GLN A 807 42.07 44.54 -16.00
N THR A 808 41.65 45.53 -15.22
CA THR A 808 41.88 46.92 -15.60
C THR A 808 43.32 47.36 -15.35
N THR A 809 43.82 47.13 -14.14
CA THR A 809 45.11 47.67 -13.76
C THR A 809 46.26 46.94 -14.45
N THR A 810 46.08 45.66 -14.73
CA THR A 810 47.11 44.94 -15.48
C THR A 810 47.14 45.34 -16.94
N MET A 811 46.00 45.76 -17.49
CA MET A 811 45.96 46.18 -18.89
C MET A 811 46.68 47.50 -19.09
N CYS A 812 46.44 48.47 -18.20
CA CYS A 812 47.15 49.74 -18.29
C CYS A 812 48.60 49.62 -17.86
N ILE A 813 48.96 48.56 -17.13
CA ILE A 813 50.35 48.32 -16.78
C ILE A 813 51.17 48.02 -18.03
N SER A 814 50.59 47.27 -18.96
CA SER A 814 51.22 47.10 -20.25
C SER A 814 51.17 48.39 -21.06
N VAL A 815 50.11 49.18 -20.89
CA VAL A 815 49.94 50.39 -21.68
C VAL A 815 50.90 51.48 -21.22
N SER A 816 51.17 51.55 -19.91
CA SER A 816 52.13 52.54 -19.42
C SER A 816 53.56 52.16 -19.80
N LEU A 817 53.88 50.87 -19.71
CA LEU A 817 55.24 50.43 -20.00
C LEU A 817 55.54 50.42 -21.49
N SER A 818 54.51 50.47 -22.35
CA SER A 818 54.74 50.41 -23.78
C SER A 818 55.31 51.73 -24.30
N GLY A 819 54.55 52.82 -24.14
CA GLY A 819 54.97 54.09 -24.71
C GLY A 819 56.10 54.75 -23.95
N PHE A 820 56.19 54.51 -22.65
CA PHE A 820 57.21 55.18 -21.86
C PHE A 820 58.58 54.51 -22.01
N VAL A 821 58.66 53.19 -21.81
CA VAL A 821 59.96 52.53 -21.79
C VAL A 821 60.50 52.33 -23.20
N VAL A 822 59.66 52.44 -24.22
CA VAL A 822 60.11 52.24 -25.59
C VAL A 822 60.01 53.53 -26.38
N LEU A 823 58.79 54.07 -26.52
CA LEU A 823 58.60 55.22 -27.37
C LEU A 823 58.98 56.52 -26.68
N GLY A 824 58.93 56.54 -25.34
CA GLY A 824 59.26 57.76 -24.63
C GLY A 824 60.74 58.08 -24.59
N CYS A 825 61.59 57.05 -24.62
CA CYS A 825 63.02 57.27 -24.51
C CYS A 825 63.61 57.93 -25.75
N LEU A 826 62.97 57.75 -26.91
CA LEU A 826 63.47 58.36 -28.13
C LEU A 826 63.26 59.87 -28.12
N PHE A 827 62.23 60.35 -27.43
CA PHE A 827 61.92 61.77 -27.40
C PHE A 827 62.15 62.42 -26.04
N ALA A 828 62.68 61.68 -25.06
CA ALA A 828 62.87 62.26 -23.73
C ALA A 828 63.99 63.30 -23.68
N PRO A 829 65.19 63.08 -24.21
CA PRO A 829 66.12 64.21 -24.30
C PRO A 829 65.98 65.04 -25.56
N LYS A 830 65.04 64.71 -26.43
CA LYS A 830 64.85 65.45 -27.68
C LYS A 830 64.32 66.85 -27.41
N VAL A 831 63.34 66.95 -26.50
CA VAL A 831 62.68 68.16 -25.98
C VAL A 831 62.38 69.25 -27.01
N ARG B 39 -49.92 -37.15 18.97
CA ARG B 39 -50.13 -38.42 19.67
C ARG B 39 -48.83 -38.88 20.28
N GLU B 40 -48.45 -38.24 21.38
CA GLU B 40 -47.19 -38.54 22.03
C GLU B 40 -47.27 -39.85 22.79
N ILE B 41 -46.11 -40.39 23.11
CA ILE B 41 -45.98 -41.45 24.11
C ILE B 41 -44.96 -40.99 25.12
N LYS B 42 -45.28 -41.15 26.41
CA LYS B 42 -44.45 -40.68 27.52
C LYS B 42 -44.22 -41.88 28.43
N ILE B 43 -43.16 -42.63 28.17
CA ILE B 43 -42.81 -43.80 28.96
C ILE B 43 -41.90 -43.35 30.09
N GLU B 44 -42.30 -43.64 31.33
CA GLU B 44 -41.64 -43.07 32.49
C GLU B 44 -40.29 -43.73 32.74
N GLY B 45 -39.56 -43.20 33.70
CA GLY B 45 -38.26 -43.73 34.07
C GLY B 45 -37.70 -42.92 35.21
N ASP B 46 -36.46 -43.28 35.59
CA ASP B 46 -35.76 -42.50 36.62
C ASP B 46 -35.45 -41.10 36.11
N LEU B 47 -35.04 -40.99 34.86
CA LEU B 47 -35.02 -39.72 34.15
C LEU B 47 -35.25 -40.00 32.68
N VAL B 48 -35.97 -39.10 32.03
CA VAL B 48 -36.59 -39.34 30.75
C VAL B 48 -35.95 -38.45 29.68
N LEU B 49 -35.69 -39.02 28.51
CA LEU B 49 -35.21 -38.28 27.35
C LEU B 49 -36.36 -37.94 26.42
N GLY B 50 -36.16 -36.89 25.63
CA GLY B 50 -37.18 -36.41 24.74
C GLY B 50 -36.71 -36.39 23.30
N GLY B 51 -37.66 -36.62 22.39
CA GLY B 51 -37.27 -36.71 21.00
C GLY B 51 -38.28 -36.25 19.96
N LEU B 52 -37.78 -35.62 18.91
CA LEU B 52 -38.58 -35.14 17.81
C LEU B 52 -38.24 -35.92 16.54
N PHE B 53 -39.27 -36.23 15.75
CA PHE B 53 -39.11 -37.05 14.56
C PHE B 53 -40.19 -36.68 13.56
N PRO B 54 -39.92 -36.79 12.26
CA PRO B 54 -40.99 -36.67 11.28
C PRO B 54 -41.84 -37.94 11.28
N ILE B 55 -43.11 -37.80 11.64
CA ILE B 55 -44.08 -38.87 11.47
C ILE B 55 -45.24 -38.24 10.69
N ASN B 56 -44.90 -37.28 9.83
CA ASN B 56 -45.92 -36.69 8.98
C ASN B 56 -45.28 -36.20 7.70
N GLU B 57 -46.12 -36.05 6.68
CA GLU B 57 -45.67 -35.57 5.37
C GLU B 57 -45.60 -34.05 5.34
N ARG B 67 -49.50 -37.97 5.36
CA ARG B 67 -49.00 -39.32 5.13
C ARG B 67 -47.92 -39.67 6.14
N ILE B 68 -47.60 -40.96 6.26
CA ILE B 68 -46.59 -41.45 7.17
C ILE B 68 -45.31 -41.67 6.39
N ASN B 69 -44.26 -40.95 6.76
CA ASN B 69 -42.98 -41.09 6.10
C ASN B 69 -42.21 -42.25 6.70
N GLU B 70 -41.78 -43.19 5.84
CA GLU B 70 -41.06 -44.37 6.29
C GLU B 70 -39.59 -44.37 5.96
N ASP B 71 -39.17 -43.62 4.94
CA ASP B 71 -37.76 -43.59 4.58
C ASP B 71 -36.96 -42.76 5.56
N ARG B 72 -37.31 -41.48 5.70
CA ARG B 72 -36.65 -40.58 6.63
C ARG B 72 -37.43 -40.43 7.93
N GLY B 73 -38.51 -41.18 8.11
CA GLY B 73 -39.37 -40.94 9.23
C GLY B 73 -39.41 -42.03 10.29
N ILE B 74 -40.46 -42.85 10.25
CA ILE B 74 -40.78 -43.77 11.33
C ILE B 74 -39.74 -44.88 11.49
N GLN B 75 -38.89 -45.08 10.47
CA GLN B 75 -37.75 -45.97 10.61
C GLN B 75 -36.79 -45.47 11.67
N ARG B 76 -36.64 -44.15 11.77
CA ARG B 76 -35.73 -43.58 12.75
C ARG B 76 -36.31 -43.67 14.15
N LEU B 77 -37.61 -43.43 14.29
CA LEU B 77 -38.21 -43.49 15.62
C LEU B 77 -38.30 -44.92 16.12
N GLU B 78 -38.35 -45.89 15.23
CA GLU B 78 -38.20 -47.28 15.68
C GLU B 78 -36.79 -47.52 16.20
N ALA B 79 -35.80 -46.85 15.65
CA ALA B 79 -34.42 -47.06 16.08
C ALA B 79 -34.13 -46.33 17.37
N MET B 80 -34.74 -45.16 17.57
CA MET B 80 -34.52 -44.44 18.81
C MET B 80 -35.14 -45.16 19.99
N LEU B 81 -36.22 -45.91 19.76
CA LEU B 81 -36.73 -46.77 20.81
C LEU B 81 -35.82 -47.97 21.04
N PHE B 82 -35.17 -48.46 19.98
CA PHE B 82 -34.40 -49.70 20.05
C PHE B 82 -33.15 -49.55 20.93
N ALA B 83 -32.58 -48.35 20.98
CA ALA B 83 -31.38 -48.14 21.78
C ALA B 83 -31.68 -48.21 23.27
N ILE B 84 -32.79 -47.60 23.70
CA ILE B 84 -33.14 -47.58 25.11
C ILE B 84 -33.53 -48.97 25.61
N ASP B 85 -34.00 -49.84 24.73
CA ASP B 85 -34.21 -51.24 25.09
C ASP B 85 -32.90 -51.96 25.38
N GLU B 86 -31.78 -51.43 24.89
CA GLU B 86 -30.48 -51.99 25.21
C GLU B 86 -29.82 -51.29 26.38
N ILE B 87 -29.92 -49.96 26.45
CA ILE B 87 -29.17 -49.19 27.44
C ILE B 87 -29.76 -49.40 28.84
N ASN B 88 -31.08 -49.39 28.95
CA ASN B 88 -31.70 -49.71 30.23
C ASN B 88 -31.57 -51.17 30.62
N LYS B 89 -31.19 -52.05 29.68
CA LYS B 89 -31.03 -53.48 29.95
C LYS B 89 -29.58 -53.89 30.15
N ASP B 90 -28.69 -53.50 29.23
CA ASP B 90 -27.28 -53.84 29.36
C ASP B 90 -26.68 -53.02 30.51
N ASP B 91 -26.25 -53.71 31.56
CA ASP B 91 -25.72 -53.07 32.74
C ASP B 91 -24.26 -52.67 32.61
N TYR B 92 -23.67 -52.75 31.41
CA TYR B 92 -22.33 -52.22 31.21
C TYR B 92 -22.32 -50.70 31.34
N LEU B 93 -23.31 -50.04 30.73
CA LEU B 93 -23.59 -48.63 30.98
C LEU B 93 -24.63 -48.59 32.11
N LEU B 94 -25.34 -47.46 32.28
CA LEU B 94 -26.03 -46.95 33.47
C LEU B 94 -26.85 -48.01 34.20
N PRO B 95 -26.36 -48.44 35.38
CA PRO B 95 -26.97 -49.60 36.04
C PRO B 95 -28.35 -49.36 36.64
N GLY B 96 -28.48 -48.33 37.47
CA GLY B 96 -29.65 -48.21 38.31
C GLY B 96 -30.74 -47.30 37.77
N VAL B 97 -30.35 -46.13 37.28
CA VAL B 97 -31.32 -45.14 36.83
C VAL B 97 -31.94 -45.58 35.52
N LYS B 98 -33.18 -46.08 35.59
CA LYS B 98 -33.86 -46.58 34.41
C LYS B 98 -34.29 -45.43 33.51
N LEU B 99 -33.91 -45.50 32.24
CA LEU B 99 -34.23 -44.43 31.31
C LEU B 99 -35.68 -44.53 30.86
N GLY B 100 -36.31 -43.36 30.70
CA GLY B 100 -37.63 -43.27 30.11
C GLY B 100 -37.58 -42.44 28.83
N VAL B 101 -38.69 -42.44 28.11
CA VAL B 101 -38.76 -41.73 26.85
C VAL B 101 -40.07 -40.98 26.77
N HIS B 102 -40.03 -39.81 26.12
CA HIS B 102 -41.24 -39.01 25.89
C HIS B 102 -41.02 -38.26 24.58
N ILE B 103 -41.70 -38.70 23.52
CA ILE B 103 -41.40 -38.23 22.17
C ILE B 103 -42.66 -37.69 21.51
N LEU B 104 -42.45 -36.82 20.53
CA LEU B 104 -43.51 -36.06 19.89
C LEU B 104 -43.48 -36.33 18.39
N ASP B 105 -44.30 -35.60 17.65
CA ASP B 105 -44.40 -35.74 16.20
C ASP B 105 -44.13 -34.39 15.57
N THR B 106 -42.95 -34.24 14.96
CA THR B 106 -42.54 -32.90 14.58
C THR B 106 -43.27 -32.37 13.34
N CYS B 107 -43.76 -33.25 12.46
CA CYS B 107 -44.58 -32.95 11.30
C CYS B 107 -43.98 -31.92 10.35
N SER B 108 -42.68 -31.63 10.43
CA SER B 108 -41.86 -30.81 9.53
C SER B 108 -42.31 -29.36 9.34
N ARG B 109 -43.35 -28.92 10.04
CA ARG B 109 -43.78 -27.54 10.01
C ARG B 109 -43.28 -26.86 11.28
N ASP B 110 -42.54 -25.76 11.09
CA ASP B 110 -41.80 -25.12 12.18
C ASP B 110 -42.71 -24.67 13.30
N THR B 111 -43.72 -23.89 12.98
CA THR B 111 -44.64 -23.42 14.01
C THR B 111 -45.68 -24.49 14.34
N TYR B 112 -45.58 -25.68 13.75
CA TYR B 112 -46.21 -26.84 14.36
C TYR B 112 -45.24 -27.63 15.24
N ALA B 113 -43.94 -27.43 15.10
CA ALA B 113 -43.06 -28.08 16.05
C ALA B 113 -43.01 -27.31 17.37
N LEU B 114 -43.10 -25.98 17.31
CA LEU B 114 -42.98 -25.16 18.52
C LEU B 114 -44.22 -25.18 19.38
N GLU B 115 -45.40 -25.45 18.79
CA GLU B 115 -46.57 -25.69 19.62
C GLU B 115 -46.45 -26.99 20.39
N GLN B 116 -45.65 -27.94 19.90
CA GLN B 116 -45.37 -29.14 20.67
C GLN B 116 -44.32 -28.89 21.74
N SER B 117 -43.32 -28.06 21.42
CA SER B 117 -42.07 -28.06 22.16
C SER B 117 -42.18 -27.45 23.56
N LEU B 118 -43.23 -26.69 23.83
CA LEU B 118 -43.41 -26.17 25.19
C LEU B 118 -43.85 -27.26 26.14
N GLU B 119 -44.52 -28.31 25.62
CA GLU B 119 -44.96 -29.42 26.45
C GLU B 119 -43.79 -30.22 26.99
N PHE B 120 -42.62 -30.12 26.36
CA PHE B 120 -41.38 -30.51 27.01
C PHE B 120 -41.14 -29.66 28.26
N VAL B 121 -41.13 -28.34 28.08
CA VAL B 121 -40.59 -27.46 29.11
C VAL B 121 -41.66 -26.96 30.07
N ARG B 122 -42.85 -27.55 30.05
CA ARG B 122 -43.83 -27.25 31.09
C ARG B 122 -43.50 -27.91 32.43
N ALA B 123 -42.40 -28.66 32.52
CA ALA B 123 -41.92 -29.24 33.75
C ALA B 123 -40.71 -28.51 34.32
N SER B 124 -40.55 -27.23 34.01
CA SER B 124 -39.48 -26.42 34.60
C SER B 124 -39.90 -24.96 34.77
N LEU B 148 -41.13 -35.79 34.94
CA LEU B 148 -40.94 -35.71 33.49
C LEU B 148 -39.88 -34.67 33.14
N LEU B 149 -39.00 -34.37 34.10
CA LEU B 149 -37.85 -33.52 33.83
C LEU B 149 -36.92 -34.21 32.85
N ILE B 150 -36.34 -33.44 31.95
CA ILE B 150 -35.74 -33.97 30.73
C ILE B 150 -34.36 -33.36 30.57
N ALA B 151 -33.33 -34.21 30.55
CA ALA B 151 -31.96 -33.74 30.57
C ALA B 151 -31.43 -33.42 29.19
N GLY B 152 -32.31 -33.16 28.24
CA GLY B 152 -31.94 -32.88 26.87
C GLY B 152 -33.00 -33.43 25.96
N VAL B 153 -33.02 -32.92 24.74
CA VAL B 153 -33.94 -33.41 23.73
C VAL B 153 -33.13 -33.91 22.56
N ILE B 154 -33.50 -35.08 22.04
CA ILE B 154 -32.75 -35.68 20.94
C ILE B 154 -33.41 -35.29 19.63
N GLY B 155 -32.61 -34.74 18.74
CA GLY B 155 -33.00 -34.62 17.36
C GLY B 155 -33.91 -33.48 16.94
N GLY B 156 -33.47 -32.77 15.93
CA GLY B 156 -34.35 -32.06 15.04
C GLY B 156 -33.92 -32.50 13.66
N SER B 157 -34.80 -33.13 12.90
CA SER B 157 -34.38 -33.83 11.69
C SER B 157 -33.92 -32.87 10.61
N TYR B 158 -34.82 -32.01 10.13
CA TYR B 158 -34.50 -31.05 9.07
C TYR B 158 -33.59 -29.95 9.60
N SER B 159 -33.22 -29.03 8.72
CA SER B 159 -32.53 -27.86 9.25
C SER B 159 -33.52 -26.85 9.81
N SER B 160 -34.64 -26.65 9.13
CA SER B 160 -35.55 -25.60 9.54
C SER B 160 -36.39 -25.96 10.74
N VAL B 161 -36.40 -27.22 11.19
CA VAL B 161 -37.03 -27.52 12.46
C VAL B 161 -36.02 -27.47 13.59
N SER B 162 -34.74 -27.60 13.30
CA SER B 162 -33.78 -27.55 14.39
C SER B 162 -33.44 -26.13 14.76
N ILE B 163 -33.49 -25.21 13.81
CA ILE B 163 -33.25 -23.80 14.13
C ILE B 163 -34.41 -23.16 14.88
N GLN B 164 -35.53 -23.87 15.06
CA GLN B 164 -36.59 -23.32 15.87
C GLN B 164 -36.67 -23.94 17.26
N VAL B 165 -36.17 -25.15 17.47
CA VAL B 165 -35.96 -25.61 18.82
C VAL B 165 -34.50 -25.44 19.23
N ALA B 166 -33.79 -24.52 18.60
CA ALA B 166 -32.57 -24.02 19.17
C ALA B 166 -32.64 -22.54 19.47
N ASN B 167 -33.82 -21.94 19.35
CA ASN B 167 -34.10 -20.62 19.88
C ASN B 167 -35.17 -20.66 20.93
N LEU B 168 -35.48 -21.83 21.45
CA LEU B 168 -36.27 -21.98 22.65
C LEU B 168 -35.59 -22.85 23.67
N LEU B 169 -34.63 -23.69 23.25
CA LEU B 169 -33.86 -24.50 24.18
C LEU B 169 -32.48 -23.93 24.47
N ARG B 170 -32.21 -22.68 24.12
CA ARG B 170 -31.15 -22.01 24.87
C ARG B 170 -31.75 -21.31 26.07
N LEU B 171 -33.04 -20.98 26.00
CA LEU B 171 -33.73 -20.21 27.02
C LEU B 171 -34.12 -21.01 28.21
N PHE B 172 -33.63 -22.24 28.35
CA PHE B 172 -33.87 -23.00 29.56
C PHE B 172 -32.63 -23.77 29.97
N GLN B 173 -31.49 -23.48 29.35
CA GLN B 173 -30.18 -24.04 29.70
C GLN B 173 -30.18 -25.57 29.64
N ILE B 174 -30.70 -26.11 28.56
CA ILE B 174 -30.85 -27.55 28.36
C ILE B 174 -30.23 -27.90 27.02
N PRO B 175 -29.33 -28.87 26.94
CA PRO B 175 -28.60 -29.09 25.70
C PRO B 175 -29.37 -29.97 24.73
N GLN B 176 -28.92 -29.93 23.47
CA GLN B 176 -29.60 -30.62 22.39
C GLN B 176 -28.59 -31.36 21.53
N ILE B 177 -28.98 -32.55 21.06
CA ILE B 177 -28.20 -33.32 20.11
C ILE B 177 -29.11 -33.72 18.96
N SER B 178 -28.76 -33.30 17.74
CA SER B 178 -29.58 -33.55 16.58
C SER B 178 -28.89 -34.60 15.73
N TYR B 179 -29.64 -35.63 15.33
CA TYR B 179 -28.98 -36.78 14.74
C TYR B 179 -28.54 -36.54 13.31
N ALA B 180 -29.24 -35.71 12.55
CA ALA B 180 -28.91 -35.63 11.14
C ALA B 180 -28.89 -34.22 10.55
N SER B 181 -29.28 -33.19 11.28
CA SER B 181 -29.50 -31.88 10.68
C SER B 181 -28.19 -31.19 10.39
N THR B 182 -27.95 -30.89 9.12
CA THR B 182 -26.62 -30.50 8.68
C THR B 182 -26.54 -29.09 8.11
N SER B 183 -27.12 -28.10 8.77
CA SER B 183 -27.01 -26.75 8.23
C SER B 183 -25.65 -26.16 8.56
N ALA B 184 -25.46 -24.90 8.19
CA ALA B 184 -24.22 -24.23 8.48
C ALA B 184 -24.41 -22.93 9.23
N LYS B 185 -25.63 -22.54 9.55
CA LYS B 185 -25.84 -21.51 10.53
C LYS B 185 -25.96 -22.09 11.93
N LEU B 186 -25.93 -23.42 12.04
CA LEU B 186 -26.11 -24.11 13.31
C LEU B 186 -24.77 -24.48 13.93
N SER B 187 -23.72 -23.76 13.58
CA SER B 187 -22.45 -23.82 14.26
C SER B 187 -22.07 -22.47 14.83
N ASP B 188 -22.85 -21.43 14.57
CA ASP B 188 -22.58 -20.10 15.11
C ASP B 188 -22.90 -20.12 16.60
N LYS B 189 -21.93 -20.60 17.38
CA LYS B 189 -22.15 -20.87 18.80
C LYS B 189 -22.24 -19.61 19.64
N SER B 190 -22.05 -18.43 19.04
CA SER B 190 -22.35 -17.19 19.75
C SER B 190 -23.84 -17.07 20.03
N ARG B 191 -24.68 -17.54 19.11
CA ARG B 191 -26.09 -17.63 19.43
C ARG B 191 -26.39 -18.89 20.23
N TYR B 192 -26.11 -20.05 19.64
CA TYR B 192 -26.52 -21.34 20.22
C TYR B 192 -25.41 -21.84 21.13
N ASP B 193 -25.60 -21.70 22.43
CA ASP B 193 -24.69 -22.30 23.38
C ASP B 193 -25.14 -23.68 23.81
N TYR B 194 -26.15 -24.26 23.16
CA TYR B 194 -26.71 -25.50 23.65
C TYR B 194 -27.03 -26.46 22.50
N PHE B 195 -26.16 -26.54 21.50
CA PHE B 195 -26.48 -27.30 20.29
C PHE B 195 -25.26 -28.04 19.78
N ALA B 196 -25.28 -29.37 19.88
CA ALA B 196 -24.18 -30.22 19.43
C ALA B 196 -24.73 -31.33 18.56
N ARG B 197 -24.57 -31.20 17.25
CA ARG B 197 -24.99 -32.22 16.31
C ARG B 197 -23.86 -33.21 16.08
N THR B 198 -24.20 -34.35 15.51
CA THR B 198 -23.20 -35.37 15.25
C THR B 198 -22.72 -35.38 13.81
N VAL B 199 -23.62 -35.22 12.83
CA VAL B 199 -23.26 -35.19 11.41
C VAL B 199 -22.43 -33.95 11.11
N PRO B 200 -21.53 -34.00 10.14
CA PRO B 200 -20.62 -32.89 9.95
C PRO B 200 -21.33 -31.74 9.26
N PRO B 201 -20.91 -30.51 9.49
CA PRO B 201 -21.53 -29.39 8.80
C PRO B 201 -21.09 -29.38 7.36
N ASP B 202 -21.95 -28.85 6.51
CA ASP B 202 -21.67 -28.81 5.09
C ASP B 202 -20.84 -27.61 4.69
N PHE B 203 -20.16 -26.98 5.64
CA PHE B 203 -19.03 -26.13 5.34
C PHE B 203 -17.74 -26.90 5.33
N TYR B 204 -17.80 -28.24 5.37
CA TYR B 204 -16.62 -29.06 5.20
C TYR B 204 -16.47 -29.58 3.80
N GLN B 205 -17.56 -29.73 3.06
CA GLN B 205 -17.39 -30.12 1.67
C GLN B 205 -16.90 -28.98 0.81
N ALA B 206 -16.93 -27.75 1.32
CA ALA B 206 -16.17 -26.67 0.71
C ALA B 206 -14.70 -26.70 1.12
N LYS B 207 -14.32 -27.55 2.05
CA LYS B 207 -12.92 -27.82 2.35
C LYS B 207 -12.58 -29.27 2.12
N ALA B 208 -13.44 -30.01 1.44
CA ALA B 208 -13.11 -31.35 0.98
C ALA B 208 -12.65 -31.33 -0.46
N MET B 209 -13.52 -30.89 -1.37
CA MET B 209 -13.18 -30.83 -2.77
C MET B 209 -12.16 -29.74 -3.07
N ALA B 210 -12.12 -28.70 -2.24
CA ALA B 210 -11.10 -27.68 -2.41
C ALA B 210 -9.73 -28.15 -1.97
N GLU B 211 -9.59 -29.36 -1.42
CA GLU B 211 -8.28 -29.97 -1.19
C GLU B 211 -8.16 -31.33 -1.86
N ILE B 212 -8.88 -31.57 -2.95
CA ILE B 212 -8.49 -32.59 -3.91
C ILE B 212 -8.22 -32.03 -5.29
N LEU B 213 -8.64 -30.79 -5.58
CA LEU B 213 -8.30 -30.21 -6.85
C LEU B 213 -6.84 -29.79 -6.88
N ARG B 214 -6.34 -29.25 -5.75
CA ARG B 214 -4.91 -29.02 -5.63
C ARG B 214 -4.13 -30.33 -5.58
N PHE B 215 -4.79 -31.43 -5.20
CA PHE B 215 -4.16 -32.73 -5.35
C PHE B 215 -4.08 -33.14 -6.80
N PHE B 216 -5.02 -32.69 -7.63
CA PHE B 216 -5.00 -33.08 -9.03
C PHE B 216 -4.57 -31.96 -9.95
N ASN B 217 -4.33 -30.76 -9.41
CA ASN B 217 -3.82 -29.59 -10.14
C ASN B 217 -4.77 -29.14 -11.24
N TRP B 218 -6.08 -29.25 -10.98
CA TRP B 218 -7.06 -28.73 -11.94
C TRP B 218 -7.42 -27.29 -11.59
N THR B 219 -6.44 -26.44 -11.38
CA THR B 219 -6.65 -25.23 -10.59
C THR B 219 -7.28 -24.08 -11.36
N TYR B 220 -8.33 -24.36 -12.13
CA TYR B 220 -9.08 -23.33 -12.85
C TYR B 220 -10.43 -23.96 -13.18
N VAL B 221 -11.49 -23.46 -12.56
CA VAL B 221 -12.74 -24.20 -12.43
C VAL B 221 -13.91 -23.35 -12.92
N SER B 222 -15.09 -23.94 -12.88
CA SER B 222 -16.31 -23.27 -13.32
C SER B 222 -17.47 -23.83 -12.50
N THR B 223 -18.03 -23.00 -11.61
CA THR B 223 -18.97 -23.44 -10.58
C THR B 223 -20.41 -23.25 -11.04
N VAL B 224 -21.32 -23.85 -10.28
CA VAL B 224 -22.77 -23.71 -10.46
C VAL B 224 -23.45 -24.06 -9.15
N ALA B 225 -24.39 -23.23 -8.71
CA ALA B 225 -25.03 -23.43 -7.43
C ALA B 225 -26.47 -23.85 -7.62
N SER B 226 -27.21 -23.90 -6.54
CA SER B 226 -28.66 -23.86 -6.55
C SER B 226 -29.11 -22.61 -5.81
N GLU B 227 -30.41 -22.35 -5.81
CA GLU B 227 -30.95 -21.16 -5.19
C GLU B 227 -31.69 -21.52 -3.92
N GLY B 228 -31.47 -20.73 -2.87
CA GLY B 228 -32.14 -20.97 -1.62
C GLY B 228 -31.18 -20.99 -0.44
N ASP B 229 -31.12 -22.13 0.24
CA ASP B 229 -30.26 -22.27 1.42
C ASP B 229 -29.06 -23.17 1.19
N TYR B 230 -29.17 -24.16 0.30
CA TYR B 230 -28.08 -25.10 0.13
C TYR B 230 -26.96 -24.50 -0.70
N GLY B 231 -27.30 -23.96 -1.85
CA GLY B 231 -26.27 -23.53 -2.78
C GLY B 231 -25.52 -22.30 -2.32
N GLU B 232 -26.26 -21.28 -1.88
CA GLU B 232 -25.66 -19.99 -1.56
C GLU B 232 -24.82 -20.05 -0.29
N THR B 233 -24.99 -21.09 0.53
CA THR B 233 -24.17 -21.23 1.74
C THR B 233 -22.85 -21.94 1.42
N GLY B 234 -22.92 -23.06 0.70
CA GLY B 234 -21.71 -23.80 0.40
C GLY B 234 -20.81 -23.08 -0.58
N ILE B 235 -21.39 -22.44 -1.60
CA ILE B 235 -20.60 -21.80 -2.64
C ILE B 235 -19.90 -20.56 -2.10
N GLU B 236 -20.60 -19.76 -1.31
CA GLU B 236 -19.97 -18.63 -0.64
C GLU B 236 -18.94 -19.09 0.38
N ALA B 237 -19.04 -20.34 0.86
CA ALA B 237 -17.96 -20.96 1.61
C ALA B 237 -17.00 -21.71 0.71
N PHE B 238 -17.33 -21.92 -0.55
CA PHE B 238 -16.39 -22.63 -1.42
C PHE B 238 -15.30 -21.71 -1.95
N GLU B 239 -15.66 -20.48 -2.29
CA GLU B 239 -14.66 -19.56 -2.82
C GLU B 239 -13.66 -19.14 -1.76
N GLN B 240 -14.15 -18.81 -0.56
CA GLN B 240 -13.25 -18.36 0.51
C GLN B 240 -12.43 -19.50 1.10
N GLU B 241 -12.80 -20.74 0.84
CA GLU B 241 -11.95 -21.88 1.16
C GLU B 241 -11.18 -22.39 -0.05
N ALA B 242 -11.19 -21.65 -1.15
CA ALA B 242 -10.41 -22.02 -2.33
C ALA B 242 -9.24 -21.08 -2.59
N ARG B 243 -9.37 -19.80 -2.23
CA ARG B 243 -8.30 -18.84 -2.48
C ARG B 243 -7.05 -19.12 -1.66
N LEU B 244 -7.17 -19.88 -0.58
CA LEU B 244 -5.98 -20.33 0.14
C LEU B 244 -5.23 -21.37 -0.66
N ARG B 245 -5.94 -22.29 -1.30
CA ARG B 245 -5.32 -23.43 -1.97
C ARG B 245 -4.97 -23.14 -3.42
N ASN B 246 -4.98 -21.86 -3.82
CA ASN B 246 -4.66 -21.39 -5.18
C ASN B 246 -5.54 -22.07 -6.23
N ILE B 247 -6.85 -21.84 -6.09
CA ILE B 247 -7.86 -22.39 -6.98
C ILE B 247 -8.67 -21.21 -7.49
N CYS B 248 -8.91 -21.17 -8.80
CA CYS B 248 -9.11 -19.90 -9.47
C CYS B 248 -10.36 -20.01 -10.35
N ILE B 249 -11.48 -19.47 -9.86
CA ILE B 249 -12.78 -19.66 -10.51
C ILE B 249 -12.86 -18.86 -11.80
N ALA B 250 -13.79 -19.26 -12.67
CA ALA B 250 -14.06 -18.53 -13.90
C ALA B 250 -15.47 -17.96 -13.93
N THR B 251 -16.49 -18.80 -13.83
CA THR B 251 -17.88 -18.36 -13.91
C THR B 251 -18.63 -18.75 -12.65
N ALA B 252 -19.85 -18.23 -12.52
CA ALA B 252 -20.66 -18.49 -11.33
C ALA B 252 -22.13 -18.31 -11.71
N GLU B 253 -22.83 -19.42 -11.92
CA GLU B 253 -24.23 -19.36 -12.25
C GLU B 253 -25.10 -19.46 -11.01
N LYS B 254 -26.42 -19.39 -11.20
CA LYS B 254 -27.38 -19.60 -10.11
C LYS B 254 -28.70 -20.05 -10.74
N VAL B 255 -28.95 -21.35 -10.73
CA VAL B 255 -30.21 -21.86 -11.25
C VAL B 255 -31.32 -21.55 -10.27
N GLY B 256 -32.45 -21.08 -10.78
CA GLY B 256 -33.61 -20.80 -9.95
C GLY B 256 -34.61 -21.93 -9.87
N SER B 263 -31.45 -20.52 -18.59
CA SER B 263 -32.00 -20.88 -17.29
C SER B 263 -32.37 -22.35 -17.25
N TYR B 264 -33.25 -22.75 -18.16
CA TYR B 264 -33.68 -24.15 -18.19
C TYR B 264 -32.55 -25.05 -18.71
N ASP B 265 -32.16 -24.86 -19.96
CA ASP B 265 -31.00 -25.53 -20.52
C ASP B 265 -29.97 -24.57 -21.07
N SER B 266 -30.30 -23.29 -21.18
CA SER B 266 -29.39 -22.25 -21.63
C SER B 266 -28.29 -21.93 -20.63
N VAL B 267 -28.37 -22.51 -19.43
CA VAL B 267 -27.30 -22.40 -18.45
C VAL B 267 -26.03 -23.03 -18.95
N ILE B 268 -26.13 -24.06 -19.80
CA ILE B 268 -24.91 -24.58 -20.41
C ILE B 268 -24.45 -23.65 -21.52
N ARG B 269 -25.37 -22.91 -22.14
CA ARG B 269 -25.00 -22.01 -23.22
C ARG B 269 -24.22 -20.81 -22.70
N GLU B 270 -24.43 -20.44 -21.45
CA GLU B 270 -23.57 -19.45 -20.81
C GLU B 270 -22.31 -20.07 -20.24
N LEU B 271 -22.17 -21.39 -20.33
CA LEU B 271 -21.05 -22.11 -19.75
C LEU B 271 -20.00 -22.51 -20.77
N LEU B 272 -20.39 -22.72 -22.03
CA LEU B 272 -19.41 -23.06 -23.05
C LEU B 272 -18.49 -21.90 -23.41
N GLN B 273 -18.87 -20.67 -23.10
CA GLN B 273 -18.05 -19.51 -23.46
C GLN B 273 -17.01 -19.20 -22.38
N LYS B 274 -16.30 -20.23 -21.96
CA LYS B 274 -15.07 -20.21 -21.19
C LYS B 274 -14.45 -21.59 -21.35
N PRO B 275 -14.07 -21.96 -22.58
CA PRO B 275 -13.89 -23.38 -22.90
C PRO B 275 -12.54 -23.96 -22.53
N ASN B 276 -11.73 -23.27 -21.74
CA ASN B 276 -10.61 -23.90 -21.07
C ASN B 276 -10.92 -24.22 -19.62
N ALA B 277 -12.13 -23.91 -19.15
CA ALA B 277 -12.63 -24.35 -17.86
C ALA B 277 -13.47 -25.60 -18.10
N ARG B 278 -12.88 -26.77 -17.91
CA ARG B 278 -13.60 -28.02 -18.15
C ARG B 278 -13.66 -28.89 -16.91
N VAL B 279 -13.76 -28.27 -15.74
CA VAL B 279 -14.06 -28.96 -14.49
C VAL B 279 -15.24 -28.24 -13.83
N VAL B 280 -16.37 -28.93 -13.76
CA VAL B 280 -17.62 -28.32 -13.33
C VAL B 280 -17.83 -28.68 -11.86
N VAL B 281 -17.60 -27.73 -10.97
CA VAL B 281 -17.91 -27.92 -9.56
C VAL B 281 -19.42 -27.73 -9.40
N LEU B 282 -20.09 -28.80 -9.03
CA LEU B 282 -21.54 -28.87 -9.03
C LEU B 282 -21.99 -29.01 -7.58
N PHE B 283 -22.48 -27.92 -7.01
CA PHE B 283 -22.91 -27.87 -5.61
C PHE B 283 -24.42 -27.64 -5.62
N MET B 284 -25.17 -28.72 -5.76
CA MET B 284 -26.54 -28.59 -6.23
C MET B 284 -27.53 -29.30 -5.33
N ARG B 285 -28.78 -28.90 -5.50
CA ARG B 285 -29.95 -29.54 -4.91
C ARG B 285 -30.17 -30.92 -5.55
N SER B 286 -31.19 -31.65 -5.10
CA SER B 286 -31.44 -32.98 -5.65
C SER B 286 -32.11 -32.91 -7.02
N ASP B 287 -33.34 -32.42 -7.08
CA ASP B 287 -34.10 -32.46 -8.32
C ASP B 287 -33.70 -31.36 -9.28
N ASP B 288 -33.23 -30.21 -8.79
CA ASP B 288 -32.71 -29.16 -9.66
C ASP B 288 -31.30 -29.46 -10.15
N SER B 289 -30.77 -30.65 -9.89
CA SER B 289 -29.64 -31.20 -10.59
C SER B 289 -30.03 -32.37 -11.46
N ARG B 290 -31.33 -32.60 -11.64
CA ARG B 290 -31.78 -33.54 -12.68
C ARG B 290 -32.07 -32.79 -13.97
N GLU B 291 -32.70 -31.62 -13.89
CA GLU B 291 -33.06 -30.85 -15.06
C GLU B 291 -31.85 -30.30 -15.80
N LEU B 292 -30.68 -30.23 -15.15
CA LEU B 292 -29.47 -29.86 -15.87
C LEU B 292 -28.94 -31.04 -16.67
N ILE B 293 -28.72 -32.17 -15.99
CA ILE B 293 -28.08 -33.32 -16.62
C ILE B 293 -28.97 -33.93 -17.70
N ALA B 294 -30.28 -33.99 -17.46
CA ALA B 294 -31.18 -34.48 -18.49
C ALA B 294 -31.28 -33.50 -19.65
N ALA B 295 -31.03 -32.21 -19.42
CA ALA B 295 -30.91 -31.27 -20.52
C ALA B 295 -29.47 -31.03 -20.92
N ALA B 296 -28.51 -31.72 -20.31
CA ALA B 296 -27.16 -31.71 -20.87
C ALA B 296 -26.97 -32.83 -21.87
N SER B 297 -27.98 -33.68 -22.05
CA SER B 297 -27.97 -34.62 -23.15
C SER B 297 -28.42 -33.99 -24.46
N ARG B 298 -28.97 -32.79 -24.40
CA ARG B 298 -29.32 -32.08 -25.63
C ARG B 298 -28.06 -31.61 -26.36
N ALA B 299 -27.21 -30.85 -25.67
CA ALA B 299 -26.01 -30.31 -26.29
C ALA B 299 -24.93 -31.36 -26.51
N ASN B 300 -24.98 -32.48 -25.77
CA ASN B 300 -24.08 -33.63 -25.91
C ASN B 300 -22.61 -33.26 -25.76
N ALA B 301 -22.32 -32.28 -24.92
CA ALA B 301 -20.97 -31.82 -24.67
C ALA B 301 -20.62 -32.14 -23.22
N SER B 302 -19.93 -33.26 -23.01
CA SER B 302 -19.68 -33.78 -21.68
C SER B 302 -18.61 -32.97 -20.97
N PHE B 303 -18.24 -33.44 -19.78
CA PHE B 303 -17.36 -32.68 -18.92
C PHE B 303 -16.70 -33.64 -17.93
N THR B 304 -16.10 -33.08 -16.89
CA THR B 304 -15.68 -33.81 -15.70
C THR B 304 -16.56 -33.34 -14.56
N TRP B 305 -17.54 -34.15 -14.19
CA TRP B 305 -18.53 -33.77 -13.18
C TRP B 305 -17.96 -34.09 -11.81
N VAL B 306 -17.43 -33.10 -11.13
CA VAL B 306 -17.22 -33.22 -9.69
C VAL B 306 -18.44 -32.63 -9.01
N ALA B 307 -19.03 -33.38 -8.09
CA ALA B 307 -20.30 -32.95 -7.54
C ALA B 307 -20.30 -33.15 -6.04
N SER B 308 -20.88 -32.19 -5.34
CA SER B 308 -21.10 -32.32 -3.91
C SER B 308 -22.34 -33.18 -3.67
N ASP B 309 -22.83 -33.17 -2.43
CA ASP B 309 -23.72 -34.18 -1.87
C ASP B 309 -25.05 -34.33 -2.61
N GLY B 310 -25.40 -33.40 -3.50
CA GLY B 310 -26.65 -33.48 -4.24
C GLY B 310 -26.77 -34.71 -5.11
N TRP B 311 -25.67 -35.24 -5.59
CA TRP B 311 -25.74 -36.53 -6.25
C TRP B 311 -25.94 -37.63 -5.23
N GLY B 312 -24.96 -37.81 -4.37
CA GLY B 312 -24.90 -38.98 -3.54
C GLY B 312 -24.75 -40.21 -4.41
N ALA B 313 -25.29 -41.32 -3.90
CA ALA B 313 -25.38 -42.56 -4.66
C ALA B 313 -26.78 -42.77 -5.22
N GLN B 314 -27.47 -41.69 -5.55
CA GLN B 314 -28.79 -41.80 -6.16
C GLN B 314 -28.62 -42.28 -7.60
N GLU B 315 -29.23 -43.42 -7.91
CA GLU B 315 -29.16 -43.98 -9.25
C GLU B 315 -30.18 -43.37 -10.19
N SER B 316 -31.06 -42.50 -9.70
CA SER B 316 -32.04 -41.83 -10.54
C SER B 316 -31.55 -40.50 -11.10
N ILE B 317 -30.54 -39.89 -10.47
CA ILE B 317 -29.97 -38.64 -10.98
C ILE B 317 -29.17 -38.86 -12.25
N ILE B 318 -28.82 -40.11 -12.56
CA ILE B 318 -28.10 -40.47 -13.75
C ILE B 318 -28.99 -41.36 -14.59
N LYS B 319 -30.29 -41.03 -14.60
CA LYS B 319 -31.40 -41.84 -15.13
C LYS B 319 -31.13 -42.51 -16.47
N GLY B 320 -30.69 -41.74 -17.47
CA GLY B 320 -30.42 -42.32 -18.76
C GLY B 320 -29.26 -41.68 -19.50
N SER B 321 -28.49 -40.86 -18.79
CA SER B 321 -27.44 -40.07 -19.39
C SER B 321 -26.07 -40.67 -19.14
N GLU B 322 -25.97 -42.01 -19.19
CA GLU B 322 -24.70 -42.68 -18.94
C GLU B 322 -23.66 -42.34 -19.99
N HIS B 323 -24.11 -42.08 -21.22
CA HIS B 323 -23.23 -41.56 -22.26
C HIS B 323 -22.94 -40.08 -22.10
N VAL B 324 -23.68 -39.39 -21.23
CA VAL B 324 -23.49 -37.96 -20.99
C VAL B 324 -22.82 -37.71 -19.64
N ALA B 325 -23.30 -38.37 -18.60
CA ALA B 325 -22.79 -38.17 -17.26
C ALA B 325 -21.67 -39.13 -16.92
N TYR B 326 -21.00 -39.67 -17.92
CA TYR B 326 -19.87 -40.57 -17.71
C TYR B 326 -18.71 -39.84 -17.06
N GLY B 327 -17.95 -40.56 -16.26
CA GLY B 327 -16.75 -40.00 -15.68
C GLY B 327 -16.97 -38.94 -14.64
N ALA B 328 -17.49 -39.31 -13.48
CA ALA B 328 -17.83 -38.34 -12.46
C ALA B 328 -17.37 -38.83 -11.09
N ILE B 329 -17.26 -37.88 -10.17
CA ILE B 329 -16.97 -38.16 -8.76
C ILE B 329 -17.99 -37.42 -7.90
N THR B 330 -18.27 -38.00 -6.73
CA THR B 330 -19.34 -37.48 -5.87
C THR B 330 -19.05 -37.91 -4.45
N LEU B 331 -19.73 -37.26 -3.50
CA LEU B 331 -19.50 -37.51 -2.08
C LEU B 331 -20.79 -37.96 -1.40
N GLU B 332 -20.63 -38.70 -0.31
CA GLU B 332 -21.74 -39.12 0.54
C GLU B 332 -21.15 -39.45 1.90
N LEU B 333 -22.02 -39.52 2.91
CA LEU B 333 -21.55 -39.79 4.26
C LEU B 333 -21.55 -41.28 4.56
N ALA B 334 -20.51 -41.73 5.25
CA ALA B 334 -20.31 -43.13 5.52
C ALA B 334 -21.12 -43.55 6.74
N SER B 335 -21.71 -44.75 6.65
CA SER B 335 -22.41 -45.30 7.80
C SER B 335 -22.44 -46.82 7.64
N GLN B 336 -21.66 -47.52 8.45
CA GLN B 336 -21.71 -48.97 8.49
C GLN B 336 -22.96 -49.35 9.27
N PRO B 337 -23.98 -49.87 8.61
CA PRO B 337 -25.29 -49.98 9.25
C PRO B 337 -25.36 -51.12 10.25
N VAL B 338 -26.23 -50.93 11.25
CA VAL B 338 -26.30 -51.87 12.37
C VAL B 338 -27.01 -53.14 11.91
N ARG B 339 -26.34 -54.29 12.07
CA ARG B 339 -26.86 -55.53 11.55
C ARG B 339 -28.04 -56.03 12.38
N GLN B 340 -27.89 -56.07 13.71
CA GLN B 340 -28.93 -56.61 14.57
C GLN B 340 -30.14 -55.71 14.69
N PHE B 341 -30.08 -54.49 14.16
CA PHE B 341 -31.28 -53.68 14.02
C PHE B 341 -32.26 -54.33 13.06
N ASP B 342 -31.75 -54.96 12.00
CA ASP B 342 -32.61 -55.75 11.14
C ASP B 342 -33.15 -56.97 11.86
N ARG B 343 -32.38 -57.50 12.82
CA ARG B 343 -32.92 -58.52 13.70
C ARG B 343 -33.93 -57.95 14.68
N TYR B 344 -33.87 -56.65 14.94
CA TYR B 344 -34.89 -56.01 15.77
C TYR B 344 -36.11 -55.62 14.94
N PHE B 345 -35.88 -54.84 13.89
CA PHE B 345 -36.99 -54.14 13.24
C PHE B 345 -37.81 -55.05 12.36
N GLN B 346 -37.18 -56.00 11.67
CA GLN B 346 -37.95 -56.97 10.89
C GLN B 346 -38.69 -57.94 11.79
N SER B 347 -38.30 -58.04 13.05
CA SER B 347 -39.07 -58.75 14.07
C SER B 347 -39.96 -57.75 14.81
N LEU B 348 -40.94 -57.23 14.09
CA LEU B 348 -41.91 -56.31 14.66
C LEU B 348 -43.21 -56.41 13.88
N ASN B 349 -44.27 -56.81 14.56
CA ASN B 349 -45.57 -57.01 13.94
C ASN B 349 -46.62 -56.18 14.67
N PRO B 350 -47.69 -55.73 13.99
CA PRO B 350 -48.71 -54.94 14.68
C PRO B 350 -49.71 -55.78 15.46
N TYR B 351 -49.21 -56.77 16.17
CA TYR B 351 -49.93 -57.47 17.21
C TYR B 351 -49.08 -57.65 18.45
N ASN B 352 -47.80 -57.28 18.38
CA ASN B 352 -46.88 -57.37 19.51
C ASN B 352 -46.13 -56.05 19.68
N ASN B 353 -46.74 -54.94 19.26
CA ASN B 353 -46.16 -53.62 19.45
C ASN B 353 -47.24 -52.73 20.07
N HIS B 354 -47.37 -52.81 21.39
CA HIS B 354 -48.25 -51.92 22.12
C HIS B 354 -47.53 -50.68 22.65
N ARG B 355 -46.20 -50.62 22.51
CA ARG B 355 -45.41 -49.52 23.02
C ARG B 355 -45.16 -48.45 21.96
N ASN B 356 -46.09 -48.25 21.04
CA ASN B 356 -45.97 -47.23 20.02
C ASN B 356 -47.37 -46.83 19.57
N PRO B 357 -47.58 -45.55 19.25
CA PRO B 357 -48.89 -45.13 18.72
C PRO B 357 -48.96 -45.08 17.21
N TRP B 358 -47.95 -45.59 16.50
CA TRP B 358 -47.86 -45.42 15.07
C TRP B 358 -47.52 -46.67 14.31
N PHE B 359 -47.22 -47.79 14.99
CA PHE B 359 -47.02 -49.04 14.27
C PHE B 359 -48.32 -49.53 13.63
N ARG B 360 -49.45 -49.30 14.30
CA ARG B 360 -50.73 -49.68 13.71
C ARG B 360 -51.12 -48.73 12.58
N ASP B 361 -50.73 -47.47 12.66
CA ASP B 361 -51.06 -46.53 11.61
C ASP B 361 -50.18 -46.70 10.38
N PHE B 362 -48.92 -47.07 10.59
CA PHE B 362 -48.01 -47.27 9.46
C PHE B 362 -48.35 -48.51 8.68
N TRP B 363 -48.96 -49.50 9.35
CA TRP B 363 -49.25 -50.79 8.73
C TRP B 363 -50.28 -50.69 7.61
N GLU B 364 -51.16 -49.68 7.69
CA GLU B 364 -52.07 -49.44 6.58
C GLU B 364 -51.33 -48.92 5.37
N GLN B 365 -50.64 -47.78 5.51
CA GLN B 365 -49.97 -47.14 4.40
C GLN B 365 -48.71 -47.86 3.95
N LYS B 366 -48.27 -48.88 4.67
CA LYS B 366 -47.17 -49.69 4.19
C LYS B 366 -47.58 -50.53 2.98
N PHE B 367 -48.80 -51.06 2.98
CA PHE B 367 -49.23 -51.99 1.96
C PHE B 367 -50.55 -51.58 1.31
N GLN B 368 -51.08 -50.40 1.66
CA GLN B 368 -52.38 -49.88 1.21
C GLN B 368 -53.52 -50.84 1.51
N CYS B 369 -53.41 -51.57 2.61
CA CYS B 369 -54.41 -52.56 3.00
C CYS B 369 -55.40 -51.94 3.98
N SER B 370 -56.63 -52.43 3.94
CA SER B 370 -57.69 -51.98 4.83
C SER B 370 -57.66 -52.68 6.18
N LEU B 371 -56.64 -53.49 6.45
CA LEU B 371 -56.52 -54.22 7.70
C LEU B 371 -56.16 -53.29 8.84
N LEU B 385 -50.12 -59.69 6.37
CA LEU B 385 -48.73 -59.94 5.99
C LEU B 385 -47.78 -59.54 7.11
N ALA B 386 -46.48 -59.51 6.80
CA ALA B 386 -45.47 -59.16 7.77
C ALA B 386 -44.27 -58.54 7.06
N ILE B 387 -43.39 -57.94 7.84
CA ILE B 387 -42.19 -57.31 7.32
C ILE B 387 -41.20 -58.40 6.92
N ASP B 388 -40.86 -58.46 5.64
CA ASP B 388 -39.82 -59.33 5.16
C ASP B 388 -38.54 -58.53 4.97
N SER B 389 -37.50 -59.19 4.51
CA SER B 389 -36.28 -58.49 4.13
C SER B 389 -36.33 -57.96 2.71
N SER B 390 -37.36 -58.32 1.95
CA SER B 390 -37.51 -57.86 0.58
C SER B 390 -38.17 -56.49 0.48
N ASN B 391 -38.59 -55.92 1.60
CA ASN B 391 -39.21 -54.61 1.60
C ASN B 391 -38.74 -53.75 2.76
N TYR B 392 -37.59 -54.07 3.34
CA TYR B 392 -37.05 -53.37 4.50
C TYR B 392 -35.63 -52.92 4.22
N GLU B 393 -35.43 -52.26 3.08
CA GLU B 393 -34.13 -51.71 2.71
C GLU B 393 -33.75 -50.63 3.71
N GLN B 394 -32.82 -50.98 4.60
CA GLN B 394 -32.59 -50.24 5.82
C GLN B 394 -31.92 -48.89 5.56
N GLU B 395 -32.40 -47.87 6.28
CA GLU B 395 -32.03 -46.48 6.07
C GLU B 395 -30.56 -46.22 6.44
N SER B 396 -29.95 -45.24 5.76
CA SER B 396 -28.52 -44.97 5.89
C SER B 396 -28.13 -44.07 7.06
N LYS B 397 -29.07 -43.63 7.88
CA LYS B 397 -28.74 -42.85 9.07
C LYS B 397 -29.26 -43.47 10.35
N ILE B 398 -29.59 -44.75 10.32
CA ILE B 398 -29.99 -45.46 11.54
C ILE B 398 -28.82 -45.54 12.49
N MET B 399 -27.59 -45.58 11.97
CA MET B 399 -26.45 -45.54 12.86
C MET B 399 -26.31 -44.17 13.50
N PHE B 400 -26.73 -43.09 12.82
CA PHE B 400 -26.56 -41.77 13.39
C PHE B 400 -27.55 -41.42 14.50
N VAL B 401 -28.64 -42.14 14.65
CA VAL B 401 -29.45 -41.91 15.85
C VAL B 401 -28.90 -42.71 17.03
N VAL B 402 -28.50 -43.96 16.81
CA VAL B 402 -27.99 -44.78 17.90
C VAL B 402 -26.54 -44.41 18.24
N ASN B 403 -25.86 -43.68 17.36
CA ASN B 403 -24.61 -43.09 17.79
C ASN B 403 -24.86 -41.89 18.67
N ALA B 404 -25.83 -41.06 18.32
CA ALA B 404 -26.01 -39.78 18.97
C ALA B 404 -27.03 -39.81 20.10
N VAL B 405 -27.63 -40.97 20.40
CA VAL B 405 -28.34 -41.12 21.66
C VAL B 405 -27.42 -41.70 22.72
N TYR B 406 -26.29 -42.29 22.33
CA TYR B 406 -25.33 -42.73 23.32
C TYR B 406 -24.59 -41.56 23.91
N ALA B 407 -24.32 -40.53 23.10
CA ALA B 407 -23.49 -39.41 23.55
C ALA B 407 -24.18 -38.53 24.56
N MET B 408 -25.38 -38.87 25.01
CA MET B 408 -25.87 -38.40 26.29
C MET B 408 -25.70 -39.46 27.36
N ALA B 409 -25.95 -40.72 27.03
CA ALA B 409 -25.94 -41.76 28.05
C ALA B 409 -24.54 -42.07 28.58
N HIS B 410 -23.49 -41.64 27.88
CA HIS B 410 -22.16 -41.67 28.46
C HIS B 410 -21.77 -40.34 29.09
N ALA B 411 -22.45 -39.26 28.75
CA ALA B 411 -22.27 -38.02 29.47
C ALA B 411 -23.21 -37.90 30.65
N LEU B 412 -23.90 -38.97 31.01
CA LEU B 412 -24.66 -39.06 32.24
C LEU B 412 -24.17 -40.17 33.16
N HIS B 413 -23.56 -41.22 32.59
CA HIS B 413 -22.86 -42.19 33.42
C HIS B 413 -21.59 -41.62 34.00
N LYS B 414 -21.02 -40.59 33.37
CA LYS B 414 -19.98 -39.84 34.05
C LYS B 414 -20.57 -38.99 35.16
N MET B 415 -21.81 -38.53 35.02
CA MET B 415 -22.41 -37.67 36.04
C MET B 415 -22.74 -38.46 37.30
N GLN B 416 -23.42 -39.60 37.16
CA GLN B 416 -23.84 -40.41 38.31
C GLN B 416 -22.68 -41.08 39.04
N ARG B 417 -21.47 -41.02 38.49
CA ARG B 417 -20.29 -41.49 39.19
C ARG B 417 -19.44 -40.34 39.72
N THR B 418 -19.07 -39.39 38.85
CA THR B 418 -18.12 -38.37 39.27
C THR B 418 -18.79 -37.31 40.12
N LEU B 419 -20.04 -36.97 39.85
CA LEU B 419 -20.71 -36.00 40.69
C LEU B 419 -21.36 -36.63 41.91
N CYS B 420 -21.55 -37.94 41.92
CA CYS B 420 -22.10 -38.66 43.07
C CYS B 420 -21.49 -40.04 43.19
N PRO B 421 -20.29 -40.16 43.75
CA PRO B 421 -19.73 -41.48 44.00
C PRO B 421 -20.43 -42.16 45.16
N ASN B 422 -20.34 -43.49 45.16
CA ASN B 422 -21.00 -44.37 46.14
C ASN B 422 -22.51 -44.16 46.16
N THR B 423 -23.08 -43.88 44.99
CA THR B 423 -24.52 -43.65 44.87
C THR B 423 -24.91 -43.98 43.43
N THR B 424 -25.52 -45.15 43.25
CA THR B 424 -25.92 -45.57 41.91
C THR B 424 -27.20 -44.90 41.46
N LYS B 425 -28.17 -44.75 42.36
CA LYS B 425 -29.46 -44.18 42.02
C LYS B 425 -29.41 -42.66 42.16
N LEU B 426 -30.58 -42.03 42.23
CA LEU B 426 -30.69 -40.58 42.42
C LEU B 426 -30.10 -40.19 43.77
N CYS B 427 -29.02 -39.42 43.73
CA CYS B 427 -28.22 -39.09 44.91
C CYS B 427 -28.57 -37.73 45.52
N ASP B 428 -29.74 -37.17 45.16
CA ASP B 428 -30.28 -35.87 45.58
C ASP B 428 -29.48 -34.68 45.06
N ALA B 429 -28.36 -34.91 44.38
CA ALA B 429 -27.73 -33.94 43.51
C ALA B 429 -28.15 -34.15 42.06
N MET B 430 -28.88 -35.23 41.79
CA MET B 430 -29.56 -35.44 40.53
C MET B 430 -30.97 -34.88 40.53
N LYS B 431 -31.34 -34.12 41.56
CA LYS B 431 -32.65 -33.47 41.58
C LYS B 431 -32.65 -32.24 40.68
N ILE B 432 -31.82 -31.26 41.01
CA ILE B 432 -31.68 -30.05 40.21
C ILE B 432 -30.45 -30.23 39.34
N LEU B 433 -30.63 -30.81 38.16
CA LEU B 433 -29.54 -31.14 37.26
C LEU B 433 -29.30 -29.94 36.36
N ASP B 434 -28.40 -29.05 36.79
CA ASP B 434 -28.15 -27.81 36.07
C ASP B 434 -27.45 -28.10 34.74
N GLY B 435 -28.09 -27.70 33.64
CA GLY B 435 -27.58 -28.06 32.33
C GLY B 435 -26.33 -27.31 31.92
N LYS B 436 -26.07 -26.15 32.53
CA LYS B 436 -24.91 -25.36 32.15
C LYS B 436 -23.62 -26.08 32.52
N LYS B 437 -23.59 -26.71 33.70
CA LYS B 437 -22.49 -27.58 34.08
C LYS B 437 -22.65 -28.99 33.51
N LEU B 438 -23.73 -29.27 32.80
CA LEU B 438 -23.84 -30.55 32.12
C LEU B 438 -23.19 -30.49 30.75
N TYR B 439 -23.64 -29.55 29.92
CA TYR B 439 -23.20 -29.53 28.52
C TYR B 439 -21.75 -29.08 28.42
N LYS B 440 -21.44 -27.91 28.97
CA LYS B 440 -20.14 -27.30 28.71
C LYS B 440 -19.00 -28.00 29.45
N ASP B 441 -19.29 -28.88 30.40
CA ASP B 441 -18.26 -29.50 31.21
C ASP B 441 -17.88 -30.89 30.73
N TYR B 442 -18.83 -31.82 30.72
CA TYR B 442 -18.48 -33.18 30.34
C TYR B 442 -19.56 -33.79 29.45
N LEU B 443 -19.97 -33.04 28.44
CA LEU B 443 -20.54 -33.59 27.22
C LEU B 443 -19.86 -33.04 25.99
N LEU B 444 -19.13 -31.93 26.11
CA LEU B 444 -18.57 -31.28 24.93
C LEU B 444 -17.44 -32.09 24.33
N LYS B 445 -16.59 -32.69 25.15
CA LYS B 445 -15.40 -33.37 24.66
C LYS B 445 -15.37 -34.84 25.06
N ILE B 446 -16.48 -35.54 24.88
CA ILE B 446 -16.55 -36.95 25.24
C ILE B 446 -15.87 -37.78 24.17
N ASN B 447 -15.57 -39.05 24.48
CA ASN B 447 -14.85 -39.92 23.56
C ASN B 447 -15.15 -41.37 23.97
N PHE B 448 -15.67 -42.15 23.04
CA PHE B 448 -16.08 -43.52 23.28
C PHE B 448 -16.28 -44.19 21.93
N THR B 449 -16.82 -45.40 21.92
CA THR B 449 -16.97 -46.17 20.69
C THR B 449 -18.44 -46.50 20.42
N ALA B 450 -18.78 -46.57 19.13
CA ALA B 450 -20.13 -46.88 18.74
C ALA B 450 -20.44 -48.35 18.95
N PRO B 451 -21.68 -48.70 19.28
CA PRO B 451 -22.03 -50.10 19.43
C PRO B 451 -22.15 -50.82 18.09
N PHE B 452 -21.93 -52.14 18.15
CA PHE B 452 -22.12 -53.08 17.04
C PHE B 452 -21.21 -52.77 15.84
N ASN B 453 -19.97 -52.39 16.12
CA ASN B 453 -19.00 -52.15 15.05
C ASN B 453 -17.58 -52.44 15.51
N PRO B 454 -16.74 -53.02 14.64
CA PRO B 454 -15.34 -53.27 15.01
C PRO B 454 -14.47 -52.04 14.81
N ASN B 455 -13.16 -52.24 14.93
CA ASN B 455 -12.14 -51.20 14.74
C ASN B 455 -12.34 -50.04 15.70
N LYS B 456 -12.20 -50.36 16.98
CA LYS B 456 -12.52 -49.44 18.08
C LYS B 456 -11.54 -48.29 18.22
N ASP B 457 -10.46 -48.25 17.44
CA ASP B 457 -9.54 -47.13 17.45
C ASP B 457 -9.41 -46.46 16.09
N ALA B 458 -10.20 -46.89 15.10
CA ALA B 458 -10.03 -46.38 13.74
C ALA B 458 -11.04 -45.30 13.39
N ASP B 459 -12.33 -45.61 13.45
CA ASP B 459 -13.35 -44.71 12.96
C ASP B 459 -14.54 -44.56 13.88
N SER B 460 -14.72 -45.44 14.86
CA SER B 460 -15.85 -45.36 15.78
C SER B 460 -15.58 -44.48 16.99
N ILE B 461 -14.50 -43.71 16.97
CA ILE B 461 -14.27 -42.71 18.02
C ILE B 461 -15.25 -41.58 17.77
N VAL B 462 -16.27 -41.47 18.62
CA VAL B 462 -17.33 -40.48 18.41
C VAL B 462 -16.85 -39.20 19.08
N LYS B 463 -15.93 -38.52 18.41
CA LYS B 463 -15.37 -37.33 19.00
C LYS B 463 -16.29 -36.16 18.76
N PHE B 464 -15.95 -35.03 19.33
CA PHE B 464 -16.56 -33.76 18.96
C PHE B 464 -15.43 -32.79 18.70
N ASP B 465 -15.74 -31.73 17.99
CA ASP B 465 -14.84 -30.61 17.94
C ASP B 465 -15.27 -29.63 19.02
N THR B 466 -14.76 -28.41 18.96
CA THR B 466 -15.13 -27.38 19.91
C THR B 466 -16.39 -26.62 19.51
N PHE B 467 -17.15 -27.13 18.54
CA PHE B 467 -18.37 -26.48 18.08
C PHE B 467 -19.62 -27.33 18.19
N GLY B 468 -19.51 -28.62 18.46
CA GLY B 468 -20.68 -29.46 18.50
C GLY B 468 -20.97 -30.09 17.16
N ASP B 469 -19.94 -30.66 16.54
CA ASP B 469 -20.05 -31.17 15.19
C ASP B 469 -19.01 -32.25 14.98
N GLY B 470 -19.46 -33.48 14.76
CA GLY B 470 -18.56 -34.60 14.61
C GLY B 470 -17.68 -34.49 13.39
N MET B 471 -16.67 -35.34 13.36
CA MET B 471 -15.69 -35.28 12.30
C MET B 471 -16.26 -35.83 11.01
N GLY B 472 -15.76 -35.32 9.88
CA GLY B 472 -16.26 -35.75 8.59
C GLY B 472 -15.69 -37.09 8.21
N ARG B 473 -16.57 -38.03 7.84
CA ARG B 473 -16.15 -39.33 7.34
C ARG B 473 -16.92 -39.60 6.04
N TYR B 474 -16.39 -39.11 4.93
CA TYR B 474 -17.08 -39.18 3.65
C TYR B 474 -16.63 -40.39 2.84
N ASN B 475 -17.43 -40.70 1.83
CA ASN B 475 -17.02 -41.60 0.75
C ASN B 475 -16.81 -40.78 -0.50
N VAL B 476 -15.99 -41.30 -1.41
CA VAL B 476 -15.77 -40.67 -2.71
C VAL B 476 -16.25 -41.67 -3.74
N PHE B 477 -17.51 -41.57 -4.14
CA PHE B 477 -18.00 -42.54 -5.09
C PHE B 477 -17.60 -42.14 -6.50
N ASN B 478 -17.65 -43.09 -7.42
CA ASN B 478 -17.31 -42.80 -8.79
C ASN B 478 -18.30 -43.47 -9.74
N PHE B 479 -18.45 -42.84 -10.91
CA PHE B 479 -19.24 -43.38 -12.01
C PHE B 479 -18.36 -44.08 -13.02
N GLN B 480 -17.26 -44.68 -12.55
CA GLN B 480 -16.37 -45.42 -13.42
C GLN B 480 -17.07 -46.69 -13.86
N ASN B 481 -17.77 -46.62 -14.99
CA ASN B 481 -18.52 -47.76 -15.46
C ASN B 481 -17.56 -48.82 -15.99
N VAL B 482 -17.65 -50.02 -15.43
CA VAL B 482 -16.93 -51.16 -15.97
C VAL B 482 -17.48 -51.52 -17.34
N GLY B 483 -18.76 -51.23 -17.59
CA GLY B 483 -19.37 -51.49 -18.87
C GLY B 483 -20.68 -52.22 -18.72
N GLY B 484 -21.15 -52.38 -17.48
CA GLY B 484 -22.43 -53.03 -17.30
C GLY B 484 -23.54 -52.11 -17.77
N LYS B 485 -23.89 -51.10 -16.98
CA LYS B 485 -24.44 -49.88 -17.58
C LYS B 485 -23.90 -48.63 -16.90
N TYR B 486 -23.93 -48.64 -15.56
CA TYR B 486 -23.53 -47.48 -14.77
C TYR B 486 -22.45 -47.82 -13.76
N SER B 487 -22.73 -48.76 -12.85
CA SER B 487 -21.83 -49.30 -11.82
C SER B 487 -21.10 -48.20 -11.04
N TYR B 488 -21.89 -47.48 -10.23
CA TYR B 488 -21.39 -46.70 -9.10
C TYR B 488 -20.27 -47.40 -8.36
N LEU B 489 -19.11 -46.74 -8.28
CA LEU B 489 -17.89 -47.35 -7.79
C LEU B 489 -17.39 -46.59 -6.58
N LYS B 490 -16.97 -47.32 -5.55
CA LYS B 490 -16.48 -46.75 -4.30
C LYS B 490 -14.96 -46.76 -4.33
N VAL B 491 -14.36 -45.63 -4.69
CA VAL B 491 -12.92 -45.60 -4.89
C VAL B 491 -12.22 -45.13 -3.62
N GLY B 492 -12.93 -45.15 -2.50
CA GLY B 492 -12.24 -44.98 -1.24
C GLY B 492 -12.94 -43.97 -0.36
N HIS B 493 -12.17 -43.42 0.58
CA HIS B 493 -12.70 -42.51 1.57
C HIS B 493 -11.63 -41.51 1.97
N TRP B 494 -11.97 -40.64 2.91
CA TRP B 494 -11.04 -39.71 3.53
C TRP B 494 -11.69 -39.19 4.80
N ALA B 495 -10.86 -38.81 5.77
CA ALA B 495 -11.36 -38.13 6.95
C ALA B 495 -10.74 -36.76 7.13
N GLU B 496 -9.41 -36.68 7.15
CA GLU B 496 -8.70 -35.41 7.25
C GLU B 496 -7.73 -35.16 6.10
N THR B 497 -7.29 -36.22 5.41
CA THR B 497 -6.50 -36.08 4.21
C THR B 497 -7.00 -37.10 3.20
N LEU B 498 -6.85 -36.77 1.93
CA LEU B 498 -7.41 -37.57 0.86
C LEU B 498 -6.71 -38.92 0.76
N SER B 499 -7.49 -39.97 0.62
CA SER B 499 -7.01 -41.35 0.61
C SER B 499 -7.64 -42.12 -0.54
N LEU B 500 -7.54 -41.55 -1.73
CA LEU B 500 -8.11 -42.13 -2.94
C LEU B 500 -7.43 -43.43 -3.31
N ASP B 501 -8.07 -44.18 -4.19
CA ASP B 501 -7.45 -45.31 -4.88
C ASP B 501 -7.32 -44.87 -6.34
N VAL B 502 -6.10 -44.50 -6.73
CA VAL B 502 -5.84 -43.55 -7.82
C VAL B 502 -6.27 -43.98 -9.21
N ASN B 503 -6.84 -45.18 -9.35
CA ASN B 503 -7.28 -45.67 -10.66
C ASN B 503 -8.73 -45.33 -10.96
N SER B 504 -9.10 -44.04 -10.83
CA SER B 504 -10.40 -43.56 -11.32
C SER B 504 -10.26 -42.07 -11.63
N ILE B 505 -9.98 -41.73 -12.89
CA ILE B 505 -9.89 -40.34 -13.33
C ILE B 505 -10.55 -40.17 -14.69
N HIS B 506 -11.38 -41.13 -15.07
CA HIS B 506 -11.84 -41.33 -16.44
C HIS B 506 -12.60 -40.11 -16.96
N TRP B 507 -12.10 -39.50 -18.04
CA TRP B 507 -12.74 -38.32 -18.60
C TRP B 507 -13.25 -38.54 -20.01
N SER B 508 -12.38 -38.90 -20.96
CA SER B 508 -12.79 -39.17 -22.33
C SER B 508 -12.55 -40.63 -22.70
N ARG B 509 -11.31 -41.10 -22.62
CA ARG B 509 -11.02 -42.52 -22.53
C ARG B 509 -10.22 -42.82 -21.27
N ASN B 510 -9.07 -42.17 -21.10
CA ASN B 510 -8.37 -42.10 -19.83
C ASN B 510 -7.59 -40.79 -19.86
N SER B 511 -8.22 -39.74 -19.34
CA SER B 511 -7.67 -38.41 -19.44
C SER B 511 -7.78 -37.72 -18.11
N VAL B 512 -6.74 -36.98 -17.73
CA VAL B 512 -6.75 -36.19 -16.51
C VAL B 512 -6.66 -34.73 -16.94
N PRO B 513 -7.78 -34.10 -17.32
CA PRO B 513 -7.70 -32.78 -17.95
C PRO B 513 -7.37 -31.70 -16.94
N THR B 514 -6.31 -30.96 -17.21
CA THR B 514 -5.84 -29.95 -16.27
C THR B 514 -6.77 -28.76 -16.20
N SER B 515 -7.47 -28.45 -17.30
CA SER B 515 -8.41 -27.34 -17.40
C SER B 515 -7.77 -26.00 -17.04
N GLN B 516 -6.49 -25.86 -17.35
CA GLN B 516 -5.69 -24.72 -16.93
C GLN B 516 -5.69 -23.64 -17.99
N CYS B 517 -5.62 -22.39 -17.56
CA CYS B 517 -5.82 -21.28 -18.48
C CYS B 517 -4.53 -20.90 -19.20
N SER B 518 -3.48 -20.60 -18.44
CA SER B 518 -2.35 -19.86 -19.00
C SER B 518 -1.42 -20.72 -19.83
N ASP B 519 -1.25 -22.01 -19.48
CA ASP B 519 -0.35 -22.97 -20.10
C ASP B 519 1.08 -22.45 -20.17
N PRO B 520 1.85 -22.55 -19.07
CA PRO B 520 3.21 -21.99 -19.02
C PRO B 520 4.12 -22.55 -20.10
N CYS B 521 4.83 -21.64 -20.77
CA CYS B 521 5.49 -21.92 -22.02
C CYS B 521 6.97 -22.25 -21.80
N ALA B 522 7.71 -22.33 -22.91
CA ALA B 522 9.11 -22.72 -22.91
C ALA B 522 9.97 -21.61 -22.32
N PRO B 523 11.23 -21.90 -21.97
CA PRO B 523 12.17 -20.83 -21.64
C PRO B 523 12.50 -19.89 -22.81
N ASN B 524 12.11 -20.24 -24.04
CA ASN B 524 12.16 -19.28 -25.14
C ASN B 524 11.18 -18.13 -24.94
N GLU B 525 10.12 -18.34 -24.15
CA GLU B 525 9.18 -17.28 -23.81
C GLU B 525 9.18 -17.04 -22.31
N MET B 526 10.38 -16.95 -21.72
CA MET B 526 10.54 -16.92 -20.27
C MET B 526 10.35 -15.51 -19.73
N LYS B 527 9.12 -15.00 -19.88
CA LYS B 527 8.64 -13.85 -19.13
C LYS B 527 7.22 -14.16 -18.66
N ASN B 528 7.05 -15.33 -18.03
CA ASN B 528 5.74 -15.82 -17.63
C ASN B 528 5.25 -14.97 -16.46
N MET B 529 4.65 -13.84 -16.80
CA MET B 529 4.24 -12.83 -15.83
C MET B 529 2.73 -12.74 -15.78
N GLN B 530 2.18 -12.79 -14.59
CA GLN B 530 0.76 -12.56 -14.36
C GLN B 530 0.43 -11.11 -14.69
N PRO B 531 -0.34 -10.83 -15.75
CA PRO B 531 -0.50 -9.45 -16.22
C PRO B 531 -1.22 -8.52 -15.25
N GLY B 532 -2.47 -8.83 -14.91
CA GLY B 532 -3.17 -8.04 -13.92
C GLY B 532 -3.76 -8.88 -12.81
N ASP B 533 -4.06 -10.14 -13.12
CA ASP B 533 -4.75 -11.02 -12.20
C ASP B 533 -3.89 -12.25 -11.94
N VAL B 534 -4.33 -13.03 -10.95
CA VAL B 534 -3.60 -14.22 -10.53
C VAL B 534 -4.07 -15.40 -11.39
N CYS B 535 -3.24 -16.44 -11.42
CA CYS B 535 -3.42 -17.81 -11.91
C CYS B 535 -3.40 -17.91 -13.42
N CYS B 536 -3.42 -16.80 -14.16
CA CYS B 536 -3.47 -16.81 -15.62
C CYS B 536 -2.45 -15.80 -16.11
N TRP B 537 -1.21 -16.26 -16.28
CA TRP B 537 -0.11 -15.42 -16.70
C TRP B 537 0.04 -15.48 -18.21
N ILE B 538 0.94 -14.65 -18.74
CA ILE B 538 1.24 -14.63 -20.16
C ILE B 538 2.73 -14.86 -20.34
N CYS B 539 3.08 -15.67 -21.34
CA CYS B 539 4.47 -15.91 -21.68
C CYS B 539 4.93 -14.84 -22.66
N ILE B 540 6.22 -14.51 -22.60
CA ILE B 540 6.77 -13.50 -23.50
C ILE B 540 8.24 -13.81 -23.76
N PRO B 541 8.65 -13.92 -25.03
CA PRO B 541 10.09 -13.99 -25.33
C PRO B 541 10.75 -12.67 -25.01
N CYS B 542 11.70 -12.69 -24.09
CA CYS B 542 12.37 -11.48 -23.66
C CYS B 542 13.60 -11.24 -24.55
N GLU B 543 14.47 -10.32 -24.12
CA GLU B 543 15.52 -9.80 -24.97
C GLU B 543 16.58 -10.88 -25.25
N PRO B 544 17.10 -10.95 -26.48
CA PRO B 544 18.07 -12.00 -26.81
C PRO B 544 19.43 -11.80 -26.18
N TYR B 545 19.71 -10.61 -25.64
CA TYR B 545 20.86 -10.38 -24.79
C TYR B 545 20.52 -10.53 -23.32
N GLU B 546 19.42 -11.20 -23.00
CA GLU B 546 18.92 -11.25 -21.63
C GLU B 546 18.52 -12.68 -21.27
N TYR B 547 18.59 -12.97 -19.97
CA TYR B 547 18.16 -14.24 -19.41
C TYR B 547 17.06 -13.99 -18.38
N LEU B 548 16.29 -15.03 -18.08
CA LEU B 548 15.13 -14.89 -17.21
C LEU B 548 15.58 -14.65 -15.78
N ALA B 549 15.30 -13.45 -15.26
CA ALA B 549 15.69 -13.12 -13.90
C ALA B 549 14.85 -13.88 -12.88
N ASP B 550 13.59 -14.17 -13.23
CA ASP B 550 12.73 -14.96 -12.37
C ASP B 550 11.79 -15.80 -13.23
N GLU B 551 10.74 -16.35 -12.62
CA GLU B 551 9.70 -17.01 -13.39
C GLU B 551 8.88 -16.00 -14.20
N PHE B 552 8.87 -14.74 -13.79
CA PHE B 552 8.21 -13.68 -14.53
C PHE B 552 9.17 -12.64 -15.09
N THR B 553 10.37 -12.50 -14.53
CA THR B 553 11.28 -11.42 -14.86
C THR B 553 12.41 -11.91 -15.75
N CYS B 554 12.92 -11.00 -16.57
CA CYS B 554 14.03 -11.27 -17.48
C CYS B 554 14.96 -10.07 -17.47
N MET B 555 16.26 -10.33 -17.37
CA MET B 555 17.24 -9.27 -17.28
C MET B 555 18.47 -9.62 -18.11
N ASP B 556 19.18 -8.61 -18.58
CA ASP B 556 20.42 -8.84 -19.31
C ASP B 556 21.49 -9.38 -18.38
N CYS B 557 22.38 -10.20 -18.92
CA CYS B 557 23.41 -10.82 -18.09
C CYS B 557 24.63 -9.92 -17.92
N GLY B 558 24.60 -8.72 -18.48
CA GLY B 558 25.71 -7.81 -18.35
C GLY B 558 26.24 -7.39 -19.71
N SER B 559 27.06 -6.34 -19.73
CA SER B 559 27.70 -5.93 -20.97
C SER B 559 28.73 -6.95 -21.40
N GLY B 560 28.92 -7.09 -22.70
CA GLY B 560 29.83 -8.12 -23.16
C GLY B 560 29.13 -9.41 -23.50
N GLN B 561 29.07 -10.30 -22.50
CA GLN B 561 28.68 -11.69 -22.70
C GLN B 561 27.24 -11.85 -23.17
N TRP B 562 27.06 -12.81 -24.06
CA TRP B 562 25.74 -13.24 -24.53
C TRP B 562 25.09 -14.11 -23.47
N PRO B 563 23.78 -14.38 -23.57
CA PRO B 563 23.15 -15.31 -22.62
C PRO B 563 23.61 -16.75 -22.82
N THR B 564 23.17 -17.58 -21.89
CA THR B 564 23.42 -19.01 -21.92
C THR B 564 22.34 -19.71 -22.73
N ALA B 565 22.27 -21.04 -22.63
CA ALA B 565 21.17 -21.79 -23.19
C ALA B 565 19.91 -21.70 -22.33
N ASP B 566 20.01 -21.10 -21.16
CA ASP B 566 18.88 -20.96 -20.25
C ASP B 566 19.10 -19.67 -19.46
N LEU B 567 18.41 -19.56 -18.32
CA LEU B 567 18.55 -18.42 -17.42
C LEU B 567 19.67 -18.62 -16.40
N THR B 568 20.67 -19.43 -16.73
CA THR B 568 21.80 -19.68 -15.85
C THR B 568 22.86 -18.61 -16.07
N GLY B 569 24.07 -18.86 -15.56
CA GLY B 569 25.23 -18.03 -15.82
C GLY B 569 25.51 -17.95 -17.32
N CYS B 570 25.63 -16.74 -17.84
CA CYS B 570 25.32 -16.53 -19.25
C CYS B 570 26.46 -16.94 -20.19
N TYR B 571 27.55 -16.20 -20.18
CA TYR B 571 28.73 -16.49 -21.01
C TYR B 571 29.89 -15.62 -20.56
N ASP B 572 30.93 -15.58 -21.39
CA ASP B 572 31.97 -14.57 -21.37
C ASP B 572 31.94 -13.82 -22.70
N LEU B 573 32.93 -12.97 -22.94
CA LEU B 573 33.00 -12.22 -24.18
C LEU B 573 34.43 -12.00 -24.63
N PRO B 574 34.89 -12.68 -25.68
CA PRO B 574 36.27 -12.51 -26.14
C PRO B 574 36.48 -11.27 -26.98
N GLU B 575 37.70 -11.13 -27.53
CA GLU B 575 38.08 -9.99 -28.35
C GLU B 575 38.44 -10.46 -29.76
N ASP B 576 38.74 -9.50 -30.63
CA ASP B 576 39.07 -9.80 -32.01
C ASP B 576 40.48 -10.37 -32.08
N TYR B 577 40.60 -11.63 -32.48
CA TYR B 577 41.88 -12.30 -32.66
C TYR B 577 42.18 -12.29 -34.16
N ILE B 578 43.07 -11.41 -34.57
CA ILE B 578 43.37 -11.24 -35.99
C ILE B 578 44.80 -11.74 -36.19
N ARG B 579 45.20 -12.73 -35.38
CA ARG B 579 46.54 -13.29 -35.46
C ARG B 579 46.79 -14.07 -36.75
N TRP B 580 45.73 -14.58 -37.38
CA TRP B 580 45.85 -15.25 -38.67
C TRP B 580 45.85 -14.21 -39.79
N GLU B 581 45.65 -14.68 -41.02
CA GLU B 581 45.67 -13.81 -42.20
C GLU B 581 44.54 -12.79 -42.19
N ASP B 582 43.29 -13.26 -42.33
CA ASP B 582 42.06 -12.44 -42.31
C ASP B 582 42.05 -11.34 -43.38
N ALA B 583 42.81 -11.56 -44.47
CA ALA B 583 43.17 -10.54 -45.47
C ALA B 583 43.74 -9.28 -44.82
N TRP B 584 44.47 -9.45 -43.71
CA TRP B 584 44.99 -8.33 -42.94
C TRP B 584 46.45 -8.60 -42.61
N ALA B 585 46.83 -9.87 -42.51
CA ALA B 585 48.21 -10.24 -42.34
C ALA B 585 48.89 -10.61 -43.65
N ILE B 586 48.23 -10.36 -44.78
CA ILE B 586 48.84 -10.59 -46.09
C ILE B 586 49.52 -9.34 -46.60
N GLY B 587 49.00 -8.17 -46.26
CA GLY B 587 49.54 -6.90 -46.71
C GLY B 587 50.87 -6.53 -46.09
N PRO B 588 50.90 -6.23 -44.79
CA PRO B 588 52.15 -5.79 -44.14
C PRO B 588 53.22 -6.87 -44.03
N VAL B 589 52.88 -8.15 -44.20
CA VAL B 589 53.92 -9.17 -44.30
C VAL B 589 54.73 -8.98 -45.58
N THR B 590 54.10 -8.45 -46.63
CA THR B 590 54.83 -8.07 -47.83
C THR B 590 55.46 -6.69 -47.69
N ILE B 591 54.84 -5.79 -46.93
CA ILE B 591 55.42 -4.47 -46.73
C ILE B 591 56.62 -4.52 -45.78
N ALA B 592 56.73 -5.58 -44.98
CA ALA B 592 57.91 -5.76 -44.13
C ALA B 592 59.15 -6.12 -44.95
N CYS B 593 58.96 -6.61 -46.18
CA CYS B 593 60.09 -6.93 -47.03
C CYS B 593 60.83 -5.68 -47.50
N LEU B 594 60.11 -4.59 -47.74
CA LEU B 594 60.76 -3.32 -48.01
C LEU B 594 61.48 -2.81 -46.78
N GLY B 595 60.90 -3.03 -45.60
CA GLY B 595 61.64 -2.82 -44.36
C GLY B 595 62.77 -3.80 -44.18
N PHE B 596 62.62 -5.01 -44.72
CA PHE B 596 63.74 -5.95 -44.75
C PHE B 596 64.76 -5.56 -45.79
N MET B 597 64.32 -5.00 -46.93
CA MET B 597 65.24 -4.47 -47.92
C MET B 597 65.67 -3.05 -47.60
N CYS B 598 65.22 -2.49 -46.48
CA CYS B 598 65.67 -1.16 -46.08
C CYS B 598 67.12 -1.19 -45.63
N THR B 599 67.47 -2.08 -44.71
CA THR B 599 68.84 -2.19 -44.23
C THR B 599 69.76 -2.94 -45.18
N CYS B 600 69.22 -3.47 -46.29
CA CYS B 600 70.05 -4.23 -47.23
C CYS B 600 70.92 -3.31 -48.06
N MET B 601 70.30 -2.41 -48.82
CA MET B 601 71.07 -1.56 -49.73
C MET B 601 71.82 -0.46 -48.97
N VAL B 602 71.32 -0.06 -47.81
CA VAL B 602 71.97 1.01 -47.06
C VAL B 602 73.25 0.53 -46.39
N VAL B 603 73.36 -0.78 -46.11
CA VAL B 603 74.56 -1.31 -45.47
C VAL B 603 75.74 -1.42 -46.42
N THR B 604 75.50 -1.29 -47.73
CA THR B 604 76.61 -1.38 -48.69
C THR B 604 77.50 -0.15 -48.61
N VAL B 605 76.93 1.02 -48.35
CA VAL B 605 77.68 2.26 -48.28
C VAL B 605 77.96 2.60 -46.82
N PHE B 606 77.68 1.66 -45.93
CA PHE B 606 77.88 1.91 -44.50
C PHE B 606 79.33 1.67 -44.10
N ILE B 607 79.96 0.62 -44.65
CA ILE B 607 81.36 0.33 -44.33
C ILE B 607 82.17 0.16 -45.61
N LYS B 608 81.70 -0.71 -46.50
CA LYS B 608 82.50 -1.12 -47.66
C LYS B 608 82.59 -0.02 -48.70
N HIS B 609 81.64 0.92 -48.71
CA HIS B 609 81.65 1.97 -49.72
C HIS B 609 81.60 3.35 -49.08
N ASN B 610 82.46 3.57 -48.08
CA ASN B 610 82.65 4.89 -47.51
C ASN B 610 83.59 5.76 -48.34
N ASN B 611 84.30 5.16 -49.29
CA ASN B 611 85.25 5.88 -50.14
C ASN B 611 84.59 6.43 -51.40
N THR B 612 83.27 6.53 -51.42
CA THR B 612 82.58 7.16 -52.52
C THR B 612 82.85 8.66 -52.52
N PRO B 613 82.80 9.32 -53.69
CA PRO B 613 83.01 10.78 -53.71
C PRO B 613 81.95 11.58 -52.99
N LEU B 614 80.74 11.05 -52.80
CA LEU B 614 79.72 11.75 -52.06
C LEU B 614 79.36 11.09 -50.74
N VAL B 615 80.09 10.04 -50.35
CA VAL B 615 79.94 9.49 -49.01
C VAL B 615 80.56 10.43 -47.99
N LYS B 616 81.77 10.92 -48.27
CA LYS B 616 82.40 11.90 -47.40
C LYS B 616 81.76 13.27 -47.52
N ALA B 617 81.04 13.55 -48.60
CA ALA B 617 80.33 14.81 -48.77
C ALA B 617 79.09 14.90 -47.92
N SER B 618 78.65 13.80 -47.30
CA SER B 618 77.50 13.83 -46.42
C SER B 618 77.89 13.35 -45.02
N GLY B 619 76.91 13.19 -44.15
CA GLY B 619 77.13 12.71 -42.81
C GLY B 619 77.29 11.21 -42.77
N ARG B 620 78.49 10.71 -43.11
CA ARG B 620 78.74 9.28 -43.22
C ARG B 620 78.53 8.55 -41.91
N GLU B 621 78.77 9.21 -40.78
CA GLU B 621 78.38 8.65 -39.49
C GLU B 621 76.95 9.03 -39.11
N LEU B 622 76.41 10.11 -39.69
CA LEU B 622 75.07 10.56 -39.37
C LEU B 622 74.01 9.74 -40.08
N CYS B 623 74.30 9.22 -41.28
CA CYS B 623 73.29 8.51 -42.06
C CYS B 623 72.94 7.17 -41.45
N TYR B 624 73.89 6.55 -40.74
CA TYR B 624 73.62 5.28 -40.08
C TYR B 624 72.62 5.45 -38.94
N ILE B 625 72.61 6.62 -38.32
CA ILE B 625 71.53 6.92 -37.39
C ILE B 625 70.31 7.45 -38.14
N LEU B 626 70.53 8.08 -39.30
CA LEU B 626 69.42 8.67 -40.04
C LEU B 626 68.64 7.63 -40.85
N LEU B 627 69.14 6.41 -40.96
CA LEU B 627 68.44 5.36 -41.70
C LEU B 627 68.10 4.14 -40.85
N PHE B 628 68.56 4.10 -39.59
CA PHE B 628 68.26 2.94 -38.75
C PHE B 628 66.80 2.94 -38.30
N GLY B 629 66.19 4.11 -38.18
CA GLY B 629 64.82 4.18 -37.71
C GLY B 629 63.77 3.77 -38.71
N VAL B 630 64.14 3.60 -39.98
CA VAL B 630 63.17 3.15 -40.97
C VAL B 630 62.77 1.70 -40.72
N GLY B 631 63.71 0.89 -40.23
CA GLY B 631 63.36 -0.46 -39.84
C GLY B 631 62.52 -0.52 -38.59
N LEU B 632 62.66 0.48 -37.72
CA LEU B 632 61.80 0.58 -36.53
C LEU B 632 60.35 0.80 -36.94
N SER B 633 60.13 1.63 -37.96
CA SER B 633 58.78 1.84 -38.48
C SER B 633 58.23 0.58 -39.13
N TYR B 634 59.09 -0.20 -39.79
CA TYR B 634 58.67 -1.48 -40.32
C TYR B 634 58.42 -2.50 -39.22
N CYS B 635 59.04 -2.33 -38.05
CA CYS B 635 58.90 -3.28 -36.96
C CYS B 635 57.81 -2.91 -35.96
N MET B 636 57.54 -1.60 -35.81
CA MET B 636 56.54 -1.17 -34.82
C MET B 636 55.14 -1.58 -35.23
N THR B 637 54.89 -1.74 -36.54
CA THR B 637 53.63 -2.28 -37.00
C THR B 637 53.48 -3.72 -36.53
N PHE B 638 54.52 -4.53 -36.70
CA PHE B 638 54.49 -5.89 -36.20
C PHE B 638 54.69 -5.96 -34.70
N PHE B 639 55.25 -4.91 -34.09
CA PHE B 639 55.30 -4.86 -32.63
C PHE B 639 53.92 -4.55 -32.05
N PHE B 640 53.18 -3.64 -32.69
CA PHE B 640 51.84 -3.32 -32.22
C PHE B 640 50.81 -4.31 -32.75
N ILE B 641 50.65 -4.37 -34.06
CA ILE B 641 49.57 -5.16 -34.67
C ILE B 641 50.13 -6.56 -34.89
N ALA B 642 50.13 -7.34 -33.82
CA ALA B 642 50.31 -8.79 -33.89
C ALA B 642 49.15 -9.54 -33.27
N LYS B 643 48.81 -9.21 -32.03
CA LYS B 643 47.77 -9.82 -31.19
C LYS B 643 47.61 -8.95 -29.95
N PRO B 644 46.43 -8.93 -29.33
CA PRO B 644 46.25 -8.11 -28.11
C PRO B 644 47.04 -8.67 -26.94
N SER B 645 47.99 -7.88 -26.43
CA SER B 645 48.79 -8.26 -25.28
C SER B 645 49.16 -7.00 -24.51
N PRO B 646 49.36 -7.08 -23.20
CA PRO B 646 49.82 -5.90 -22.46
C PRO B 646 51.25 -5.50 -22.81
N VAL B 647 52.11 -6.47 -23.09
CA VAL B 647 53.45 -6.17 -23.58
C VAL B 647 53.39 -5.61 -24.98
N ILE B 648 52.36 -5.98 -25.76
CA ILE B 648 52.17 -5.40 -27.08
C ILE B 648 51.73 -3.96 -26.97
N CYS B 649 50.82 -3.66 -26.03
CA CYS B 649 50.45 -2.27 -25.79
C CYS B 649 51.58 -1.51 -25.14
N ALA B 650 52.46 -2.21 -24.41
CA ALA B 650 53.70 -1.60 -23.97
C ALA B 650 54.61 -1.28 -25.15
N LEU B 651 54.53 -2.09 -26.21
CA LEU B 651 55.23 -1.80 -27.45
C LEU B 651 54.42 -0.94 -28.40
N ARG B 652 53.10 -0.82 -28.19
CA ARG B 652 52.29 -0.02 -29.09
C ARG B 652 52.41 1.47 -28.78
N ARG B 653 52.30 1.84 -27.50
CA ARG B 653 52.46 3.23 -27.12
C ARG B 653 53.90 3.70 -27.28
N LEU B 654 54.86 2.80 -27.05
CA LEU B 654 56.27 3.13 -27.22
C LEU B 654 56.77 2.95 -28.65
N GLY B 655 55.96 2.37 -29.54
CA GLY B 655 56.41 2.12 -30.90
C GLY B 655 56.42 3.34 -31.79
N LEU B 656 55.42 4.21 -31.63
CA LEU B 656 55.33 5.38 -32.49
C LEU B 656 56.26 6.51 -32.04
N GLY B 657 56.66 6.51 -30.77
CA GLY B 657 57.44 7.59 -30.21
C GLY B 657 58.85 7.72 -30.76
N SER B 658 59.32 6.73 -31.52
CA SER B 658 60.63 6.79 -32.16
C SER B 658 60.55 6.86 -33.66
N SER B 659 59.39 7.20 -34.21
CA SER B 659 59.24 7.30 -35.65
C SER B 659 59.55 8.69 -36.18
N PHE B 660 59.21 9.73 -35.42
CA PHE B 660 59.24 11.09 -35.91
C PHE B 660 60.59 11.78 -35.72
N ALA B 661 61.36 11.40 -34.70
CA ALA B 661 62.72 11.92 -34.57
C ALA B 661 63.61 11.43 -35.69
N ILE B 662 63.37 10.20 -36.17
CA ILE B 662 64.00 9.76 -37.40
C ILE B 662 63.41 10.53 -38.57
N CYS B 663 62.11 10.83 -38.52
CA CYS B 663 61.46 11.55 -39.62
C CYS B 663 61.81 13.02 -39.63
N TYR B 664 62.12 13.61 -38.48
CA TYR B 664 62.42 15.04 -38.44
C TYR B 664 63.82 15.35 -37.96
N SER B 665 64.22 14.85 -36.78
CA SER B 665 65.49 15.28 -36.19
C SER B 665 66.69 14.72 -36.92
N ALA B 666 66.57 13.52 -37.47
CA ALA B 666 67.61 13.02 -38.37
C ALA B 666 67.63 13.80 -39.67
N LEU B 667 66.49 14.39 -40.04
CA LEU B 667 66.40 15.16 -41.27
C LEU B 667 66.78 16.63 -41.04
N LEU B 668 66.16 17.27 -40.05
CA LEU B 668 66.21 18.72 -39.97
C LEU B 668 67.55 19.24 -39.50
N THR B 669 68.25 18.49 -38.64
CA THR B 669 69.55 18.94 -38.15
C THR B 669 70.61 18.84 -39.23
N LYS B 670 70.47 17.89 -40.14
CA LYS B 670 71.44 17.76 -41.23
C LYS B 670 71.26 18.86 -42.27
N THR B 671 70.05 19.44 -42.34
CA THR B 671 69.78 20.45 -43.35
C THR B 671 70.17 21.85 -42.92
N ASN B 672 70.13 22.14 -41.62
CA ASN B 672 70.42 23.49 -41.15
C ASN B 672 71.89 23.84 -41.30
N CYS B 673 72.78 22.89 -41.01
CA CYS B 673 74.19 23.10 -41.31
C CYS B 673 74.45 23.08 -42.81
N ILE B 674 73.61 22.37 -43.56
CA ILE B 674 73.66 22.44 -45.02
C ILE B 674 73.01 23.71 -45.55
N ALA B 675 72.21 24.40 -44.74
CA ALA B 675 71.58 25.64 -45.18
C ALA B 675 72.53 26.82 -45.19
N ARG B 676 73.71 26.70 -44.57
CA ARG B 676 74.69 27.77 -44.55
C ARG B 676 76.02 27.31 -45.14
N GLN B 696 82.09 21.82 -39.84
CA GLN B 696 80.98 20.88 -39.65
C GLN B 696 81.00 20.28 -38.25
N VAL B 697 81.68 20.97 -37.33
CA VAL B 697 81.75 20.50 -35.95
C VAL B 697 80.46 20.75 -35.20
N PHE B 698 79.59 21.63 -35.71
CA PHE B 698 78.30 21.90 -35.11
C PHE B 698 77.23 20.90 -35.53
N ILE B 699 77.60 19.80 -36.20
CA ILE B 699 76.67 18.75 -36.54
C ILE B 699 76.31 17.85 -35.37
N CYS B 700 76.98 18.03 -34.22
CA CYS B 700 76.65 17.30 -33.01
C CYS B 700 75.45 17.86 -32.27
N LEU B 701 74.88 18.98 -32.74
CA LEU B 701 73.75 19.60 -32.06
C LEU B 701 72.46 18.80 -32.25
N GLY B 702 72.39 17.96 -33.27
CA GLY B 702 71.20 17.16 -33.50
C GLY B 702 71.12 15.88 -32.69
N LEU B 703 72.07 15.64 -31.78
CA LEU B 703 72.08 14.42 -31.00
C LEU B 703 71.08 14.49 -29.84
N ILE B 704 71.18 15.53 -29.02
CA ILE B 704 70.34 15.63 -27.83
C ILE B 704 68.92 16.07 -28.15
N LEU B 705 68.68 16.63 -29.34
CA LEU B 705 67.33 17.07 -29.71
C LEU B 705 66.38 15.92 -29.96
N VAL B 706 66.91 14.72 -30.22
CA VAL B 706 66.06 13.54 -30.39
C VAL B 706 65.40 13.17 -29.07
N GLN B 707 66.10 13.39 -27.95
CA GLN B 707 65.57 13.06 -26.64
C GLN B 707 64.66 14.14 -26.07
N ILE B 708 64.26 15.13 -26.88
CA ILE B 708 63.40 16.20 -26.38
C ILE B 708 61.98 15.70 -26.16
N VAL B 709 61.32 15.28 -27.24
CA VAL B 709 59.96 14.78 -27.12
C VAL B 709 59.96 13.33 -26.64
N MET B 710 61.05 12.60 -26.87
CA MET B 710 61.09 11.17 -26.56
C MET B 710 61.14 10.91 -25.06
N VAL B 711 61.85 11.77 -24.31
CA VAL B 711 61.95 11.56 -22.87
C VAL B 711 60.65 11.91 -22.17
N SER B 712 59.83 12.77 -22.78
CA SER B 712 58.53 13.09 -22.22
C SER B 712 57.57 11.91 -22.34
N VAL B 713 57.81 11.02 -23.30
CA VAL B 713 57.01 9.81 -23.40
C VAL B 713 57.37 8.82 -22.29
N TRP B 714 58.59 8.94 -21.75
CA TRP B 714 58.99 8.05 -20.66
C TRP B 714 58.27 8.40 -19.36
N LEU B 715 57.84 9.65 -19.21
CA LEU B 715 57.02 10.01 -18.06
C LEU B 715 55.60 9.47 -18.20
N ILE B 716 55.05 9.51 -19.41
CA ILE B 716 53.73 8.96 -19.68
C ILE B 716 53.79 7.47 -19.99
N LEU B 717 54.96 6.84 -19.84
CA LEU B 717 55.10 5.41 -20.10
C LEU B 717 54.41 4.54 -19.07
N GLU B 718 54.06 5.08 -17.91
CA GLU B 718 53.41 4.30 -16.86
C GLU B 718 52.06 4.86 -16.43
N ALA B 719 51.63 6.00 -16.97
CA ALA B 719 50.39 6.64 -16.54
C ALA B 719 49.11 5.97 -17.08
N PRO B 720 48.89 5.79 -18.42
CA PRO B 720 47.58 5.29 -18.84
C PRO B 720 47.48 3.77 -18.78
N GLY B 721 46.38 3.22 -19.28
CA GLY B 721 46.19 1.79 -19.26
C GLY B 721 47.14 1.06 -20.18
N THR B 722 47.46 -0.17 -19.80
CA THR B 722 48.50 -0.94 -20.47
C THR B 722 47.96 -2.32 -20.84
N ARG B 723 47.05 -2.86 -20.04
CA ARG B 723 46.71 -4.27 -20.19
C ARG B 723 45.74 -4.53 -21.34
N ARG B 724 44.48 -4.09 -21.18
CA ARG B 724 43.39 -4.48 -22.08
C ARG B 724 42.13 -3.72 -21.70
N TYR B 725 41.16 -3.75 -22.60
CA TYR B 725 39.80 -3.29 -22.35
C TYR B 725 38.88 -3.95 -23.38
N THR B 726 37.60 -3.59 -23.32
CA THR B 726 36.60 -4.16 -24.23
C THR B 726 35.54 -3.11 -24.51
N LEU B 727 35.43 -2.68 -25.75
CA LEU B 727 34.52 -1.61 -26.13
C LEU B 727 33.19 -2.20 -26.60
N ALA B 728 32.09 -1.63 -26.13
CA ALA B 728 30.75 -2.19 -26.35
C ALA B 728 30.00 -1.32 -27.35
N GLU B 729 29.75 -1.87 -28.53
CA GLU B 729 28.84 -1.30 -29.52
C GLU B 729 27.43 -1.82 -29.23
N LYS B 730 26.55 -1.79 -30.24
CA LYS B 730 25.15 -2.14 -30.04
C LYS B 730 24.98 -3.63 -29.77
N ARG B 731 25.12 -3.99 -28.49
CA ARG B 731 24.73 -5.24 -27.83
C ARG B 731 25.60 -6.44 -28.16
N GLU B 732 26.51 -6.33 -29.14
CA GLU B 732 27.46 -7.41 -29.41
C GLU B 732 28.75 -6.79 -29.96
N THR B 733 29.66 -6.45 -29.06
CA THR B 733 31.04 -6.07 -29.36
C THR B 733 31.85 -6.04 -28.07
N VAL B 734 32.97 -6.77 -28.04
CA VAL B 734 33.94 -6.52 -26.98
C VAL B 734 35.33 -6.50 -27.59
N ILE B 735 35.78 -5.33 -28.04
CA ILE B 735 37.18 -5.16 -28.43
C ILE B 735 37.65 -3.73 -28.15
N LEU B 736 38.49 -3.59 -27.13
CA LEU B 736 39.25 -2.37 -26.86
C LEU B 736 40.64 -2.74 -26.40
N LYS B 737 41.33 -3.57 -27.21
CA LYS B 737 42.45 -4.46 -26.89
C LYS B 737 43.53 -3.94 -25.92
N CYS B 738 43.72 -2.62 -25.86
CA CYS B 738 44.43 -2.01 -24.75
C CYS B 738 43.64 -0.81 -24.25
N ASN B 739 43.65 -0.60 -22.94
CA ASN B 739 42.80 0.41 -22.29
C ASN B 739 43.39 1.80 -22.49
N VAL B 740 43.33 2.27 -23.73
CA VAL B 740 43.75 3.62 -24.09
C VAL B 740 42.69 4.24 -24.97
N LYS B 741 42.64 5.56 -24.97
CA LYS B 741 41.66 6.26 -25.80
C LYS B 741 42.18 6.36 -27.24
N ASP B 742 41.23 6.57 -28.17
CA ASP B 742 41.60 6.78 -29.56
C ASP B 742 42.33 8.11 -29.72
N SER B 743 41.88 9.14 -29.00
CA SER B 743 42.56 10.42 -29.01
C SER B 743 43.80 10.44 -28.14
N SER B 744 44.02 9.40 -27.31
CA SER B 744 45.20 9.36 -26.46
C SER B 744 46.46 9.12 -27.28
N MET B 745 46.43 8.11 -28.14
CA MET B 745 47.56 7.85 -29.02
C MET B 745 47.68 8.90 -30.12
N LEU B 746 46.57 9.52 -30.52
CA LEU B 746 46.65 10.58 -31.51
C LEU B 746 47.25 11.86 -30.92
N ILE B 747 46.96 12.16 -29.65
CA ILE B 747 47.65 13.26 -29.00
C ILE B 747 49.08 12.86 -28.63
N SER B 748 49.35 11.57 -28.54
CA SER B 748 50.72 11.11 -28.32
C SER B 748 51.61 11.34 -29.54
N LEU B 749 51.03 11.45 -30.73
CA LEU B 749 51.74 11.84 -31.93
C LEU B 749 51.39 13.25 -32.38
N THR B 750 50.91 14.09 -31.47
CA THR B 750 50.63 15.48 -31.83
C THR B 750 51.92 16.28 -31.99
N TYR B 751 52.92 16.01 -31.14
CA TYR B 751 54.23 16.62 -31.30
C TYR B 751 55.06 15.94 -32.38
N ASP B 752 54.61 14.79 -32.87
CA ASP B 752 55.32 14.09 -33.93
C ASP B 752 55.26 14.86 -35.25
N VAL B 753 54.05 15.19 -35.71
CA VAL B 753 53.92 16.03 -36.90
C VAL B 753 54.32 17.46 -36.61
N ILE B 754 54.28 17.88 -35.35
CA ILE B 754 54.74 19.22 -34.99
C ILE B 754 56.24 19.34 -35.12
N LEU B 755 56.97 18.23 -34.89
CA LEU B 755 58.41 18.26 -35.08
C LEU B 755 58.78 18.31 -36.56
N VAL B 756 58.03 17.62 -37.41
CA VAL B 756 58.26 17.67 -38.85
C VAL B 756 57.42 18.76 -39.52
N ILE B 757 56.86 19.68 -38.74
CA ILE B 757 56.18 20.83 -39.32
C ILE B 757 57.20 21.80 -39.90
N LEU B 758 58.37 21.91 -39.26
CA LEU B 758 59.46 22.73 -39.77
C LEU B 758 60.35 21.97 -40.74
N CYS B 759 59.95 20.76 -41.14
CA CYS B 759 60.73 19.98 -42.10
C CYS B 759 60.62 20.52 -43.51
N THR B 760 59.52 21.23 -43.81
CA THR B 760 59.35 21.85 -45.11
C THR B 760 59.90 23.27 -45.16
N VAL B 761 60.51 23.74 -44.07
CA VAL B 761 61.02 25.11 -44.02
C VAL B 761 62.27 25.24 -44.89
N TYR B 762 63.20 24.30 -44.74
CA TYR B 762 64.44 24.34 -45.52
C TYR B 762 64.25 23.87 -46.96
N ALA B 763 63.09 23.30 -47.31
CA ALA B 763 62.86 22.87 -48.67
C ALA B 763 62.63 24.05 -49.61
N PHE B 764 62.05 25.13 -49.09
CA PHE B 764 61.75 26.28 -49.95
C PHE B 764 63.01 27.07 -50.28
N LYS B 765 63.92 27.19 -49.31
CA LYS B 765 65.14 27.97 -49.54
C LYS B 765 66.12 27.24 -50.43
N THR B 766 66.33 25.95 -50.18
CA THR B 766 67.25 25.14 -50.97
C THR B 766 66.58 24.46 -52.15
N ARG B 767 65.51 25.06 -52.68
CA ARG B 767 64.77 24.42 -53.77
C ARG B 767 65.51 24.51 -55.10
N LYS B 768 66.48 25.41 -55.23
CA LYS B 768 67.15 25.62 -56.51
C LYS B 768 68.67 25.69 -56.43
N CYS B 769 69.27 25.58 -55.25
CA CYS B 769 70.72 25.67 -55.08
C CYS B 769 71.21 24.35 -54.50
N PRO B 770 71.59 23.38 -55.34
CA PRO B 770 72.13 22.12 -54.82
C PRO B 770 73.59 22.27 -54.42
N GLU B 771 73.90 21.93 -53.18
CA GLU B 771 75.28 21.81 -52.73
C GLU B 771 75.89 20.46 -53.09
N ASN B 772 75.15 19.61 -53.77
CA ASN B 772 75.64 18.31 -54.20
C ASN B 772 75.04 18.04 -55.58
N PHE B 773 75.07 16.77 -56.01
CA PHE B 773 74.59 16.41 -57.34
C PHE B 773 73.08 16.57 -57.46
N ASN B 774 72.33 15.96 -56.54
CA ASN B 774 70.88 16.07 -56.58
C ASN B 774 70.29 16.26 -55.20
N GLU B 775 71.05 16.89 -54.28
CA GLU B 775 70.60 17.05 -52.91
C GLU B 775 69.49 18.08 -52.77
N ALA B 776 69.29 18.94 -53.78
CA ALA B 776 68.19 19.89 -53.73
C ALA B 776 66.90 19.28 -54.26
N LYS B 777 66.99 18.27 -55.12
CA LYS B 777 65.81 17.64 -55.70
C LYS B 777 65.41 16.38 -54.96
N PHE B 778 66.37 15.52 -54.62
CA PHE B 778 66.03 14.26 -53.98
C PHE B 778 65.63 14.47 -52.52
N ILE B 779 66.12 15.53 -51.89
CA ILE B 779 65.88 15.76 -50.47
C ILE B 779 64.89 16.91 -50.32
N GLY B 780 64.93 17.86 -51.25
CA GLY B 780 63.99 18.97 -51.20
C GLY B 780 62.56 18.55 -51.50
N PHE B 781 62.38 17.67 -52.48
CA PHE B 781 61.06 17.13 -52.74
C PHE B 781 60.66 16.06 -51.74
N THR B 782 61.62 15.56 -50.94
CA THR B 782 61.33 14.50 -50.00
C THR B 782 60.49 15.01 -48.82
N MET B 783 60.88 16.14 -48.25
CA MET B 783 60.15 16.68 -47.10
C MET B 783 58.76 17.17 -47.49
N TYR B 784 58.58 17.58 -48.75
CA TYR B 784 57.25 17.83 -49.25
C TYR B 784 56.47 16.52 -49.39
N THR B 785 57.14 15.47 -49.85
CA THR B 785 56.49 14.17 -49.96
C THR B 785 56.33 13.51 -48.60
N THR B 786 57.20 13.81 -47.64
CA THR B 786 57.08 13.19 -46.32
C THR B 786 55.91 13.77 -45.55
N CYS B 787 55.64 15.06 -45.70
CA CYS B 787 54.51 15.67 -45.00
C CYS B 787 53.18 15.30 -45.63
N ILE B 788 53.20 14.77 -46.86
CA ILE B 788 51.95 14.44 -47.55
C ILE B 788 51.25 13.26 -46.88
N ILE B 789 51.96 12.13 -46.77
CA ILE B 789 51.39 10.95 -46.14
C ILE B 789 51.27 11.16 -44.64
N TRP B 790 52.09 12.03 -44.06
CA TRP B 790 51.99 12.33 -42.64
C TRP B 790 50.70 13.07 -42.33
N LEU B 791 50.27 13.94 -43.23
CA LEU B 791 48.99 14.62 -43.06
C LEU B 791 47.82 13.77 -43.57
N ALA B 792 48.09 12.78 -44.41
CA ALA B 792 47.01 12.01 -45.02
C ALA B 792 46.40 11.01 -44.05
N PHE B 793 47.25 10.21 -43.38
CA PHE B 793 46.75 9.14 -42.53
C PHE B 793 46.26 9.62 -41.17
N LEU B 794 46.37 10.92 -40.87
CA LEU B 794 45.96 11.40 -39.55
C LEU B 794 44.44 11.43 -39.34
N PRO B 795 43.60 12.02 -40.22
CA PRO B 795 42.16 12.00 -39.91
C PRO B 795 41.51 10.66 -40.16
N ILE B 796 42.12 9.81 -40.99
CA ILE B 796 41.59 8.49 -41.24
C ILE B 796 41.84 7.56 -40.05
N PHE B 797 42.86 7.86 -39.23
CA PHE B 797 43.18 7.03 -38.09
C PHE B 797 42.14 7.13 -36.98
N TYR B 798 41.34 8.19 -36.95
CA TYR B 798 40.25 8.27 -35.99
C TYR B 798 39.10 7.33 -36.38
N VAL B 799 38.98 7.01 -37.66
CA VAL B 799 37.83 6.27 -38.18
C VAL B 799 38.30 4.98 -38.86
N THR B 800 38.23 3.87 -38.13
CA THR B 800 38.53 2.55 -38.68
C THR B 800 37.91 1.51 -37.75
N SER B 801 37.77 0.29 -38.28
CA SER B 801 37.26 -0.84 -37.51
C SER B 801 38.28 -1.96 -37.39
N SER B 802 38.90 -2.36 -38.50
CA SER B 802 39.99 -3.33 -38.42
C SER B 802 41.28 -2.64 -38.03
N ASP B 803 41.46 -1.39 -38.43
CA ASP B 803 42.50 -0.44 -38.01
C ASP B 803 43.92 -0.86 -38.40
N TYR B 804 44.09 -1.95 -39.16
CA TYR B 804 45.44 -2.45 -39.43
C TYR B 804 46.14 -1.61 -40.50
N ARG B 805 45.51 -1.48 -41.67
CA ARG B 805 46.15 -0.83 -42.80
C ARG B 805 46.31 0.67 -42.58
N VAL B 806 45.43 1.28 -41.78
CA VAL B 806 45.62 2.69 -41.46
C VAL B 806 46.77 2.83 -40.48
N GLN B 807 47.07 1.78 -39.70
CA GLN B 807 48.23 1.80 -38.83
C GLN B 807 49.47 1.27 -39.53
N THR B 808 49.40 0.03 -40.02
CA THR B 808 50.60 -0.65 -40.51
C THR B 808 51.02 -0.16 -41.89
N THR B 809 50.07 -0.14 -42.84
CA THR B 809 50.44 0.14 -44.23
C THR B 809 50.78 1.62 -44.43
N THR B 810 50.16 2.51 -43.65
CA THR B 810 50.51 3.91 -43.75
C THR B 810 51.86 4.20 -43.12
N MET B 811 52.27 3.41 -42.13
CA MET B 811 53.56 3.62 -41.49
C MET B 811 54.70 3.23 -42.43
N CYS B 812 54.58 2.08 -43.09
CA CYS B 812 55.59 1.68 -44.05
C CYS B 812 55.54 2.50 -45.32
N ILE B 813 54.43 3.18 -45.59
CA ILE B 813 54.34 4.07 -46.74
C ILE B 813 55.28 5.25 -46.56
N SER B 814 55.38 5.76 -45.33
CA SER B 814 56.40 6.76 -45.04
C SER B 814 57.79 6.14 -45.05
N VAL B 815 57.90 4.87 -44.63
CA VAL B 815 59.20 4.22 -44.54
C VAL B 815 59.75 3.89 -45.92
N SER B 816 58.88 3.52 -46.86
CA SER B 816 59.35 3.25 -48.22
C SER B 816 59.73 4.53 -48.93
N LEU B 817 58.95 5.60 -48.75
CA LEU B 817 59.21 6.85 -49.45
C LEU B 817 60.40 7.61 -48.86
N SER B 818 60.82 7.25 -47.64
CA SER B 818 61.92 7.97 -47.00
C SER B 818 63.25 7.60 -47.63
N GLY B 819 63.63 6.32 -47.56
CA GLY B 819 64.94 5.92 -48.04
C GLY B 819 65.05 5.89 -49.55
N PHE B 820 63.94 5.61 -50.24
CA PHE B 820 63.99 5.49 -51.68
C PHE B 820 64.03 6.85 -52.38
N VAL B 821 63.09 7.73 -52.05
CA VAL B 821 62.97 8.99 -52.79
C VAL B 821 64.03 9.99 -52.35
N VAL B 822 64.66 9.77 -51.20
CA VAL B 822 65.67 10.70 -50.71
C VAL B 822 67.04 10.04 -50.70
N LEU B 823 67.18 8.98 -49.92
CA LEU B 823 68.49 8.38 -49.74
C LEU B 823 68.86 7.46 -50.90
N GLY B 824 67.87 6.91 -51.59
CA GLY B 824 68.15 6.01 -52.68
C GLY B 824 68.67 6.68 -53.93
N CYS B 825 68.27 7.94 -54.16
CA CYS B 825 68.65 8.63 -55.40
C CYS B 825 70.13 9.00 -55.40
N LEU B 826 70.73 9.17 -54.22
CA LEU B 826 72.15 9.51 -54.17
C LEU B 826 73.03 8.33 -54.58
N PHE B 827 72.56 7.11 -54.37
CA PHE B 827 73.34 5.92 -54.68
C PHE B 827 72.78 5.11 -55.84
N ALA B 828 71.71 5.58 -56.49
CA ALA B 828 71.11 4.79 -57.57
C ALA B 828 71.98 4.75 -58.83
N PRO B 829 72.54 5.85 -59.36
CA PRO B 829 73.52 5.67 -60.44
C PRO B 829 74.95 5.49 -59.96
N LYS B 830 75.17 5.46 -58.64
CA LYS B 830 76.52 5.31 -58.11
C LYS B 830 77.05 3.90 -58.37
N VAL B 831 76.21 2.89 -58.17
CA VAL B 831 76.41 1.45 -58.42
C VAL B 831 77.78 0.89 -58.04
C1 NAG C . -12.15 25.55 17.24
C2 NAG C . -13.01 26.15 16.09
C3 NAG C . -13.56 27.53 16.47
C4 NAG C . -14.22 27.51 17.84
C5 NAG C . -13.22 26.99 18.86
C6 NAG C . -13.77 26.96 20.26
C7 NAG C . -12.30 25.33 13.89
C8 NAG C . -11.42 25.60 12.70
N2 NAG C . -12.23 26.24 14.87
O3 NAG C . -14.52 27.92 15.49
O4 NAG C . -14.63 28.81 18.22
O5 NAG C . -12.87 25.64 18.50
O6 NAG C . -14.26 28.24 20.62
O7 NAG C . -13.00 24.34 13.97
NAA Z99 D . -32.66 1.59 31.55
OAB Z99 D . -33.61 2.47 36.34
OAC Z99 D . -31.56 -0.43 34.21
OAD Z99 D . -35.53 1.77 35.60
OAE Z99 D . -31.82 -0.97 32.14
CAF Z99 D . -26.55 4.46 34.39
CAG Z99 D . -26.97 -1.35 30.26
CAH Z99 D . -27.90 4.70 34.24
CAI Z99 D . -28.33 -1.13 30.08
CAJ Z99 D . -26.03 3.22 34.08
CAK Z99 D . -26.33 -0.71 31.30
CAL Z99 D . -28.75 3.69 33.77
CAM Z99 D . -29.03 -0.28 30.93
CAN Z99 D . -30.36 1.93 32.19
CAO Z99 D . -33.12 3.34 33.52
OAP Z99 D . -26.37 0.85 33.27
CAQ Z99 D . -34.34 2.10 35.39
CAR Z99 D . -31.69 -0.08 33.02
CAS Z99 D . -26.87 2.20 33.61
CAT Z99 D . -27.04 0.14 32.15
CAU Z99 D . -28.22 2.43 33.45
CAV Z99 D . -28.38 0.35 31.97
CAW Z99 D . -29.08 1.30 32.93
CAX Z99 D . -33.78 2.05 33.96
CAY Z99 D . -31.73 1.38 32.65
CAZ Z99 D . -32.26 2.13 33.85
C1 NAG E . 0.02 -31.62 -9.89
C2 NAG E . 1.05 -32.12 -8.85
C3 NAG E . 1.48 -33.57 -9.16
C4 NAG E . 0.28 -34.47 -9.40
C5 NAG E . -0.56 -33.87 -10.51
C6 NAG E . -1.75 -34.72 -10.87
C7 NAG E . 2.37 -30.30 -7.87
C8 NAG E . 3.63 -29.49 -7.97
N2 NAG E . 2.21 -31.25 -8.79
O3 NAG E . 2.24 -34.05 -8.05
O4 NAG E . 0.71 -35.77 -9.79
O5 NAG E . -1.04 -32.60 -10.06
O6 NAG E . -1.35 -36.06 -11.16
O7 NAG E . 1.52 -30.08 -7.01
NAA Z99 F . -30.36 -33.10 6.67
OAB Z99 F . -33.55 -36.17 4.40
OAC Z99 F . -33.35 -32.07 5.12
OAD Z99 F . -33.96 -36.52 6.50
OAE Z99 F . -32.20 -31.06 6.66
CAF Z99 F . -29.25 -32.38 -0.54
CAG Z99 F . -29.89 -27.08 4.21
CAH Z99 F . -29.31 -33.32 0.47
CAI Z99 F . -29.94 -28.01 5.25
CAJ Z99 F . -29.68 -31.08 -0.30
CAK Z99 F . -30.12 -27.52 2.91
CAL Z99 F . -29.78 -32.97 1.74
CAM Z99 F . -30.20 -29.35 4.99
CAN Z99 F . -30.07 -32.17 4.46
CAO Z99 F . -30.81 -35.34 5.27
OAP Z99 F . -30.61 -29.36 1.29
CAQ Z99 F . -33.28 -35.96 5.62
CAR Z99 F . -32.27 -31.92 5.74
CAS Z99 F . -30.15 -30.74 0.98
CAT Z99 F . -30.39 -28.87 2.66
CAU Z99 F . -30.20 -31.66 1.97
CAV Z99 F . -30.43 -29.78 3.69
CAW Z99 F . -30.72 -31.22 3.33
CAX Z99 F . -32.13 -35.04 6.00
CAY Z99 F . -31.08 -32.81 5.44
CAZ Z99 F . -31.63 -34.11 4.89
#